data_1GTD
# 
_entry.id   1GTD 
# 
_audit_conform.dict_name       mmcif_pdbx.dic 
_audit_conform.dict_version    5.398 
_audit_conform.dict_location   http://mmcif.pdb.org/dictionaries/ascii/mmcif_pdbx.dic 
# 
loop_
_database_2.database_id 
_database_2.database_code 
_database_2.pdbx_database_accession 
_database_2.pdbx_DOI 
PDB   1GTD         pdb_00001gtd 10.2210/pdb1gtd/pdb 
PDBE  EBI-9222     ?            ?                   
WWPDB D_1290009222 ?            ?                   
# 
loop_
_pdbx_audit_revision_history.ordinal 
_pdbx_audit_revision_history.data_content_type 
_pdbx_audit_revision_history.major_revision 
_pdbx_audit_revision_history.minor_revision 
_pdbx_audit_revision_history.revision_date 
1 'Structure model' 1 0 2002-12-12 
2 'Structure model' 1 1 2014-02-05 
3 'Structure model' 1 2 2019-08-21 
4 'Structure model' 1 3 2024-11-13 
# 
_pdbx_audit_revision_details.ordinal             1 
_pdbx_audit_revision_details.revision_ordinal    1 
_pdbx_audit_revision_details.data_content_type   'Structure model' 
_pdbx_audit_revision_details.provider            repository 
_pdbx_audit_revision_details.type                'Initial release' 
_pdbx_audit_revision_details.description         ? 
_pdbx_audit_revision_details.details             ? 
# 
loop_
_pdbx_audit_revision_group.ordinal 
_pdbx_audit_revision_group.revision_ordinal 
_pdbx_audit_revision_group.data_content_type 
_pdbx_audit_revision_group.group 
1  2 'Structure model' 'Database references'       
2  2 'Structure model' 'Derived calculations'      
3  2 'Structure model' 'Non-polymer description'   
4  2 'Structure model' Other                       
5  2 'Structure model' 'Refinement description'    
6  2 'Structure model' 'Source and taxonomy'       
7  2 'Structure model' 'Structure summary'         
8  2 'Structure model' 'Version format compliance' 
9  3 'Structure model' Advisory                    
10 3 'Structure model' 'Data collection'           
11 3 'Structure model' 'Database references'       
12 3 'Structure model' 'Derived calculations'      
13 4 'Structure model' Advisory                    
14 4 'Structure model' 'Data collection'           
15 4 'Structure model' 'Database references'       
16 4 'Structure model' 'Structure summary'         
# 
loop_
_pdbx_audit_revision_category.ordinal 
_pdbx_audit_revision_category.revision_ordinal 
_pdbx_audit_revision_category.data_content_type 
_pdbx_audit_revision_category.category 
1  3 'Structure model' pdbx_database_related           
2  3 'Structure model' pdbx_unobs_or_zero_occ_atoms    
3  3 'Structure model' pdbx_unobs_or_zero_occ_residues 
4  3 'Structure model' struct_conn                     
5  4 'Structure model' chem_comp_atom                  
6  4 'Structure model' chem_comp_bond                  
7  4 'Structure model' database_2                      
8  4 'Structure model' pdbx_entry_details              
9  4 'Structure model' pdbx_modification_feature       
10 4 'Structure model' pdbx_unobs_or_zero_occ_residues 
# 
loop_
_pdbx_audit_revision_item.ordinal 
_pdbx_audit_revision_item.revision_ordinal 
_pdbx_audit_revision_item.data_content_type 
_pdbx_audit_revision_item.item 
1 3 'Structure model' '_pdbx_database_related.db_name'               
2 3 'Structure model' '_struct_conn.pdbx_leaving_atom_flag'          
3 4 'Structure model' '_database_2.pdbx_DOI'                         
4 4 'Structure model' '_database_2.pdbx_database_accession'          
5 4 'Structure model' '_pdbx_entry_details.has_protein_modification' 
# 
_pdbx_database_status.status_code                     REL 
_pdbx_database_status.entry_id                        1GTD 
_pdbx_database_status.deposit_site                    PDBE 
_pdbx_database_status.process_site                    PDBE 
_pdbx_database_status.SG_entry                        . 
_pdbx_database_status.recvd_initial_deposition_date   2002-01-14 
_pdbx_database_status.pdb_format_compatible           Y 
_pdbx_database_status.status_code_sf                  ? 
_pdbx_database_status.status_code_mr                  ? 
_pdbx_database_status.status_code_cs                  ? 
_pdbx_database_status.methods_development_category    ? 
_pdbx_database_status.status_code_nmr_data            ? 
# 
_pdbx_database_related.db_name        TargetDB 
_pdbx_database_related.db_id          TT50 
_pdbx_database_related.content_type   unspecified 
_pdbx_database_related.details        . 
# 
loop_
_audit_author.name 
_audit_author.pdbx_ordinal 
'Batra, R.'       1 
'Christendat, D.' 2 
'Saxild, H.H.'    3 
'Arrowsmith, C.'  4 
'Tong, L.'        5 
# 
loop_
_citation.id 
_citation.title 
_citation.journal_abbrev 
_citation.journal_volume 
_citation.page_first 
_citation.page_last 
_citation.year 
_citation.journal_id_ASTM 
_citation.country 
_citation.journal_id_ISSN 
_citation.journal_id_CSD 
_citation.book_publisher 
_citation.pdbx_database_id_PubMed 
_citation.pdbx_database_id_DOI 
primary 'Crystal Structure of Mth169, a Crucial Component of Phosphoribosylformylglycinamidine Synthetase'                  
'Proteins: Struct.,Funct., Genet.' 49  285 ? 2002 PSFGEY US 0887-3585 0867 ? 12211007 10.1002/PROT.10209 
1       'The Yexa Gene Product is Required for Phosphoribosylformylglycinamidine Synthetase Activity in Bacillus Subtilis.' 
'Microbiology (Reading, Engl.'     146 807 ? 2000 MROBEO UK 1350-0872 2076 ? 10784038 ?                  
# 
loop_
_citation_author.citation_id 
_citation_author.name 
_citation_author.ordinal 
_citation_author.identifier_ORCID 
primary 'Batra, R.'       1 ? 
primary 'Christendat, D.' 2 ? 
primary 'Edwards, A.'     3 ? 
primary 'Arrowsmith, C.'  4 ? 
primary 'Tong, L.'        5 ? 
1       'Saxild, H.H.'    6 ? 
1       'Nygaard, P.'     7 ? 
# 
loop_
_entity.id 
_entity.type 
_entity.src_method 
_entity.pdbx_description 
_entity.formula_weight 
_entity.pdbx_number_of_molecules 
_entity.pdbx_ec 
_entity.pdbx_mutation 
_entity.pdbx_fragment 
_entity.details 
1 polymer man MTH169 10057.487 2  ? ? ? ? 
2 water   nat water  18.015    83 ? ? ? ? 
# 
_entity_poly.entity_id                      1 
_entity_poly.type                           'polypeptide(L)' 
_entity_poly.nstd_linkage                   no 
_entity_poly.nstd_monomer                   yes 
_entity_poly.pdbx_seq_one_letter_code       
;(MSE)KF(MSE)VEVRIRLKKG(MSE)LNPEAATIERALALLGYEVEDTDTTDVITFT(MSE)DEDSLEAVEREVED
(MSE)CQRLLCNPVIHDYDVSINE(MSE)SSH
;
_entity_poly.pdbx_seq_one_letter_code_can   
;MKFMVEVRIRLKKGMLNPEAATIERALALLGYEVEDTDTTDVITFTMDEDSLEAVEREVEDMCQRLLCNPVIHDYDVSIN
EMSSH
;
_entity_poly.pdbx_strand_id                 A,B 
_entity_poly.pdbx_target_identifier         ? 
# 
_pdbx_entity_nonpoly.entity_id   2 
_pdbx_entity_nonpoly.name        water 
_pdbx_entity_nonpoly.comp_id     HOH 
# 
loop_
_entity_poly_seq.entity_id 
_entity_poly_seq.num 
_entity_poly_seq.mon_id 
_entity_poly_seq.hetero 
1 1  MSE n 
1 2  LYS n 
1 3  PHE n 
1 4  MSE n 
1 5  VAL n 
1 6  GLU n 
1 7  VAL n 
1 8  ARG n 
1 9  ILE n 
1 10 ARG n 
1 11 LEU n 
1 12 LYS n 
1 13 LYS n 
1 14 GLY n 
1 15 MSE n 
1 16 LEU n 
1 17 ASN n 
1 18 PRO n 
1 19 GLU n 
1 20 ALA n 
1 21 ALA n 
1 22 THR n 
1 23 ILE n 
1 24 GLU n 
1 25 ARG n 
1 26 ALA n 
1 27 LEU n 
1 28 ALA n 
1 29 LEU n 
1 30 LEU n 
1 31 GLY n 
1 32 TYR n 
1 33 GLU n 
1 34 VAL n 
1 35 GLU n 
1 36 ASP n 
1 37 THR n 
1 38 ASP n 
1 39 THR n 
1 40 THR n 
1 41 ASP n 
1 42 VAL n 
1 43 ILE n 
1 44 THR n 
1 45 PHE n 
1 46 THR n 
1 47 MSE n 
1 48 ASP n 
1 49 GLU n 
1 50 ASP n 
1 51 SER n 
1 52 LEU n 
1 53 GLU n 
1 54 ALA n 
1 55 VAL n 
1 56 GLU n 
1 57 ARG n 
1 58 GLU n 
1 59 VAL n 
1 60 GLU n 
1 61 ASP n 
1 62 MSE n 
1 63 CYS n 
1 64 GLN n 
1 65 ARG n 
1 66 LEU n 
1 67 LEU n 
1 68 CYS n 
1 69 ASN n 
1 70 PRO n 
1 71 VAL n 
1 72 ILE n 
1 73 HIS n 
1 74 ASP n 
1 75 TYR n 
1 76 ASP n 
1 77 VAL n 
1 78 SER n 
1 79 ILE n 
1 80 ASN n 
1 81 GLU n 
1 82 MSE n 
1 83 SER n 
1 84 SER n 
1 85 HIS n 
# 
_entity_src_gen.entity_id                          1 
_entity_src_gen.pdbx_src_id                        1 
_entity_src_gen.pdbx_alt_source_flag               sample 
_entity_src_gen.pdbx_seq_type                      ? 
_entity_src_gen.pdbx_beg_seq_num                   ? 
_entity_src_gen.pdbx_end_seq_num                   ? 
_entity_src_gen.gene_src_common_name               ? 
_entity_src_gen.gene_src_genus                     ? 
_entity_src_gen.pdbx_gene_src_gene                 ? 
_entity_src_gen.gene_src_species                   ? 
_entity_src_gen.gene_src_strain                    ? 
_entity_src_gen.gene_src_tissue                    ? 
_entity_src_gen.gene_src_tissue_fraction           ? 
_entity_src_gen.gene_src_details                   ? 
_entity_src_gen.pdbx_gene_src_fragment             ? 
_entity_src_gen.pdbx_gene_src_scientific_name      'METHANOBACTERIUM THERMOAUTOTROPHICUM' 
_entity_src_gen.pdbx_gene_src_ncbi_taxonomy_id     145262 
_entity_src_gen.pdbx_gene_src_variant              ? 
_entity_src_gen.pdbx_gene_src_cell_line            ? 
_entity_src_gen.pdbx_gene_src_atcc                 ? 
_entity_src_gen.pdbx_gene_src_organ                ? 
_entity_src_gen.pdbx_gene_src_organelle            ? 
_entity_src_gen.pdbx_gene_src_cell                 ? 
_entity_src_gen.pdbx_gene_src_cellular_location    ? 
_entity_src_gen.host_org_common_name               ? 
_entity_src_gen.pdbx_host_org_scientific_name      'ESCHERICHIA COLI' 
_entity_src_gen.pdbx_host_org_ncbi_taxonomy_id     469008 
_entity_src_gen.host_org_genus                     ? 
_entity_src_gen.pdbx_host_org_gene                 ? 
_entity_src_gen.pdbx_host_org_organ                ? 
_entity_src_gen.host_org_species                   ? 
_entity_src_gen.pdbx_host_org_tissue               ? 
_entity_src_gen.pdbx_host_org_tissue_fraction      ? 
_entity_src_gen.pdbx_host_org_strain               'BL21(DE3)' 
_entity_src_gen.pdbx_host_org_variant              ? 
_entity_src_gen.pdbx_host_org_cell_line            ? 
_entity_src_gen.pdbx_host_org_atcc                 ? 
_entity_src_gen.pdbx_host_org_culture_collection   ? 
_entity_src_gen.pdbx_host_org_cell                 ? 
_entity_src_gen.pdbx_host_org_organelle            ? 
_entity_src_gen.pdbx_host_org_cellular_location    ? 
_entity_src_gen.pdbx_host_org_vector_type          ? 
_entity_src_gen.pdbx_host_org_vector               ? 
_entity_src_gen.host_org_details                   ? 
_entity_src_gen.expression_system_id               ? 
_entity_src_gen.plasmid_name                       PET15B 
_entity_src_gen.plasmid_details                    ? 
_entity_src_gen.pdbx_description                   ? 
# 
loop_
_chem_comp.id 
_chem_comp.type 
_chem_comp.mon_nstd_flag 
_chem_comp.name 
_chem_comp.pdbx_synonyms 
_chem_comp.formula 
_chem_comp.formula_weight 
ALA 'L-peptide linking' y ALANINE          ? 'C3 H7 N O2'     89.093  
ARG 'L-peptide linking' y ARGININE         ? 'C6 H15 N4 O2 1' 175.209 
ASN 'L-peptide linking' y ASPARAGINE       ? 'C4 H8 N2 O3'    132.118 
ASP 'L-peptide linking' y 'ASPARTIC ACID'  ? 'C4 H7 N O4'     133.103 
CYS 'L-peptide linking' y CYSTEINE         ? 'C3 H7 N O2 S'   121.158 
GLN 'L-peptide linking' y GLUTAMINE        ? 'C5 H10 N2 O3'   146.144 
GLU 'L-peptide linking' y 'GLUTAMIC ACID'  ? 'C5 H9 N O4'     147.129 
GLY 'peptide linking'   y GLYCINE          ? 'C2 H5 N O2'     75.067  
HIS 'L-peptide linking' y HISTIDINE        ? 'C6 H10 N3 O2 1' 156.162 
HOH non-polymer         . WATER            ? 'H2 O'           18.015  
ILE 'L-peptide linking' y ISOLEUCINE       ? 'C6 H13 N O2'    131.173 
LEU 'L-peptide linking' y LEUCINE          ? 'C6 H13 N O2'    131.173 
LYS 'L-peptide linking' y LYSINE           ? 'C6 H15 N2 O2 1' 147.195 
MSE 'L-peptide linking' n SELENOMETHIONINE ? 'C5 H11 N O2 Se' 196.106 
PHE 'L-peptide linking' y PHENYLALANINE    ? 'C9 H11 N O2'    165.189 
PRO 'L-peptide linking' y PROLINE          ? 'C5 H9 N O2'     115.130 
SER 'L-peptide linking' y SERINE           ? 'C3 H7 N O3'     105.093 
THR 'L-peptide linking' y THREONINE        ? 'C4 H9 N O3'     119.119 
TYR 'L-peptide linking' y TYROSINE         ? 'C9 H11 N O3'    181.189 
VAL 'L-peptide linking' y VALINE           ? 'C5 H11 N O2'    117.146 
# 
loop_
_pdbx_poly_seq_scheme.asym_id 
_pdbx_poly_seq_scheme.entity_id 
_pdbx_poly_seq_scheme.seq_id 
_pdbx_poly_seq_scheme.mon_id 
_pdbx_poly_seq_scheme.ndb_seq_num 
_pdbx_poly_seq_scheme.pdb_seq_num 
_pdbx_poly_seq_scheme.auth_seq_num 
_pdbx_poly_seq_scheme.pdb_mon_id 
_pdbx_poly_seq_scheme.auth_mon_id 
_pdbx_poly_seq_scheme.pdb_strand_id 
_pdbx_poly_seq_scheme.pdb_ins_code 
_pdbx_poly_seq_scheme.hetero 
A 1 1  MSE 1  1  ?  ?   ?   A . n 
A 1 2  LYS 2  2  2  LYS LYS A . n 
A 1 3  PHE 3  3  3  PHE PHE A . n 
A 1 4  MSE 4  4  4  MSE MSE A . n 
A 1 5  VAL 5  5  5  VAL VAL A . n 
A 1 6  GLU 6  6  6  GLU GLU A . n 
A 1 7  VAL 7  7  7  VAL VAL A . n 
A 1 8  ARG 8  8  8  ARG ARG A . n 
A 1 9  ILE 9  9  9  ILE ILE A . n 
A 1 10 ARG 10 10 10 ARG ARG A . n 
A 1 11 LEU 11 11 11 LEU LEU A . n 
A 1 12 LYS 12 12 12 LYS LYS A . n 
A 1 13 LYS 13 13 13 LYS LYS A . n 
A 1 14 GLY 14 14 14 GLY GLY A . n 
A 1 15 MSE 15 15 15 MSE MSE A . n 
A 1 16 LEU 16 16 16 LEU LEU A . n 
A 1 17 ASN 17 17 17 ASN ASN A . n 
A 1 18 PRO 18 18 18 PRO PRO A . n 
A 1 19 GLU 19 19 19 GLU GLU A . n 
A 1 20 ALA 20 20 20 ALA ALA A . n 
A 1 21 ALA 21 21 21 ALA ALA A . n 
A 1 22 THR 22 22 22 THR THR A . n 
A 1 23 ILE 23 23 23 ILE ILE A . n 
A 1 24 GLU 24 24 24 GLU GLU A . n 
A 1 25 ARG 25 25 25 ARG ARG A . n 
A 1 26 ALA 26 26 26 ALA ALA A . n 
A 1 27 LEU 27 27 27 LEU LEU A . n 
A 1 28 ALA 28 28 28 ALA ALA A . n 
A 1 29 LEU 29 29 29 LEU LEU A . n 
A 1 30 LEU 30 30 30 LEU LEU A . n 
A 1 31 GLY 31 31 31 GLY GLY A . n 
A 1 32 TYR 32 32 32 TYR TYR A . n 
A 1 33 GLU 33 33 33 GLU GLU A . n 
A 1 34 VAL 34 34 34 VAL VAL A . n 
A 1 35 GLU 35 35 35 GLU GLU A . n 
A 1 36 ASP 36 36 36 ASP ASP A . n 
A 1 37 THR 37 37 37 THR THR A . n 
A 1 38 ASP 38 38 38 ASP ASP A . n 
A 1 39 THR 39 39 39 THR THR A . n 
A 1 40 THR 40 40 40 THR THR A . n 
A 1 41 ASP 41 41 41 ASP ASP A . n 
A 1 42 VAL 42 42 42 VAL VAL A . n 
A 1 43 ILE 43 43 43 ILE ILE A . n 
A 1 44 THR 44 44 44 THR THR A . n 
A 1 45 PHE 45 45 45 PHE PHE A . n 
A 1 46 THR 46 46 46 THR THR A . n 
A 1 47 MSE 47 47 47 MSE MSE A . n 
A 1 48 ASP 48 48 48 ASP ASP A . n 
A 1 49 GLU 49 49 49 GLU GLU A . n 
A 1 50 ASP 50 50 50 ASP ASP A . n 
A 1 51 SER 51 51 51 SER SER A . n 
A 1 52 LEU 52 52 52 LEU LEU A . n 
A 1 53 GLU 53 53 53 GLU GLU A . n 
A 1 54 ALA 54 54 54 ALA ALA A . n 
A 1 55 VAL 55 55 55 VAL VAL A . n 
A 1 56 GLU 56 56 56 GLU GLU A . n 
A 1 57 ARG 57 57 57 ARG ARG A . n 
A 1 58 GLU 58 58 58 GLU GLU A . n 
A 1 59 VAL 59 59 59 VAL VAL A . n 
A 1 60 GLU 60 60 60 GLU GLU A . n 
A 1 61 ASP 61 61 61 ASP ASP A . n 
A 1 62 MSE 62 62 62 MSE MSE A . n 
A 1 63 CYS 63 63 63 CYS CYS A . n 
A 1 64 GLN 64 64 64 GLN GLN A . n 
A 1 65 ARG 65 65 65 ARG ARG A . n 
A 1 66 LEU 66 66 66 LEU LEU A . n 
A 1 67 LEU 67 67 67 LEU LEU A . n 
A 1 68 CYS 68 68 68 CYS CYS A . n 
A 1 69 ASN 69 69 69 ASN ASN A . n 
A 1 70 PRO 70 70 70 PRO PRO A . n 
A 1 71 VAL 71 71 71 VAL VAL A . n 
A 1 72 ILE 72 72 72 ILE ILE A . n 
A 1 73 HIS 73 73 73 HIS HIS A . n 
A 1 74 ASP 74 74 74 ASP ASP A . n 
A 1 75 TYR 75 75 75 TYR TYR A . n 
A 1 76 ASP 76 76 76 ASP ASP A . n 
A 1 77 VAL 77 77 77 VAL VAL A . n 
A 1 78 SER 78 78 78 SER SER A . n 
A 1 79 ILE 79 79 79 ILE ILE A . n 
A 1 80 ASN 80 80 80 ASN ASN A . n 
A 1 81 GLU 81 81 81 GLU GLU A . n 
A 1 82 MSE 82 82 82 MSE MSE A . n 
A 1 83 SER 83 83 83 SER SER A . n 
A 1 84 SER 84 84 ?  ?   ?   A . n 
A 1 85 HIS 85 85 ?  ?   ?   A . n 
B 1 1  MSE 1  1  ?  ?   ?   B . n 
B 1 2  LYS 2  2  2  LYS LYS B . n 
B 1 3  PHE 3  3  3  PHE PHE B . n 
B 1 4  MSE 4  4  4  MSE MSE B . n 
B 1 5  VAL 5  5  5  VAL VAL B . n 
B 1 6  GLU 6  6  6  GLU GLU B . n 
B 1 7  VAL 7  7  7  VAL VAL B . n 
B 1 8  ARG 8  8  8  ARG ARG B . n 
B 1 9  ILE 9  9  9  ILE ILE B . n 
B 1 10 ARG 10 10 10 ARG ARG B . n 
B 1 11 LEU 11 11 11 LEU LEU B . n 
B 1 12 LYS 12 12 12 LYS LYS B . n 
B 1 13 LYS 13 13 13 LYS LYS B . n 
B 1 14 GLY 14 14 14 GLY GLY B . n 
B 1 15 MSE 15 15 15 MSE MSE B . n 
B 1 16 LEU 16 16 16 LEU LEU B . n 
B 1 17 ASN 17 17 17 ASN ASN B . n 
B 1 18 PRO 18 18 18 PRO PRO B . n 
B 1 19 GLU 19 19 19 GLU GLU B . n 
B 1 20 ALA 20 20 20 ALA ALA B . n 
B 1 21 ALA 21 21 21 ALA ALA B . n 
B 1 22 THR 22 22 22 THR THR B . n 
B 1 23 ILE 23 23 23 ILE ILE B . n 
B 1 24 GLU 24 24 24 GLU GLU B . n 
B 1 25 ARG 25 25 25 ARG ARG B . n 
B 1 26 ALA 26 26 26 ALA ALA B . n 
B 1 27 LEU 27 27 27 LEU LEU B . n 
B 1 28 ALA 28 28 28 ALA ALA B . n 
B 1 29 LEU 29 29 29 LEU LEU B . n 
B 1 30 LEU 30 30 30 LEU LEU B . n 
B 1 31 GLY 31 31 31 GLY GLY B . n 
B 1 32 TYR 32 32 32 TYR TYR B . n 
B 1 33 GLU 33 33 33 GLU GLU B . n 
B 1 34 VAL 34 34 34 VAL VAL B . n 
B 1 35 GLU 35 35 35 GLU GLU B . n 
B 1 36 ASP 36 36 36 ASP ASP B . n 
B 1 37 THR 37 37 37 THR THR B . n 
B 1 38 ASP 38 38 38 ASP ASP B . n 
B 1 39 THR 39 39 39 THR THR B . n 
B 1 40 THR 40 40 40 THR THR B . n 
B 1 41 ASP 41 41 41 ASP ASP B . n 
B 1 42 VAL 42 42 42 VAL VAL B . n 
B 1 43 ILE 43 43 43 ILE ILE B . n 
B 1 44 THR 44 44 44 THR THR B . n 
B 1 45 PHE 45 45 45 PHE PHE B . n 
B 1 46 THR 46 46 46 THR THR B . n 
B 1 47 MSE 47 47 47 MSE MSE B . n 
B 1 48 ASP 48 48 48 ASP ASP B . n 
B 1 49 GLU 49 49 49 GLU GLU B . n 
B 1 50 ASP 50 50 50 ASP ASP B . n 
B 1 51 SER 51 51 51 SER SER B . n 
B 1 52 LEU 52 52 52 LEU LEU B . n 
B 1 53 GLU 53 53 53 GLU GLU B . n 
B 1 54 ALA 54 54 54 ALA ALA B . n 
B 1 55 VAL 55 55 55 VAL VAL B . n 
B 1 56 GLU 56 56 56 GLU GLU B . n 
B 1 57 ARG 57 57 57 ARG ARG B . n 
B 1 58 GLU 58 58 58 GLU GLU B . n 
B 1 59 VAL 59 59 59 VAL VAL B . n 
B 1 60 GLU 60 60 60 GLU GLU B . n 
B 1 61 ASP 61 61 61 ASP ASP B . n 
B 1 62 MSE 62 62 62 MSE MSE B . n 
B 1 63 CYS 63 63 63 CYS CYS B . n 
B 1 64 GLN 64 64 64 GLN GLN B . n 
B 1 65 ARG 65 65 65 ARG ARG B . n 
B 1 66 LEU 66 66 66 LEU LEU B . n 
B 1 67 LEU 67 67 67 LEU LEU B . n 
B 1 68 CYS 68 68 68 CYS CYS B . n 
B 1 69 ASN 69 69 69 ASN ASN B . n 
B 1 70 PRO 70 70 70 PRO PRO B . n 
B 1 71 VAL 71 71 71 VAL VAL B . n 
B 1 72 ILE 72 72 72 ILE ILE B . n 
B 1 73 HIS 73 73 73 HIS HIS B . n 
B 1 74 ASP 74 74 74 ASP ASP B . n 
B 1 75 TYR 75 75 75 TYR TYR B . n 
B 1 76 ASP 76 76 76 ASP ASP B . n 
B 1 77 VAL 77 77 77 VAL VAL B . n 
B 1 78 SER 78 78 78 SER SER B . n 
B 1 79 ILE 79 79 79 ILE ILE B . n 
B 1 80 ASN 80 80 80 ASN ASN B . n 
B 1 81 GLU 81 81 81 GLU GLU B . n 
B 1 82 MSE 82 82 82 MSE MSE B . n 
B 1 83 SER 83 83 83 SER SER B . n 
B 1 84 SER 84 84 84 SER SER B . n 
B 1 85 HIS 85 85 85 HIS HIS B . n 
# 
loop_
_pdbx_nonpoly_scheme.asym_id 
_pdbx_nonpoly_scheme.entity_id 
_pdbx_nonpoly_scheme.mon_id 
_pdbx_nonpoly_scheme.ndb_seq_num 
_pdbx_nonpoly_scheme.pdb_seq_num 
_pdbx_nonpoly_scheme.auth_seq_num 
_pdbx_nonpoly_scheme.pdb_mon_id 
_pdbx_nonpoly_scheme.auth_mon_id 
_pdbx_nonpoly_scheme.pdb_strand_id 
_pdbx_nonpoly_scheme.pdb_ins_code 
C 2 HOH 1  2001 2001 HOH HOH A . 
C 2 HOH 2  2002 2002 HOH HOH A . 
C 2 HOH 3  2003 2003 HOH HOH A . 
C 2 HOH 4  2004 2004 HOH HOH A . 
C 2 HOH 5  2005 2005 HOH HOH A . 
C 2 HOH 6  2006 2006 HOH HOH A . 
C 2 HOH 7  2007 2007 HOH HOH A . 
C 2 HOH 8  2008 2008 HOH HOH A . 
C 2 HOH 9  2009 2009 HOH HOH A . 
C 2 HOH 10 2010 2010 HOH HOH A . 
C 2 HOH 11 2011 2011 HOH HOH A . 
C 2 HOH 12 2012 2012 HOH HOH A . 
C 2 HOH 13 2013 2013 HOH HOH A . 
C 2 HOH 14 2014 2014 HOH HOH A . 
C 2 HOH 15 2015 2015 HOH HOH A . 
C 2 HOH 16 2016 2016 HOH HOH A . 
C 2 HOH 17 2017 2017 HOH HOH A . 
C 2 HOH 18 2018 2018 HOH HOH A . 
C 2 HOH 19 2019 2019 HOH HOH A . 
C 2 HOH 20 2020 2020 HOH HOH A . 
C 2 HOH 21 2021 2021 HOH HOH A . 
C 2 HOH 22 2022 2022 HOH HOH A . 
C 2 HOH 23 2023 2023 HOH HOH A . 
C 2 HOH 24 2024 2024 HOH HOH A . 
C 2 HOH 25 2025 2025 HOH HOH A . 
C 2 HOH 26 2026 2026 HOH HOH A . 
C 2 HOH 27 2027 2027 HOH HOH A . 
C 2 HOH 28 2028 2028 HOH HOH A . 
C 2 HOH 29 2029 2029 HOH HOH A . 
C 2 HOH 30 2030 2030 HOH HOH A . 
C 2 HOH 31 2031 2031 HOH HOH A . 
C 2 HOH 32 2032 2032 HOH HOH A . 
C 2 HOH 33 2033 2033 HOH HOH A . 
C 2 HOH 34 2034 2034 HOH HOH A . 
C 2 HOH 35 2035 2035 HOH HOH A . 
C 2 HOH 36 2036 2036 HOH HOH A . 
C 2 HOH 37 2037 2037 HOH HOH A . 
C 2 HOH 38 2038 2038 HOH HOH A . 
C 2 HOH 39 2039 2039 HOH HOH A . 
C 2 HOH 40 2040 2040 HOH HOH A . 
C 2 HOH 41 2041 2041 HOH HOH A . 
C 2 HOH 42 2042 2042 HOH HOH A . 
C 2 HOH 43 2043 2043 HOH HOH A . 
C 2 HOH 44 2044 2044 HOH HOH A . 
C 2 HOH 45 2045 2045 HOH HOH A . 
C 2 HOH 46 2046 2046 HOH HOH A . 
C 2 HOH 47 2047 2047 HOH HOH A . 
C 2 HOH 48 2048 2048 HOH HOH A . 
C 2 HOH 49 2049 2049 HOH HOH A . 
D 2 HOH 1  2001 2001 HOH HOH B . 
D 2 HOH 2  2002 2002 HOH HOH B . 
D 2 HOH 3  2003 2003 HOH HOH B . 
D 2 HOH 4  2004 2004 HOH HOH B . 
D 2 HOH 5  2005 2005 HOH HOH B . 
D 2 HOH 6  2006 2006 HOH HOH B . 
D 2 HOH 7  2007 2007 HOH HOH B . 
D 2 HOH 8  2008 2008 HOH HOH B . 
D 2 HOH 9  2009 2009 HOH HOH B . 
D 2 HOH 10 2010 2010 HOH HOH B . 
D 2 HOH 11 2011 2011 HOH HOH B . 
D 2 HOH 12 2012 2012 HOH HOH B . 
D 2 HOH 13 2013 2013 HOH HOH B . 
D 2 HOH 14 2014 2014 HOH HOH B . 
D 2 HOH 15 2015 2015 HOH HOH B . 
D 2 HOH 16 2016 2016 HOH HOH B . 
D 2 HOH 17 2017 2017 HOH HOH B . 
D 2 HOH 18 2018 2018 HOH HOH B . 
D 2 HOH 19 2019 2019 HOH HOH B . 
D 2 HOH 20 2020 2020 HOH HOH B . 
D 2 HOH 21 2021 2021 HOH HOH B . 
D 2 HOH 22 2022 2022 HOH HOH B . 
D 2 HOH 23 2023 2023 HOH HOH B . 
D 2 HOH 24 2024 2024 HOH HOH B . 
D 2 HOH 25 2025 2025 HOH HOH B . 
D 2 HOH 26 2026 2026 HOH HOH B . 
D 2 HOH 27 2027 2027 HOH HOH B . 
D 2 HOH 28 2028 2028 HOH HOH B . 
D 2 HOH 29 2029 2029 HOH HOH B . 
D 2 HOH 30 2030 2030 HOH HOH B . 
D 2 HOH 31 2031 2031 HOH HOH B . 
D 2 HOH 32 2032 2032 HOH HOH B . 
D 2 HOH 33 2033 2033 HOH HOH B . 
D 2 HOH 34 2034 2034 HOH HOH B . 
# 
loop_
_software.name 
_software.classification 
_software.version 
_software.citation_id 
_software.pdbx_ordinal 
CNS       refinement       1.0 ? 1 
HKL-2000  'data reduction' .   ? 2 
SCALEPACK 'data scaling'   .   ? 3 
# 
_cell.entry_id           1GTD 
_cell.length_a           53.800 
_cell.length_b           53.800 
_cell.length_c           142.700 
_cell.angle_alpha        90.00 
_cell.angle_beta         90.00 
_cell.angle_gamma        90.00 
_cell.Z_PDB              16 
_cell.pdbx_unique_axis   ? 
# 
_symmetry.entry_id                         1GTD 
_symmetry.space_group_name_H-M             'P 43 2 2' 
_symmetry.pdbx_full_space_group_name_H-M   ? 
_symmetry.cell_setting                     ? 
_symmetry.Int_Tables_number                95 
# 
_exptl.entry_id          1GTD 
_exptl.method            'X-RAY DIFFRACTION' 
_exptl.crystals_number   1 
# 
_exptl_crystal.id                    1 
_exptl_crystal.density_meas          ? 
_exptl_crystal.density_Matthews      2.7 
_exptl_crystal.density_percent_sol   53.8 
_exptl_crystal.description           ? 
# 
_exptl_crystal_grow.crystal_id      1 
_exptl_crystal_grow.method          ? 
_exptl_crystal_grow.temp            ? 
_exptl_crystal_grow.temp_details    ? 
_exptl_crystal_grow.pH              5.60 
_exptl_crystal_grow.pdbx_pH_range   ? 
_exptl_crystal_grow.pdbx_details    '32%(V/V) MPD, 0.1M SODIUM CITRATE (PH 5.6) AND 0.2M AMMONIUM ACETATE' 
# 
_diffrn.id                     1 
_diffrn.ambient_temp           100.0 
_diffrn.ambient_temp_details   ? 
_diffrn.crystal_id             1 
# 
_diffrn_detector.diffrn_id              1 
_diffrn_detector.detector               ? 
_diffrn_detector.type                   ? 
_diffrn_detector.pdbx_collection_date   2001-09-15 
_diffrn_detector.details                ? 
# 
_diffrn_radiation.diffrn_id                        1 
_diffrn_radiation.wavelength_id                    1 
_diffrn_radiation.pdbx_monochromatic_or_laue_m_l   M 
_diffrn_radiation.monochromator                    ? 
_diffrn_radiation.pdbx_diffrn_protocol             'SINGLE WAVELENGTH' 
_diffrn_radiation.pdbx_scattering_type             x-ray 
# 
_diffrn_radiation_wavelength.id           1 
_diffrn_radiation_wavelength.wavelength   0.9793 
_diffrn_radiation_wavelength.wt           1.0 
# 
_diffrn_source.diffrn_id                   1 
_diffrn_source.source                      SYNCHROTRON 
_diffrn_source.type                        'APS BEAMLINE 19-ID' 
_diffrn_source.pdbx_synchrotron_site       APS 
_diffrn_source.pdbx_synchrotron_beamline   19-ID 
_diffrn_source.pdbx_wavelength             0.9793 
_diffrn_source.pdbx_wavelength_list        ? 
# 
_reflns.pdbx_diffrn_id               1 
_reflns.pdbx_ordinal                 1 
_reflns.entry_id                     1GTD 
_reflns.observed_criterion_sigma_I   ? 
_reflns.observed_criterion_sigma_F   ? 
_reflns.d_resolution_low             30.000 
_reflns.d_resolution_high            2.500 
_reflns.number_obs                   7888 
_reflns.number_all                   ? 
_reflns.percent_possible_obs         94.0 
_reflns.pdbx_Rmerge_I_obs            0.07000 
_reflns.pdbx_Rsym_value              ? 
_reflns.pdbx_netI_over_sigmaI        14.9000 
_reflns.B_iso_Wilson_estimate        18.3 
_reflns.pdbx_redundancy              5.000 
# 
_reflns_shell.pdbx_diffrn_id         1 
_reflns_shell.pdbx_ordinal           1 
_reflns_shell.d_res_high             2.50 
_reflns_shell.d_res_low              2.59 
_reflns_shell.percent_possible_all   54.2 
_reflns_shell.Rmerge_I_obs           0.15700 
_reflns_shell.pdbx_Rsym_value        ? 
_reflns_shell.meanI_over_sigI_obs    3.200 
_reflns_shell.pdbx_redundancy        3.50 
# 
_refine.pdbx_refine_id                           'X-RAY DIFFRACTION' 
_refine.entry_id                                 1GTD 
_refine.pdbx_diffrn_id                           1 
_refine.pdbx_TLS_residual_ADP_flag               ? 
_refine.ls_number_reflns_obs                     11570 
_refine.ls_number_reflns_all                     ? 
_refine.pdbx_ls_sigma_I                          ? 
_refine.pdbx_ls_sigma_F                          2 
_refine.pdbx_data_cutoff_high_absF               625704 
_refine.pdbx_data_cutoff_low_absF                ? 
_refine.pdbx_data_cutoff_high_rms_absF           ? 
_refine.ls_d_res_low                             20 
_refine.ls_d_res_high                            2.56 
_refine.ls_percent_reflns_obs                    90 
_refine.ls_R_factor_obs                          0.235 
_refine.ls_R_factor_all                          ? 
_refine.ls_R_factor_R_work                       0.235 
_refine.ls_R_factor_R_free                       0.278 
_refine.ls_R_factor_R_free_error                 0.009 
_refine.ls_R_factor_R_free_error_details         ? 
_refine.ls_percent_reflns_R_free                 7.6 
_refine.ls_number_reflns_R_free                  882 
_refine.ls_number_parameters                     ? 
_refine.ls_number_restraints                     ? 
_refine.occupancy_min                            ? 
_refine.occupancy_max                            ? 
_refine.correlation_coeff_Fo_to_Fc               ? 
_refine.correlation_coeff_Fo_to_Fc_free          ? 
_refine.B_iso_mean                               31.1 
_refine.aniso_B[1][1]                            2.56 
_refine.aniso_B[2][2]                            2.56 
_refine.aniso_B[3][3]                            -5.11 
_refine.aniso_B[1][2]                            0.00 
_refine.aniso_B[1][3]                            0.00 
_refine.aniso_B[2][3]                            0.00 
_refine.solvent_model_details                    'FLAT MODEL' 
_refine.solvent_model_param_ksol                 0.342124 
_refine.solvent_model_param_bsol                 29.7459 
_refine.pdbx_solvent_vdw_probe_radii             ? 
_refine.pdbx_solvent_ion_probe_radii             ? 
_refine.pdbx_solvent_shrinkage_radii             ? 
_refine.pdbx_ls_cross_valid_method               THROUGHOUT 
_refine.details                                  ? 
_refine.pdbx_starting_model                      ? 
_refine.pdbx_method_to_determine_struct          OTHER 
_refine.pdbx_isotropic_thermal_model             RESTRAINED 
_refine.pdbx_stereochemistry_target_values       ? 
_refine.pdbx_stereochem_target_val_spec_case     ? 
_refine.pdbx_R_Free_selection_details            RANDOM 
_refine.pdbx_overall_ESU_R                       ? 
_refine.pdbx_overall_ESU_R_Free                  ? 
_refine.overall_SU_ML                            ? 
_refine.pdbx_overall_phase_error                 ? 
_refine.overall_SU_B                             ? 
_refine.overall_SU_R_Cruickshank_DPI             ? 
_refine.pdbx_overall_SU_R_free_Cruickshank_DPI   ? 
_refine.pdbx_overall_SU_R_Blow_DPI               ? 
_refine.pdbx_overall_SU_R_free_Blow_DPI          ? 
# 
_refine_analyze.pdbx_refine_id                  'X-RAY DIFFRACTION' 
_refine_analyze.entry_id                        1GTD 
_refine_analyze.Luzzati_coordinate_error_obs    0.33 
_refine_analyze.Luzzati_sigma_a_obs             0.37 
_refine_analyze.Luzzati_d_res_low_obs           5.00 
_refine_analyze.Luzzati_coordinate_error_free   0.42 
_refine_analyze.Luzzati_sigma_a_free            0.52 
_refine_analyze.Luzzati_d_res_low_free          ? 
_refine_analyze.number_disordered_residues      ? 
_refine_analyze.occupancy_sum_hydrogen          ? 
_refine_analyze.occupancy_sum_non_hydrogen      ? 
# 
_refine_hist.pdbx_refine_id                   'X-RAY DIFFRACTION' 
_refine_hist.cycle_id                         LAST 
_refine_hist.pdbx_number_atoms_protein        1318 
_refine_hist.pdbx_number_atoms_nucleic_acid   0 
_refine_hist.pdbx_number_atoms_ligand         0 
_refine_hist.number_atoms_solvent             83 
_refine_hist.number_atoms_total               1401 
_refine_hist.d_res_high                       2.56 
_refine_hist.d_res_low                        20 
# 
loop_
_refine_ls_restr.type 
_refine_ls_restr.dev_ideal 
_refine_ls_restr.dev_ideal_target 
_refine_ls_restr.weight 
_refine_ls_restr.number 
_refine_ls_restr.pdbx_refine_id 
_refine_ls_restr.pdbx_restraint_function 
c_bond_d                0.007 ?    ? ? 'X-RAY DIFFRACTION' ? 
c_bond_d_na             ?     ?    ? ? 'X-RAY DIFFRACTION' ? 
c_bond_d_prot           ?     ?    ? ? 'X-RAY DIFFRACTION' ? 
c_angle_d               ?     ?    ? ? 'X-RAY DIFFRACTION' ? 
c_angle_d_na            ?     ?    ? ? 'X-RAY DIFFRACTION' ? 
c_angle_d_prot          ?     ?    ? ? 'X-RAY DIFFRACTION' ? 
c_angle_deg             1.2   ?    ? ? 'X-RAY DIFFRACTION' ? 
c_angle_deg_na          ?     ?    ? ? 'X-RAY DIFFRACTION' ? 
c_angle_deg_prot        ?     ?    ? ? 'X-RAY DIFFRACTION' ? 
c_dihedral_angle_d      24.9  ?    ? ? 'X-RAY DIFFRACTION' ? 
c_dihedral_angle_d_na   ?     ?    ? ? 'X-RAY DIFFRACTION' ? 
c_dihedral_angle_d_prot ?     ?    ? ? 'X-RAY DIFFRACTION' ? 
c_improper_angle_d      0.64  ?    ? ? 'X-RAY DIFFRACTION' ? 
c_improper_angle_d_na   ?     ?    ? ? 'X-RAY DIFFRACTION' ? 
c_improper_angle_d_prot ?     ?    ? ? 'X-RAY DIFFRACTION' ? 
c_mcbond_it             1.39  1.50 ? ? 'X-RAY DIFFRACTION' ? 
c_mcangle_it            2.39  2.00 ? ? 'X-RAY DIFFRACTION' ? 
c_scbond_it             2.63  2.00 ? ? 'X-RAY DIFFRACTION' ? 
c_scangle_it            3.87  2.50 ? ? 'X-RAY DIFFRACTION' ? 
# 
_refine_ls_shell.pdbx_refine_id                   'X-RAY DIFFRACTION' 
_refine_ls_shell.pdbx_total_number_of_bins_used   6 
_refine_ls_shell.d_res_high                       2.56 
_refine_ls_shell.d_res_low                        2.72 
_refine_ls_shell.number_reflns_R_work             1503 
_refine_ls_shell.R_factor_R_work                  0.306 
_refine_ls_shell.percent_reflns_obs               76.1 
_refine_ls_shell.R_factor_R_free                  0.422 
_refine_ls_shell.R_factor_R_free_error            0.038 
_refine_ls_shell.percent_reflns_R_free            7.5 
_refine_ls_shell.number_reflns_R_free             121 
_refine_ls_shell.number_reflns_all                ? 
_refine_ls_shell.R_factor_all                     ? 
# 
loop_
_pdbx_xplor_file.pdbx_refine_id 
_pdbx_xplor_file.serial_no 
_pdbx_xplor_file.param_file 
_pdbx_xplor_file.topol_file 
'X-RAY DIFFRACTION' 1 PROTEIN_REP.PARAM PROTEIN.TOP 
'X-RAY DIFFRACTION' 2 WATER_REP.PARAM   ?           
# 
_struct_ncs_oper.id             1 
_struct_ncs_oper.code           given 
_struct_ncs_oper.details        ? 
_struct_ncs_oper.matrix[1][1]   -0.64773473 
_struct_ncs_oper.matrix[1][2]   -0.68689794 
_struct_ncs_oper.matrix[1][3]   -0.32953113 
_struct_ncs_oper.matrix[2][1]   -0.68186132 
_struct_ncs_oper.matrix[2][2]   0.32976445 
_struct_ncs_oper.matrix[2][3]   0.65291449 
_struct_ncs_oper.matrix[3][1]   -0.33982445 
_struct_ncs_oper.matrix[3][2]   0.64758156 
_struct_ncs_oper.matrix[3][3]   -0.68202971 
_struct_ncs_oper.vector[1]      -0.27423 
_struct_ncs_oper.vector[2]      0.07058 
_struct_ncs_oper.vector[3]      -0.29518 
# 
_struct.entry_id                  1GTD 
_struct.title                     
'NORTHEAST STRUCTURAL GENOMICS CONSORTIUM (NESG ID TT50) STRUCTURE OF MTH169, THE PURS SUBUNIT OF FGAM SYNTHETASE' 
_struct.pdbx_model_details        ? 
_struct.pdbx_CASP_flag            ? 
_struct.pdbx_model_type_details   ? 
# 
_struct_keywords.entry_id        1GTD 
_struct_keywords.pdbx_keywords   LIGASE 
_struct_keywords.text            
;SYNTHETASE, FGAM SYNTHETASE, PURINE SYNTHESIS PATHWAY, PSI, PROTEIN STRUCTURE INITIATIVE, NESG, NORTHEAST STRUCTURAL GENOMICS CONSORTIUM, LIGASE
;
# 
loop_
_struct_asym.id 
_struct_asym.pdbx_blank_PDB_chainid_flag 
_struct_asym.pdbx_modified 
_struct_asym.entity_id 
_struct_asym.details 
A N N 1 ? 
B N N 1 ? 
C N N 2 ? 
D N N 2 ? 
# 
loop_
_struct_ref.id 
_struct_ref.db_name 
_struct_ref.db_code 
_struct_ref.entity_id 
_struct_ref.pdbx_seq_one_letter_code 
_struct_ref.pdbx_align_begin 
_struct_ref.pdbx_db_accession 
_struct_ref.pdbx_db_isoform 
1 UNP Y169_METTH 1 ? ? O26271 ? 
2 PDB 1GTD       1 ? ? 1GTD   ? 
# 
loop_
_struct_ref_seq.align_id 
_struct_ref_seq.ref_id 
_struct_ref_seq.pdbx_PDB_id_code 
_struct_ref_seq.pdbx_strand_id 
_struct_ref_seq.seq_align_beg 
_struct_ref_seq.pdbx_seq_align_beg_ins_code 
_struct_ref_seq.seq_align_end 
_struct_ref_seq.pdbx_seq_align_end_ins_code 
_struct_ref_seq.pdbx_db_accession 
_struct_ref_seq.db_align_beg 
_struct_ref_seq.pdbx_db_align_beg_ins_code 
_struct_ref_seq.db_align_end 
_struct_ref_seq.pdbx_db_align_end_ins_code 
_struct_ref_seq.pdbx_auth_seq_align_beg 
_struct_ref_seq.pdbx_auth_seq_align_end 
1 1 1GTD A 1  ? 81 ? O26271 1  ? 81 ? 1  81 
2 2 1GTD A 82 ? 85 ? 1GTD   82 ? 85 ? 82 85 
3 1 1GTD B 1  ? 81 ? O26271 1  ? 81 ? 1  81 
4 2 1GTD B 82 ? 85 ? 1GTD   82 ? 85 ? 82 85 
# 
_pdbx_struct_assembly.id                   1 
_pdbx_struct_assembly.details              author_and_software_defined_assembly 
_pdbx_struct_assembly.method_details       PISA 
_pdbx_struct_assembly.oligomeric_details   tetrameric 
_pdbx_struct_assembly.oligomeric_count     4 
# 
loop_
_pdbx_struct_assembly_prop.biol_id 
_pdbx_struct_assembly_prop.type 
_pdbx_struct_assembly_prop.value 
_pdbx_struct_assembly_prop.details 
1 'ABSA (A^2)' 7870  ? 
1 MORE         -53.1 ? 
1 'SSA (A^2)'  16690 ? 
# 
_pdbx_struct_assembly_gen.assembly_id       1 
_pdbx_struct_assembly_gen.oper_expression   1,2 
_pdbx_struct_assembly_gen.asym_id_list      A,B,C,D 
# 
loop_
_pdbx_struct_oper_list.id 
_pdbx_struct_oper_list.type 
_pdbx_struct_oper_list.name 
_pdbx_struct_oper_list.symmetry_operation 
_pdbx_struct_oper_list.matrix[1][1] 
_pdbx_struct_oper_list.matrix[1][2] 
_pdbx_struct_oper_list.matrix[1][3] 
_pdbx_struct_oper_list.vector[1] 
_pdbx_struct_oper_list.matrix[2][1] 
_pdbx_struct_oper_list.matrix[2][2] 
_pdbx_struct_oper_list.matrix[2][3] 
_pdbx_struct_oper_list.vector[2] 
_pdbx_struct_oper_list.matrix[3][1] 
_pdbx_struct_oper_list.matrix[3][2] 
_pdbx_struct_oper_list.matrix[3][3] 
_pdbx_struct_oper_list.vector[3] 
1 'identity operation'         1_555 x,y,z     1.0000000000  0.0000000000  0.0000000000 0.0000000000 0.0000000000  1.0000000000  0.0000000000  0.0000000000   0.0000000000 0.0000000000  1.0000000000 0.0000000000  
2 'crystal symmetry operation' 5_655 -x+1,y,-z -0.3729665576 -0.1250010302 0.9193860394 9.3681285761 -0.1250010302 -0.9750806632 -0.1832824125 -18.5197303468 0.9193860394 -0.1832824125 0.3480472207 -8.9071564412 
# 
_struct_biol.id   1 
# 
loop_
_struct_conf.conf_type_id 
_struct_conf.id 
_struct_conf.pdbx_PDB_helix_id 
_struct_conf.beg_label_comp_id 
_struct_conf.beg_label_asym_id 
_struct_conf.beg_label_seq_id 
_struct_conf.pdbx_beg_PDB_ins_code 
_struct_conf.end_label_comp_id 
_struct_conf.end_label_asym_id 
_struct_conf.end_label_seq_id 
_struct_conf.pdbx_end_PDB_ins_code 
_struct_conf.beg_auth_comp_id 
_struct_conf.beg_auth_asym_id 
_struct_conf.beg_auth_seq_id 
_struct_conf.end_auth_comp_id 
_struct_conf.end_auth_asym_id 
_struct_conf.end_auth_seq_id 
_struct_conf.pdbx_PDB_helix_class 
_struct_conf.details 
_struct_conf.pdbx_PDB_helix_length 
HELX_P HELX_P1 1 ASN A 17 ? LEU A 30 ? ASN A 17 LEU A 30 1 ? 14 
HELX_P HELX_P2 2 SER A 51 ? LEU A 66 ? SER A 51 LEU A 66 1 ? 16 
HELX_P HELX_P3 3 ASN B 17 ? LEU B 30 ? ASN B 17 LEU B 30 1 ? 14 
HELX_P HELX_P4 4 SER B 51 ? LEU B 66 ? SER B 51 LEU B 66 1 ? 16 
# 
_struct_conf_type.id          HELX_P 
_struct_conf_type.criteria    ? 
_struct_conf_type.reference   ? 
# 
loop_
_struct_conn.id 
_struct_conn.conn_type_id 
_struct_conn.pdbx_leaving_atom_flag 
_struct_conn.pdbx_PDB_id 
_struct_conn.ptnr1_label_asym_id 
_struct_conn.ptnr1_label_comp_id 
_struct_conn.ptnr1_label_seq_id 
_struct_conn.ptnr1_label_atom_id 
_struct_conn.pdbx_ptnr1_label_alt_id 
_struct_conn.pdbx_ptnr1_PDB_ins_code 
_struct_conn.pdbx_ptnr1_standard_comp_id 
_struct_conn.ptnr1_symmetry 
_struct_conn.ptnr2_label_asym_id 
_struct_conn.ptnr2_label_comp_id 
_struct_conn.ptnr2_label_seq_id 
_struct_conn.ptnr2_label_atom_id 
_struct_conn.pdbx_ptnr2_label_alt_id 
_struct_conn.pdbx_ptnr2_PDB_ins_code 
_struct_conn.ptnr1_auth_asym_id 
_struct_conn.ptnr1_auth_comp_id 
_struct_conn.ptnr1_auth_seq_id 
_struct_conn.ptnr2_auth_asym_id 
_struct_conn.ptnr2_auth_comp_id 
_struct_conn.ptnr2_auth_seq_id 
_struct_conn.ptnr2_symmetry 
_struct_conn.pdbx_ptnr3_label_atom_id 
_struct_conn.pdbx_ptnr3_label_seq_id 
_struct_conn.pdbx_ptnr3_label_comp_id 
_struct_conn.pdbx_ptnr3_label_asym_id 
_struct_conn.pdbx_ptnr3_label_alt_id 
_struct_conn.pdbx_ptnr3_PDB_ins_code 
_struct_conn.details 
_struct_conn.pdbx_dist_value 
_struct_conn.pdbx_value_order 
_struct_conn.pdbx_role 
covale1  covale both ? A PHE 3  C ? ? ? 1_555 A MSE 4  N ? ? A PHE 3  A MSE 4  1_555 ? ? ? ? ? ? ? 1.326 ? ? 
covale2  covale both ? A MSE 4  C ? ? ? 1_555 A VAL 5  N ? ? A MSE 4  A VAL 5  1_555 ? ? ? ? ? ? ? 1.327 ? ? 
covale3  covale both ? A GLY 14 C ? ? ? 1_555 A MSE 15 N ? ? A GLY 14 A MSE 15 1_555 ? ? ? ? ? ? ? 1.326 ? ? 
covale4  covale both ? A MSE 15 C ? ? ? 1_555 A LEU 16 N ? ? A MSE 15 A LEU 16 1_555 ? ? ? ? ? ? ? 1.333 ? ? 
covale5  covale both ? A THR 46 C ? ? ? 1_555 A MSE 47 N ? ? A THR 46 A MSE 47 1_555 ? ? ? ? ? ? ? 1.325 ? ? 
covale6  covale both ? A MSE 47 C ? ? ? 1_555 A ASP 48 N ? ? A MSE 47 A ASP 48 1_555 ? ? ? ? ? ? ? 1.328 ? ? 
covale7  covale both ? A ASP 61 C ? ? ? 1_555 A MSE 62 N ? ? A ASP 61 A MSE 62 1_555 ? ? ? ? ? ? ? 1.332 ? ? 
covale8  covale both ? A MSE 62 C ? ? ? 1_555 A CYS 63 N ? ? A MSE 62 A CYS 63 1_555 ? ? ? ? ? ? ? 1.325 ? ? 
covale9  covale both ? A GLU 81 C ? ? ? 1_555 A MSE 82 N ? ? A GLU 81 A MSE 82 1_555 ? ? ? ? ? ? ? 1.330 ? ? 
covale10 covale both ? A MSE 82 C ? ? ? 1_555 A SER 83 N ? ? A MSE 82 A SER 83 1_555 ? ? ? ? ? ? ? 1.251 ? ? 
covale11 covale both ? B PHE 3  C ? ? ? 1_555 B MSE 4  N ? ? B PHE 3  B MSE 4  1_555 ? ? ? ? ? ? ? 1.324 ? ? 
covale12 covale both ? B MSE 4  C ? ? ? 1_555 B VAL 5  N ? ? B MSE 4  B VAL 5  1_555 ? ? ? ? ? ? ? 1.331 ? ? 
covale13 covale both ? B GLY 14 C ? ? ? 1_555 B MSE 15 N ? ? B GLY 14 B MSE 15 1_555 ? ? ? ? ? ? ? 1.329 ? ? 
covale14 covale both ? B MSE 15 C ? ? ? 1_555 B LEU 16 N ? ? B MSE 15 B LEU 16 1_555 ? ? ? ? ? ? ? 1.331 ? ? 
covale15 covale both ? B THR 46 C ? ? ? 1_555 B MSE 47 N ? ? B THR 46 B MSE 47 1_555 ? ? ? ? ? ? ? 1.331 ? ? 
covale16 covale both ? B MSE 47 C ? ? ? 1_555 B ASP 48 N ? ? B MSE 47 B ASP 48 1_555 ? ? ? ? ? ? ? 1.331 ? ? 
covale17 covale both ? B ASP 61 C ? ? ? 1_555 B MSE 62 N ? ? B ASP 61 B MSE 62 1_555 ? ? ? ? ? ? ? 1.331 ? ? 
covale18 covale both ? B MSE 62 C ? ? ? 1_555 B CYS 63 N ? ? B MSE 62 B CYS 63 1_555 ? ? ? ? ? ? ? 1.327 ? ? 
covale19 covale both ? B GLU 81 C ? ? ? 1_555 B MSE 82 N ? ? B GLU 81 B MSE 82 1_555 ? ? ? ? ? ? ? 1.330 ? ? 
# 
_struct_conn_type.id          covale 
_struct_conn_type.criteria    ? 
_struct_conn_type.reference   ? 
# 
loop_
_pdbx_modification_feature.ordinal 
_pdbx_modification_feature.label_comp_id 
_pdbx_modification_feature.label_asym_id 
_pdbx_modification_feature.label_seq_id 
_pdbx_modification_feature.label_alt_id 
_pdbx_modification_feature.modified_residue_label_comp_id 
_pdbx_modification_feature.modified_residue_label_asym_id 
_pdbx_modification_feature.modified_residue_label_seq_id 
_pdbx_modification_feature.modified_residue_label_alt_id 
_pdbx_modification_feature.auth_comp_id 
_pdbx_modification_feature.auth_asym_id 
_pdbx_modification_feature.auth_seq_id 
_pdbx_modification_feature.PDB_ins_code 
_pdbx_modification_feature.symmetry 
_pdbx_modification_feature.modified_residue_auth_comp_id 
_pdbx_modification_feature.modified_residue_auth_asym_id 
_pdbx_modification_feature.modified_residue_auth_seq_id 
_pdbx_modification_feature.modified_residue_PDB_ins_code 
_pdbx_modification_feature.modified_residue_symmetry 
_pdbx_modification_feature.comp_id_linking_atom 
_pdbx_modification_feature.modified_residue_id_linking_atom 
_pdbx_modification_feature.modified_residue_id 
_pdbx_modification_feature.ref_pcm_id 
_pdbx_modification_feature.ref_comp_id 
_pdbx_modification_feature.type 
_pdbx_modification_feature.category 
1  MSE A 4  ? . . . . MSE A 4  ? 1_555 . . . . . . . MET 1 MSE Selenomethionine 'Named protein modification' 
2  MSE A 15 ? . . . . MSE A 15 ? 1_555 . . . . . . . MET 1 MSE Selenomethionine 'Named protein modification' 
3  MSE A 47 ? . . . . MSE A 47 ? 1_555 . . . . . . . MET 1 MSE Selenomethionine 'Named protein modification' 
4  MSE A 62 ? . . . . MSE A 62 ? 1_555 . . . . . . . MET 1 MSE Selenomethionine 'Named protein modification' 
5  MSE A 82 ? . . . . MSE A 82 ? 1_555 . . . . . . . MET 1 MSE Selenomethionine 'Named protein modification' 
6  MSE B 4  ? . . . . MSE B 4  ? 1_555 . . . . . . . MET 1 MSE Selenomethionine 'Named protein modification' 
7  MSE B 15 ? . . . . MSE B 15 ? 1_555 . . . . . . . MET 1 MSE Selenomethionine 'Named protein modification' 
8  MSE B 47 ? . . . . MSE B 47 ? 1_555 . . . . . . . MET 1 MSE Selenomethionine 'Named protein modification' 
9  MSE B 62 ? . . . . MSE B 62 ? 1_555 . . . . . . . MET 1 MSE Selenomethionine 'Named protein modification' 
10 MSE B 82 ? . . . . MSE B 82 ? 1_555 . . . . . . . MET 1 MSE Selenomethionine 'Named protein modification' 
# 
_struct_sheet.id               AA 
_struct_sheet.type             ? 
_struct_sheet.number_strands   7 
_struct_sheet.details          ? 
# 
loop_
_struct_sheet_order.sheet_id 
_struct_sheet_order.range_id_1 
_struct_sheet_order.range_id_2 
_struct_sheet_order.offset 
_struct_sheet_order.sense 
AA 1 2 ? anti-parallel 
AA 2 3 ? anti-parallel 
AA 3 4 ? anti-parallel 
AA 4 5 ? anti-parallel 
AA 5 6 ? anti-parallel 
AA 6 7 ? parallel      
# 
loop_
_struct_sheet_range.sheet_id 
_struct_sheet_range.id 
_struct_sheet_range.beg_label_comp_id 
_struct_sheet_range.beg_label_asym_id 
_struct_sheet_range.beg_label_seq_id 
_struct_sheet_range.pdbx_beg_PDB_ins_code 
_struct_sheet_range.end_label_comp_id 
_struct_sheet_range.end_label_asym_id 
_struct_sheet_range.end_label_seq_id 
_struct_sheet_range.pdbx_end_PDB_ins_code 
_struct_sheet_range.beg_auth_comp_id 
_struct_sheet_range.beg_auth_asym_id 
_struct_sheet_range.beg_auth_seq_id 
_struct_sheet_range.end_auth_comp_id 
_struct_sheet_range.end_auth_asym_id 
_struct_sheet_range.end_auth_seq_id 
AA 1 HIS A 73 ? GLU A 81 ? HIS A 73 GLU A 81 
AA 2 PHE A 3  ? LEU A 11 ? PHE A 3  LEU A 11 
AA 3 GLU A 35 ? MSE A 47 ? GLU A 35 MSE A 47 
AA 4 GLU B 35 ? MSE B 47 ? GLU B 35 MSE B 47 
AA 5 PHE B 3  ? LEU B 11 ? PHE B 3  LEU B 11 
AA 6 HIS B 73 ? GLU B 81 ? HIS B 73 GLU B 81 
AA 7 SER B 84 ? HIS B 85 ? SER B 84 HIS B 85 
# 
loop_
_pdbx_struct_sheet_hbond.sheet_id 
_pdbx_struct_sheet_hbond.range_id_1 
_pdbx_struct_sheet_hbond.range_id_2 
_pdbx_struct_sheet_hbond.range_1_label_atom_id 
_pdbx_struct_sheet_hbond.range_1_label_comp_id 
_pdbx_struct_sheet_hbond.range_1_label_asym_id 
_pdbx_struct_sheet_hbond.range_1_label_seq_id 
_pdbx_struct_sheet_hbond.range_1_PDB_ins_code 
_pdbx_struct_sheet_hbond.range_1_auth_atom_id 
_pdbx_struct_sheet_hbond.range_1_auth_comp_id 
_pdbx_struct_sheet_hbond.range_1_auth_asym_id 
_pdbx_struct_sheet_hbond.range_1_auth_seq_id 
_pdbx_struct_sheet_hbond.range_2_label_atom_id 
_pdbx_struct_sheet_hbond.range_2_label_comp_id 
_pdbx_struct_sheet_hbond.range_2_label_asym_id 
_pdbx_struct_sheet_hbond.range_2_label_seq_id 
_pdbx_struct_sheet_hbond.range_2_PDB_ins_code 
_pdbx_struct_sheet_hbond.range_2_auth_atom_id 
_pdbx_struct_sheet_hbond.range_2_auth_comp_id 
_pdbx_struct_sheet_hbond.range_2_auth_asym_id 
_pdbx_struct_sheet_hbond.range_2_auth_seq_id 
AA 1 2 N ASN A 80 ? N ASN A 80 O MSE A 4  ? O MSE A 4  
AA 2 3 N ILE A 9  ? N ILE A 9  O ASP A 41 ? O ASP A 41 
AA 3 4 N THR A 46 ? N THR A 46 O GLU B 35 ? O GLU B 35 
AA 4 5 N MSE B 47 ? N MSE B 47 O PHE B 3  ? O PHE B 3  
AA 5 6 N ARG B 10 ? N ARG B 10 O ASP B 74 ? O ASP B 74 
AA 6 7 N GLU B 81 ? N GLU B 81 O HIS B 85 ? O HIS B 85 
# 
_pdbx_entry_details.entry_id                   1GTD 
_pdbx_entry_details.compound_details           ? 
_pdbx_entry_details.source_details             ? 
_pdbx_entry_details.nonpolymer_details         ? 
_pdbx_entry_details.sequence_details           'THE THREE C-TERMINAL RESIDUES ARE PART OF HIS-TAG.' 
_pdbx_entry_details.has_ligand_of_interest     ? 
_pdbx_entry_details.has_protein_modification   Y 
# 
loop_
_pdbx_validate_close_contact.id 
_pdbx_validate_close_contact.PDB_model_num 
_pdbx_validate_close_contact.auth_atom_id_1 
_pdbx_validate_close_contact.auth_asym_id_1 
_pdbx_validate_close_contact.auth_comp_id_1 
_pdbx_validate_close_contact.auth_seq_id_1 
_pdbx_validate_close_contact.PDB_ins_code_1 
_pdbx_validate_close_contact.label_alt_id_1 
_pdbx_validate_close_contact.auth_atom_id_2 
_pdbx_validate_close_contact.auth_asym_id_2 
_pdbx_validate_close_contact.auth_comp_id_2 
_pdbx_validate_close_contact.auth_seq_id_2 
_pdbx_validate_close_contact.PDB_ins_code_2 
_pdbx_validate_close_contact.label_alt_id_2 
_pdbx_validate_close_contact.dist 
1 1 CZ  B ARG 57 ? ? O B HOH 2022 ? ? 0.60 
2 1 NE  B ARG 57 ? ? O B HOH 2022 ? ? 0.88 
3 1 NH1 B ARG 57 ? ? O B HOH 2022 ? ? 1.57 
4 1 NH2 B ARG 57 ? ? O B HOH 2022 ? ? 1.76 
5 1 CD  B ARG 57 ? ? O B HOH 2022 ? ? 1.98 
# 
loop_
_pdbx_validate_torsion.id 
_pdbx_validate_torsion.PDB_model_num 
_pdbx_validate_torsion.auth_comp_id 
_pdbx_validate_torsion.auth_asym_id 
_pdbx_validate_torsion.auth_seq_id 
_pdbx_validate_torsion.PDB_ins_code 
_pdbx_validate_torsion.label_alt_id 
_pdbx_validate_torsion.phi 
_pdbx_validate_torsion.psi 
1 1 PHE A 45 ? ? -178.14 142.93 
2 1 LEU A 66 ? ? -160.12 -56.83 
3 1 PHE B 45 ? ? -178.93 148.23 
4 1 MSE B 47 ? ? -164.53 115.05 
5 1 LEU B 66 ? ? -148.23 -61.48 
# 
_pdbx_validate_polymer_linkage.id               1 
_pdbx_validate_polymer_linkage.PDB_model_num    1 
_pdbx_validate_polymer_linkage.auth_atom_id_1   C 
_pdbx_validate_polymer_linkage.auth_asym_id_1   B 
_pdbx_validate_polymer_linkage.auth_comp_id_1   MSE 
_pdbx_validate_polymer_linkage.auth_seq_id_1    82 
_pdbx_validate_polymer_linkage.PDB_ins_code_1   ? 
_pdbx_validate_polymer_linkage.label_alt_id_1   ? 
_pdbx_validate_polymer_linkage.auth_atom_id_2   N 
_pdbx_validate_polymer_linkage.auth_asym_id_2   B 
_pdbx_validate_polymer_linkage.auth_comp_id_2   SER 
_pdbx_validate_polymer_linkage.auth_seq_id_2    83 
_pdbx_validate_polymer_linkage.PDB_ins_code_2   ? 
_pdbx_validate_polymer_linkage.label_alt_id_2   ? 
_pdbx_validate_polymer_linkage.dist             16.94 
# 
loop_
_pdbx_struct_mod_residue.id 
_pdbx_struct_mod_residue.label_asym_id 
_pdbx_struct_mod_residue.label_comp_id 
_pdbx_struct_mod_residue.label_seq_id 
_pdbx_struct_mod_residue.auth_asym_id 
_pdbx_struct_mod_residue.auth_comp_id 
_pdbx_struct_mod_residue.auth_seq_id 
_pdbx_struct_mod_residue.PDB_ins_code 
_pdbx_struct_mod_residue.parent_comp_id 
_pdbx_struct_mod_residue.details 
1  A MSE 4  A MSE 4  ? MET SELENOMETHIONINE 
2  A MSE 15 A MSE 15 ? MET SELENOMETHIONINE 
3  A MSE 47 A MSE 47 ? MET SELENOMETHIONINE 
4  A MSE 62 A MSE 62 ? MET SELENOMETHIONINE 
5  A MSE 82 A MSE 82 ? MET SELENOMETHIONINE 
6  B MSE 4  B MSE 4  ? MET SELENOMETHIONINE 
7  B MSE 15 B MSE 15 ? MET SELENOMETHIONINE 
8  B MSE 47 B MSE 47 ? MET SELENOMETHIONINE 
9  B MSE 62 B MSE 62 ? MET SELENOMETHIONINE 
10 B MSE 82 B MSE 82 ? MET SELENOMETHIONINE 
# 
loop_
_pdbx_unobs_or_zero_occ_residues.id 
_pdbx_unobs_or_zero_occ_residues.PDB_model_num 
_pdbx_unobs_or_zero_occ_residues.polymer_flag 
_pdbx_unobs_or_zero_occ_residues.occupancy_flag 
_pdbx_unobs_or_zero_occ_residues.auth_asym_id 
_pdbx_unobs_or_zero_occ_residues.auth_comp_id 
_pdbx_unobs_or_zero_occ_residues.auth_seq_id 
_pdbx_unobs_or_zero_occ_residues.PDB_ins_code 
_pdbx_unobs_or_zero_occ_residues.label_asym_id 
_pdbx_unobs_or_zero_occ_residues.label_comp_id 
_pdbx_unobs_or_zero_occ_residues.label_seq_id 
1 1 Y 1 A MSE 1  ? A MSE 1  
2 1 Y 0 A GLU 35 ? A GLU 35 
3 1 Y 1 A SER 84 ? A SER 84 
4 1 Y 1 A HIS 85 ? A HIS 85 
5 1 Y 1 B MSE 1  ? B MSE 1  
6 1 Y 0 B GLU 53 ? B GLU 53 
7 1 Y 0 B ARG 57 ? B ARG 57 
# 
loop_
_chem_comp_atom.comp_id 
_chem_comp_atom.atom_id 
_chem_comp_atom.type_symbol 
_chem_comp_atom.pdbx_aromatic_flag 
_chem_comp_atom.pdbx_stereo_config 
_chem_comp_atom.pdbx_ordinal 
ALA N    N  N N 1   
ALA CA   C  N S 2   
ALA C    C  N N 3   
ALA O    O  N N 4   
ALA CB   C  N N 5   
ALA OXT  O  N N 6   
ALA H    H  N N 7   
ALA H2   H  N N 8   
ALA HA   H  N N 9   
ALA HB1  H  N N 10  
ALA HB2  H  N N 11  
ALA HB3  H  N N 12  
ALA HXT  H  N N 13  
ARG N    N  N N 14  
ARG CA   C  N S 15  
ARG C    C  N N 16  
ARG O    O  N N 17  
ARG CB   C  N N 18  
ARG CG   C  N N 19  
ARG CD   C  N N 20  
ARG NE   N  N N 21  
ARG CZ   C  N N 22  
ARG NH1  N  N N 23  
ARG NH2  N  N N 24  
ARG OXT  O  N N 25  
ARG H    H  N N 26  
ARG H2   H  N N 27  
ARG HA   H  N N 28  
ARG HB2  H  N N 29  
ARG HB3  H  N N 30  
ARG HG2  H  N N 31  
ARG HG3  H  N N 32  
ARG HD2  H  N N 33  
ARG HD3  H  N N 34  
ARG HE   H  N N 35  
ARG HH11 H  N N 36  
ARG HH12 H  N N 37  
ARG HH21 H  N N 38  
ARG HH22 H  N N 39  
ARG HXT  H  N N 40  
ASN N    N  N N 41  
ASN CA   C  N S 42  
ASN C    C  N N 43  
ASN O    O  N N 44  
ASN CB   C  N N 45  
ASN CG   C  N N 46  
ASN OD1  O  N N 47  
ASN ND2  N  N N 48  
ASN OXT  O  N N 49  
ASN H    H  N N 50  
ASN H2   H  N N 51  
ASN HA   H  N N 52  
ASN HB2  H  N N 53  
ASN HB3  H  N N 54  
ASN HD21 H  N N 55  
ASN HD22 H  N N 56  
ASN HXT  H  N N 57  
ASP N    N  N N 58  
ASP CA   C  N S 59  
ASP C    C  N N 60  
ASP O    O  N N 61  
ASP CB   C  N N 62  
ASP CG   C  N N 63  
ASP OD1  O  N N 64  
ASP OD2  O  N N 65  
ASP OXT  O  N N 66  
ASP H    H  N N 67  
ASP H2   H  N N 68  
ASP HA   H  N N 69  
ASP HB2  H  N N 70  
ASP HB3  H  N N 71  
ASP HD2  H  N N 72  
ASP HXT  H  N N 73  
CYS N    N  N N 74  
CYS CA   C  N R 75  
CYS C    C  N N 76  
CYS O    O  N N 77  
CYS CB   C  N N 78  
CYS SG   S  N N 79  
CYS OXT  O  N N 80  
CYS H    H  N N 81  
CYS H2   H  N N 82  
CYS HA   H  N N 83  
CYS HB2  H  N N 84  
CYS HB3  H  N N 85  
CYS HG   H  N N 86  
CYS HXT  H  N N 87  
GLN N    N  N N 88  
GLN CA   C  N S 89  
GLN C    C  N N 90  
GLN O    O  N N 91  
GLN CB   C  N N 92  
GLN CG   C  N N 93  
GLN CD   C  N N 94  
GLN OE1  O  N N 95  
GLN NE2  N  N N 96  
GLN OXT  O  N N 97  
GLN H    H  N N 98  
GLN H2   H  N N 99  
GLN HA   H  N N 100 
GLN HB2  H  N N 101 
GLN HB3  H  N N 102 
GLN HG2  H  N N 103 
GLN HG3  H  N N 104 
GLN HE21 H  N N 105 
GLN HE22 H  N N 106 
GLN HXT  H  N N 107 
GLU N    N  N N 108 
GLU CA   C  N S 109 
GLU C    C  N N 110 
GLU O    O  N N 111 
GLU CB   C  N N 112 
GLU CG   C  N N 113 
GLU CD   C  N N 114 
GLU OE1  O  N N 115 
GLU OE2  O  N N 116 
GLU OXT  O  N N 117 
GLU H    H  N N 118 
GLU H2   H  N N 119 
GLU HA   H  N N 120 
GLU HB2  H  N N 121 
GLU HB3  H  N N 122 
GLU HG2  H  N N 123 
GLU HG3  H  N N 124 
GLU HE2  H  N N 125 
GLU HXT  H  N N 126 
GLY N    N  N N 127 
GLY CA   C  N N 128 
GLY C    C  N N 129 
GLY O    O  N N 130 
GLY OXT  O  N N 131 
GLY H    H  N N 132 
GLY H2   H  N N 133 
GLY HA2  H  N N 134 
GLY HA3  H  N N 135 
GLY HXT  H  N N 136 
HIS N    N  N N 137 
HIS CA   C  N S 138 
HIS C    C  N N 139 
HIS O    O  N N 140 
HIS CB   C  N N 141 
HIS CG   C  Y N 142 
HIS ND1  N  Y N 143 
HIS CD2  C  Y N 144 
HIS CE1  C  Y N 145 
HIS NE2  N  Y N 146 
HIS OXT  O  N N 147 
HIS H    H  N N 148 
HIS H2   H  N N 149 
HIS HA   H  N N 150 
HIS HB2  H  N N 151 
HIS HB3  H  N N 152 
HIS HD1  H  N N 153 
HIS HD2  H  N N 154 
HIS HE1  H  N N 155 
HIS HE2  H  N N 156 
HIS HXT  H  N N 157 
HOH O    O  N N 158 
HOH H1   H  N N 159 
HOH H2   H  N N 160 
ILE N    N  N N 161 
ILE CA   C  N S 162 
ILE C    C  N N 163 
ILE O    O  N N 164 
ILE CB   C  N S 165 
ILE CG1  C  N N 166 
ILE CG2  C  N N 167 
ILE CD1  C  N N 168 
ILE OXT  O  N N 169 
ILE H    H  N N 170 
ILE H2   H  N N 171 
ILE HA   H  N N 172 
ILE HB   H  N N 173 
ILE HG12 H  N N 174 
ILE HG13 H  N N 175 
ILE HG21 H  N N 176 
ILE HG22 H  N N 177 
ILE HG23 H  N N 178 
ILE HD11 H  N N 179 
ILE HD12 H  N N 180 
ILE HD13 H  N N 181 
ILE HXT  H  N N 182 
LEU N    N  N N 183 
LEU CA   C  N S 184 
LEU C    C  N N 185 
LEU O    O  N N 186 
LEU CB   C  N N 187 
LEU CG   C  N N 188 
LEU CD1  C  N N 189 
LEU CD2  C  N N 190 
LEU OXT  O  N N 191 
LEU H    H  N N 192 
LEU H2   H  N N 193 
LEU HA   H  N N 194 
LEU HB2  H  N N 195 
LEU HB3  H  N N 196 
LEU HG   H  N N 197 
LEU HD11 H  N N 198 
LEU HD12 H  N N 199 
LEU HD13 H  N N 200 
LEU HD21 H  N N 201 
LEU HD22 H  N N 202 
LEU HD23 H  N N 203 
LEU HXT  H  N N 204 
LYS N    N  N N 205 
LYS CA   C  N S 206 
LYS C    C  N N 207 
LYS O    O  N N 208 
LYS CB   C  N N 209 
LYS CG   C  N N 210 
LYS CD   C  N N 211 
LYS CE   C  N N 212 
LYS NZ   N  N N 213 
LYS OXT  O  N N 214 
LYS H    H  N N 215 
LYS H2   H  N N 216 
LYS HA   H  N N 217 
LYS HB2  H  N N 218 
LYS HB3  H  N N 219 
LYS HG2  H  N N 220 
LYS HG3  H  N N 221 
LYS HD2  H  N N 222 
LYS HD3  H  N N 223 
LYS HE2  H  N N 224 
LYS HE3  H  N N 225 
LYS HZ1  H  N N 226 
LYS HZ2  H  N N 227 
LYS HZ3  H  N N 228 
LYS HXT  H  N N 229 
MSE N    N  N N 230 
MSE CA   C  N S 231 
MSE C    C  N N 232 
MSE O    O  N N 233 
MSE OXT  O  N N 234 
MSE CB   C  N N 235 
MSE CG   C  N N 236 
MSE SE   SE N N 237 
MSE CE   C  N N 238 
MSE H    H  N N 239 
MSE H2   H  N N 240 
MSE HA   H  N N 241 
MSE HXT  H  N N 242 
MSE HB2  H  N N 243 
MSE HB3  H  N N 244 
MSE HG2  H  N N 245 
MSE HG3  H  N N 246 
MSE HE1  H  N N 247 
MSE HE2  H  N N 248 
MSE HE3  H  N N 249 
PHE N    N  N N 250 
PHE CA   C  N S 251 
PHE C    C  N N 252 
PHE O    O  N N 253 
PHE CB   C  N N 254 
PHE CG   C  Y N 255 
PHE CD1  C  Y N 256 
PHE CD2  C  Y N 257 
PHE CE1  C  Y N 258 
PHE CE2  C  Y N 259 
PHE CZ   C  Y N 260 
PHE OXT  O  N N 261 
PHE H    H  N N 262 
PHE H2   H  N N 263 
PHE HA   H  N N 264 
PHE HB2  H  N N 265 
PHE HB3  H  N N 266 
PHE HD1  H  N N 267 
PHE HD2  H  N N 268 
PHE HE1  H  N N 269 
PHE HE2  H  N N 270 
PHE HZ   H  N N 271 
PHE HXT  H  N N 272 
PRO N    N  N N 273 
PRO CA   C  N S 274 
PRO C    C  N N 275 
PRO O    O  N N 276 
PRO CB   C  N N 277 
PRO CG   C  N N 278 
PRO CD   C  N N 279 
PRO OXT  O  N N 280 
PRO H    H  N N 281 
PRO HA   H  N N 282 
PRO HB2  H  N N 283 
PRO HB3  H  N N 284 
PRO HG2  H  N N 285 
PRO HG3  H  N N 286 
PRO HD2  H  N N 287 
PRO HD3  H  N N 288 
PRO HXT  H  N N 289 
SER N    N  N N 290 
SER CA   C  N S 291 
SER C    C  N N 292 
SER O    O  N N 293 
SER CB   C  N N 294 
SER OG   O  N N 295 
SER OXT  O  N N 296 
SER H    H  N N 297 
SER H2   H  N N 298 
SER HA   H  N N 299 
SER HB2  H  N N 300 
SER HB3  H  N N 301 
SER HG   H  N N 302 
SER HXT  H  N N 303 
THR N    N  N N 304 
THR CA   C  N S 305 
THR C    C  N N 306 
THR O    O  N N 307 
THR CB   C  N R 308 
THR OG1  O  N N 309 
THR CG2  C  N N 310 
THR OXT  O  N N 311 
THR H    H  N N 312 
THR H2   H  N N 313 
THR HA   H  N N 314 
THR HB   H  N N 315 
THR HG1  H  N N 316 
THR HG21 H  N N 317 
THR HG22 H  N N 318 
THR HG23 H  N N 319 
THR HXT  H  N N 320 
TYR N    N  N N 321 
TYR CA   C  N S 322 
TYR C    C  N N 323 
TYR O    O  N N 324 
TYR CB   C  N N 325 
TYR CG   C  Y N 326 
TYR CD1  C  Y N 327 
TYR CD2  C  Y N 328 
TYR CE1  C  Y N 329 
TYR CE2  C  Y N 330 
TYR CZ   C  Y N 331 
TYR OH   O  N N 332 
TYR OXT  O  N N 333 
TYR H    H  N N 334 
TYR H2   H  N N 335 
TYR HA   H  N N 336 
TYR HB2  H  N N 337 
TYR HB3  H  N N 338 
TYR HD1  H  N N 339 
TYR HD2  H  N N 340 
TYR HE1  H  N N 341 
TYR HE2  H  N N 342 
TYR HH   H  N N 343 
TYR HXT  H  N N 344 
VAL N    N  N N 345 
VAL CA   C  N S 346 
VAL C    C  N N 347 
VAL O    O  N N 348 
VAL CB   C  N N 349 
VAL CG1  C  N N 350 
VAL CG2  C  N N 351 
VAL OXT  O  N N 352 
VAL H    H  N N 353 
VAL H2   H  N N 354 
VAL HA   H  N N 355 
VAL HB   H  N N 356 
VAL HG11 H  N N 357 
VAL HG12 H  N N 358 
VAL HG13 H  N N 359 
VAL HG21 H  N N 360 
VAL HG22 H  N N 361 
VAL HG23 H  N N 362 
VAL HXT  H  N N 363 
# 
loop_
_chem_comp_bond.comp_id 
_chem_comp_bond.atom_id_1 
_chem_comp_bond.atom_id_2 
_chem_comp_bond.value_order 
_chem_comp_bond.pdbx_aromatic_flag 
_chem_comp_bond.pdbx_stereo_config 
_chem_comp_bond.pdbx_ordinal 
ALA N   CA   sing N N 1   
ALA N   H    sing N N 2   
ALA N   H2   sing N N 3   
ALA CA  C    sing N N 4   
ALA CA  CB   sing N N 5   
ALA CA  HA   sing N N 6   
ALA C   O    doub N N 7   
ALA C   OXT  sing N N 8   
ALA CB  HB1  sing N N 9   
ALA CB  HB2  sing N N 10  
ALA CB  HB3  sing N N 11  
ALA OXT HXT  sing N N 12  
ARG N   CA   sing N N 13  
ARG N   H    sing N N 14  
ARG N   H2   sing N N 15  
ARG CA  C    sing N N 16  
ARG CA  CB   sing N N 17  
ARG CA  HA   sing N N 18  
ARG C   O    doub N N 19  
ARG C   OXT  sing N N 20  
ARG CB  CG   sing N N 21  
ARG CB  HB2  sing N N 22  
ARG CB  HB3  sing N N 23  
ARG CG  CD   sing N N 24  
ARG CG  HG2  sing N N 25  
ARG CG  HG3  sing N N 26  
ARG CD  NE   sing N N 27  
ARG CD  HD2  sing N N 28  
ARG CD  HD3  sing N N 29  
ARG NE  CZ   sing N N 30  
ARG NE  HE   sing N N 31  
ARG CZ  NH1  sing N N 32  
ARG CZ  NH2  doub N N 33  
ARG NH1 HH11 sing N N 34  
ARG NH1 HH12 sing N N 35  
ARG NH2 HH21 sing N N 36  
ARG NH2 HH22 sing N N 37  
ARG OXT HXT  sing N N 38  
ASN N   CA   sing N N 39  
ASN N   H    sing N N 40  
ASN N   H2   sing N N 41  
ASN CA  C    sing N N 42  
ASN CA  CB   sing N N 43  
ASN CA  HA   sing N N 44  
ASN C   O    doub N N 45  
ASN C   OXT  sing N N 46  
ASN CB  CG   sing N N 47  
ASN CB  HB2  sing N N 48  
ASN CB  HB3  sing N N 49  
ASN CG  OD1  doub N N 50  
ASN CG  ND2  sing N N 51  
ASN ND2 HD21 sing N N 52  
ASN ND2 HD22 sing N N 53  
ASN OXT HXT  sing N N 54  
ASP N   CA   sing N N 55  
ASP N   H    sing N N 56  
ASP N   H2   sing N N 57  
ASP CA  C    sing N N 58  
ASP CA  CB   sing N N 59  
ASP CA  HA   sing N N 60  
ASP C   O    doub N N 61  
ASP C   OXT  sing N N 62  
ASP CB  CG   sing N N 63  
ASP CB  HB2  sing N N 64  
ASP CB  HB3  sing N N 65  
ASP CG  OD1  doub N N 66  
ASP CG  OD2  sing N N 67  
ASP OD2 HD2  sing N N 68  
ASP OXT HXT  sing N N 69  
CYS N   CA   sing N N 70  
CYS N   H    sing N N 71  
CYS N   H2   sing N N 72  
CYS CA  C    sing N N 73  
CYS CA  CB   sing N N 74  
CYS CA  HA   sing N N 75  
CYS C   O    doub N N 76  
CYS C   OXT  sing N N 77  
CYS CB  SG   sing N N 78  
CYS CB  HB2  sing N N 79  
CYS CB  HB3  sing N N 80  
CYS SG  HG   sing N N 81  
CYS OXT HXT  sing N N 82  
GLN N   CA   sing N N 83  
GLN N   H    sing N N 84  
GLN N   H2   sing N N 85  
GLN CA  C    sing N N 86  
GLN CA  CB   sing N N 87  
GLN CA  HA   sing N N 88  
GLN C   O    doub N N 89  
GLN C   OXT  sing N N 90  
GLN CB  CG   sing N N 91  
GLN CB  HB2  sing N N 92  
GLN CB  HB3  sing N N 93  
GLN CG  CD   sing N N 94  
GLN CG  HG2  sing N N 95  
GLN CG  HG3  sing N N 96  
GLN CD  OE1  doub N N 97  
GLN CD  NE2  sing N N 98  
GLN NE2 HE21 sing N N 99  
GLN NE2 HE22 sing N N 100 
GLN OXT HXT  sing N N 101 
GLU N   CA   sing N N 102 
GLU N   H    sing N N 103 
GLU N   H2   sing N N 104 
GLU CA  C    sing N N 105 
GLU CA  CB   sing N N 106 
GLU CA  HA   sing N N 107 
GLU C   O    doub N N 108 
GLU C   OXT  sing N N 109 
GLU CB  CG   sing N N 110 
GLU CB  HB2  sing N N 111 
GLU CB  HB3  sing N N 112 
GLU CG  CD   sing N N 113 
GLU CG  HG2  sing N N 114 
GLU CG  HG3  sing N N 115 
GLU CD  OE1  doub N N 116 
GLU CD  OE2  sing N N 117 
GLU OE2 HE2  sing N N 118 
GLU OXT HXT  sing N N 119 
GLY N   CA   sing N N 120 
GLY N   H    sing N N 121 
GLY N   H2   sing N N 122 
GLY CA  C    sing N N 123 
GLY CA  HA2  sing N N 124 
GLY CA  HA3  sing N N 125 
GLY C   O    doub N N 126 
GLY C   OXT  sing N N 127 
GLY OXT HXT  sing N N 128 
HIS N   CA   sing N N 129 
HIS N   H    sing N N 130 
HIS N   H2   sing N N 131 
HIS CA  C    sing N N 132 
HIS CA  CB   sing N N 133 
HIS CA  HA   sing N N 134 
HIS C   O    doub N N 135 
HIS C   OXT  sing N N 136 
HIS CB  CG   sing N N 137 
HIS CB  HB2  sing N N 138 
HIS CB  HB3  sing N N 139 
HIS CG  ND1  sing Y N 140 
HIS CG  CD2  doub Y N 141 
HIS ND1 CE1  doub Y N 142 
HIS ND1 HD1  sing N N 143 
HIS CD2 NE2  sing Y N 144 
HIS CD2 HD2  sing N N 145 
HIS CE1 NE2  sing Y N 146 
HIS CE1 HE1  sing N N 147 
HIS NE2 HE2  sing N N 148 
HIS OXT HXT  sing N N 149 
HOH O   H1   sing N N 150 
HOH O   H2   sing N N 151 
ILE N   CA   sing N N 152 
ILE N   H    sing N N 153 
ILE N   H2   sing N N 154 
ILE CA  C    sing N N 155 
ILE CA  CB   sing N N 156 
ILE CA  HA   sing N N 157 
ILE C   O    doub N N 158 
ILE C   OXT  sing N N 159 
ILE CB  CG1  sing N N 160 
ILE CB  CG2  sing N N 161 
ILE CB  HB   sing N N 162 
ILE CG1 CD1  sing N N 163 
ILE CG1 HG12 sing N N 164 
ILE CG1 HG13 sing N N 165 
ILE CG2 HG21 sing N N 166 
ILE CG2 HG22 sing N N 167 
ILE CG2 HG23 sing N N 168 
ILE CD1 HD11 sing N N 169 
ILE CD1 HD12 sing N N 170 
ILE CD1 HD13 sing N N 171 
ILE OXT HXT  sing N N 172 
LEU N   CA   sing N N 173 
LEU N   H    sing N N 174 
LEU N   H2   sing N N 175 
LEU CA  C    sing N N 176 
LEU CA  CB   sing N N 177 
LEU CA  HA   sing N N 178 
LEU C   O    doub N N 179 
LEU C   OXT  sing N N 180 
LEU CB  CG   sing N N 181 
LEU CB  HB2  sing N N 182 
LEU CB  HB3  sing N N 183 
LEU CG  CD1  sing N N 184 
LEU CG  CD2  sing N N 185 
LEU CG  HG   sing N N 186 
LEU CD1 HD11 sing N N 187 
LEU CD1 HD12 sing N N 188 
LEU CD1 HD13 sing N N 189 
LEU CD2 HD21 sing N N 190 
LEU CD2 HD22 sing N N 191 
LEU CD2 HD23 sing N N 192 
LEU OXT HXT  sing N N 193 
LYS N   CA   sing N N 194 
LYS N   H    sing N N 195 
LYS N   H2   sing N N 196 
LYS CA  C    sing N N 197 
LYS CA  CB   sing N N 198 
LYS CA  HA   sing N N 199 
LYS C   O    doub N N 200 
LYS C   OXT  sing N N 201 
LYS CB  CG   sing N N 202 
LYS CB  HB2  sing N N 203 
LYS CB  HB3  sing N N 204 
LYS CG  CD   sing N N 205 
LYS CG  HG2  sing N N 206 
LYS CG  HG3  sing N N 207 
LYS CD  CE   sing N N 208 
LYS CD  HD2  sing N N 209 
LYS CD  HD3  sing N N 210 
LYS CE  NZ   sing N N 211 
LYS CE  HE2  sing N N 212 
LYS CE  HE3  sing N N 213 
LYS NZ  HZ1  sing N N 214 
LYS NZ  HZ2  sing N N 215 
LYS NZ  HZ3  sing N N 216 
LYS OXT HXT  sing N N 217 
MSE N   CA   sing N N 218 
MSE N   H    sing N N 219 
MSE N   H2   sing N N 220 
MSE CA  C    sing N N 221 
MSE CA  CB   sing N N 222 
MSE CA  HA   sing N N 223 
MSE C   O    doub N N 224 
MSE C   OXT  sing N N 225 
MSE OXT HXT  sing N N 226 
MSE CB  CG   sing N N 227 
MSE CB  HB2  sing N N 228 
MSE CB  HB3  sing N N 229 
MSE CG  SE   sing N N 230 
MSE CG  HG2  sing N N 231 
MSE CG  HG3  sing N N 232 
MSE SE  CE   sing N N 233 
MSE CE  HE1  sing N N 234 
MSE CE  HE2  sing N N 235 
MSE CE  HE3  sing N N 236 
PHE N   CA   sing N N 237 
PHE N   H    sing N N 238 
PHE N   H2   sing N N 239 
PHE CA  C    sing N N 240 
PHE CA  CB   sing N N 241 
PHE CA  HA   sing N N 242 
PHE C   O    doub N N 243 
PHE C   OXT  sing N N 244 
PHE CB  CG   sing N N 245 
PHE CB  HB2  sing N N 246 
PHE CB  HB3  sing N N 247 
PHE CG  CD1  doub Y N 248 
PHE CG  CD2  sing Y N 249 
PHE CD1 CE1  sing Y N 250 
PHE CD1 HD1  sing N N 251 
PHE CD2 CE2  doub Y N 252 
PHE CD2 HD2  sing N N 253 
PHE CE1 CZ   doub Y N 254 
PHE CE1 HE1  sing N N 255 
PHE CE2 CZ   sing Y N 256 
PHE CE2 HE2  sing N N 257 
PHE CZ  HZ   sing N N 258 
PHE OXT HXT  sing N N 259 
PRO N   CA   sing N N 260 
PRO N   CD   sing N N 261 
PRO N   H    sing N N 262 
PRO CA  C    sing N N 263 
PRO CA  CB   sing N N 264 
PRO CA  HA   sing N N 265 
PRO C   O    doub N N 266 
PRO C   OXT  sing N N 267 
PRO CB  CG   sing N N 268 
PRO CB  HB2  sing N N 269 
PRO CB  HB3  sing N N 270 
PRO CG  CD   sing N N 271 
PRO CG  HG2  sing N N 272 
PRO CG  HG3  sing N N 273 
PRO CD  HD2  sing N N 274 
PRO CD  HD3  sing N N 275 
PRO OXT HXT  sing N N 276 
SER N   CA   sing N N 277 
SER N   H    sing N N 278 
SER N   H2   sing N N 279 
SER CA  C    sing N N 280 
SER CA  CB   sing N N 281 
SER CA  HA   sing N N 282 
SER C   O    doub N N 283 
SER C   OXT  sing N N 284 
SER CB  OG   sing N N 285 
SER CB  HB2  sing N N 286 
SER CB  HB3  sing N N 287 
SER OG  HG   sing N N 288 
SER OXT HXT  sing N N 289 
THR N   CA   sing N N 290 
THR N   H    sing N N 291 
THR N   H2   sing N N 292 
THR CA  C    sing N N 293 
THR CA  CB   sing N N 294 
THR CA  HA   sing N N 295 
THR C   O    doub N N 296 
THR C   OXT  sing N N 297 
THR CB  OG1  sing N N 298 
THR CB  CG2  sing N N 299 
THR CB  HB   sing N N 300 
THR OG1 HG1  sing N N 301 
THR CG2 HG21 sing N N 302 
THR CG2 HG22 sing N N 303 
THR CG2 HG23 sing N N 304 
THR OXT HXT  sing N N 305 
TYR N   CA   sing N N 306 
TYR N   H    sing N N 307 
TYR N   H2   sing N N 308 
TYR CA  C    sing N N 309 
TYR CA  CB   sing N N 310 
TYR CA  HA   sing N N 311 
TYR C   O    doub N N 312 
TYR C   OXT  sing N N 313 
TYR CB  CG   sing N N 314 
TYR CB  HB2  sing N N 315 
TYR CB  HB3  sing N N 316 
TYR CG  CD1  doub Y N 317 
TYR CG  CD2  sing Y N 318 
TYR CD1 CE1  sing Y N 319 
TYR CD1 HD1  sing N N 320 
TYR CD2 CE2  doub Y N 321 
TYR CD2 HD2  sing N N 322 
TYR CE1 CZ   doub Y N 323 
TYR CE1 HE1  sing N N 324 
TYR CE2 CZ   sing Y N 325 
TYR CE2 HE2  sing N N 326 
TYR CZ  OH   sing N N 327 
TYR OH  HH   sing N N 328 
TYR OXT HXT  sing N N 329 
VAL N   CA   sing N N 330 
VAL N   H    sing N N 331 
VAL N   H2   sing N N 332 
VAL CA  C    sing N N 333 
VAL CA  CB   sing N N 334 
VAL CA  HA   sing N N 335 
VAL C   O    doub N N 336 
VAL C   OXT  sing N N 337 
VAL CB  CG1  sing N N 338 
VAL CB  CG2  sing N N 339 
VAL CB  HB   sing N N 340 
VAL CG1 HG11 sing N N 341 
VAL CG1 HG12 sing N N 342 
VAL CG1 HG13 sing N N 343 
VAL CG2 HG21 sing N N 344 
VAL CG2 HG22 sing N N 345 
VAL CG2 HG23 sing N N 346 
VAL OXT HXT  sing N N 347 
# 
_atom_sites.entry_id                    1GTD 
_atom_sites.fract_transf_matrix[1][1]   0.00676909 
_atom_sites.fract_transf_matrix[1][2]   -0.01592671 
_atom_sites.fract_transf_matrix[1][3]   -0.00678203 
_atom_sites.fract_transf_matrix[2][1]   0.01040734 
_atom_sites.fract_transf_matrix[2][2]   -0.00207473 
_atom_sites.fract_transf_matrix[2][3]   0.01525973 
_atom_sites.fract_transf_matrix[3][1]   -0.00521545 
_atom_sites.fract_transf_matrix[3][2]   -0.00352710 
_atom_sites.fract_transf_matrix[3][3]   0.00307745 
_atom_sites.fract_transf_vector[1]      0.290600 
_atom_sites.fract_transf_vector[2]      0.570363 
_atom_sites.fract_transf_vector[3]      0.005475 
# 
loop_
_atom_type.symbol 
C  
N  
O  
S  
SE 
# 
loop_
_atom_site.group_PDB 
_atom_site.id 
_atom_site.type_symbol 
_atom_site.label_atom_id 
_atom_site.label_alt_id 
_atom_site.label_comp_id 
_atom_site.label_asym_id 
_atom_site.label_entity_id 
_atom_site.label_seq_id 
_atom_site.pdbx_PDB_ins_code 
_atom_site.Cartn_x 
_atom_site.Cartn_y 
_atom_site.Cartn_z 
_atom_site.occupancy 
_atom_site.B_iso_or_equiv 
_atom_site.pdbx_formal_charge 
_atom_site.auth_seq_id 
_atom_site.auth_comp_id 
_atom_site.auth_asym_id 
_atom_site.auth_atom_id 
_atom_site.pdbx_PDB_model_num 
ATOM   1    N  N   . LYS A 1 2  ? -3.935  15.965  -15.495 1.00   42.41 ? 2    LYS A N   1 
ATOM   2    C  CA  . LYS A 1 2  ? -5.283  16.489  -15.110 1.00   42.19 ? 2    LYS A CA  1 
ATOM   3    C  C   . LYS A 1 2  ? -5.851  15.830  -13.859 1.00   41.44 ? 2    LYS A C   1 
ATOM   4    O  O   . LYS A 1 2  ? -6.144  16.511  -12.871 1.00   43.38 ? 2    LYS A O   1 
ATOM   5    C  CB  . LYS A 1 2  ? -6.284  16.314  -16.260 1.00   41.76 ? 2    LYS A CB  1 
ATOM   6    C  CG  . LYS A 1 2  ? -6.196  17.382  -17.327 1.00   41.93 ? 2    LYS A CG  1 
ATOM   7    C  CD  . LYS A 1 2  ? -7.300  17.236  -18.361 1.00   42.07 ? 2    LYS A CD  1 
ATOM   8    C  CE  . LYS A 1 2  ? -7.208  18.339  -19.416 1.00   41.30 ? 2    LYS A CE  1 
ATOM   9    N  NZ  . LYS A 1 2  ? -8.284  18.230  -20.437 1.00   39.66 ? 2    LYS A NZ  1 
ATOM   10   N  N   . PHE A 1 3  ? -6.013  14.509  -13.900 1.00   40.09 ? 3    PHE A N   1 
ATOM   11   C  CA  . PHE A 1 3  ? -6.561  13.773  -12.760 1.00   38.22 ? 3    PHE A CA  1 
ATOM   12   C  C   . PHE A 1 3  ? -5.559  12.885  -12.052 1.00   37.87 ? 3    PHE A C   1 
ATOM   13   O  O   . PHE A 1 3  ? -4.885  12.068  -12.676 1.00   37.79 ? 3    PHE A O   1 
ATOM   14   C  CB  . PHE A 1 3  ? -7.740  12.905  -13.190 1.00   36.15 ? 3    PHE A CB  1 
ATOM   15   C  CG  . PHE A 1 3  ? -8.860  13.672  -13.818 1.00   35.16 ? 3    PHE A CG  1 
ATOM   16   C  CD1 . PHE A 1 3  ? -8.990  13.731  -15.206 1.00   35.31 ? 3    PHE A CD1 1 
ATOM   17   C  CD2 . PHE A 1 3  ? -9.787  14.344  -13.025 1.00   33.57 ? 3    PHE A CD2 1 
ATOM   18   C  CE1 . PHE A 1 3  ? -10.036 14.451  -15.800 1.00   35.38 ? 3    PHE A CE1 1 
ATOM   19   C  CE2 . PHE A 1 3  ? -10.830 15.063  -13.606 1.00   33.72 ? 3    PHE A CE2 1 
ATOM   20   C  CZ  . PHE A 1 3  ? -10.956 15.117  -14.999 1.00   33.31 ? 3    PHE A CZ  1 
HETATM 21   N  N   . MSE A 1 4  ? -5.481  13.052  -10.739 1.00   38.99 ? 4    MSE A N   1 
HETATM 22   C  CA  . MSE A 1 4  ? -4.597  12.263  -9.895  1.00   39.89 ? 4    MSE A CA  1 
HETATM 23   C  C   . MSE A 1 4  ? -5.455  11.134  -9.319  1.00   37.09 ? 4    MSE A C   1 
HETATM 24   O  O   . MSE A 1 4  ? -6.391  11.377  -8.561  1.00   34.76 ? 4    MSE A O   1 
HETATM 25   C  CB  . MSE A 1 4  ? -4.034  13.145  -8.773  1.00   47.36 ? 4    MSE A CB  1 
HETATM 26   C  CG  . MSE A 1 4  ? -3.346  12.390  -7.659  1.00   56.78 ? 4    MSE A CG  1 
HETATM 27   SE SE  . MSE A 1 4  ? -2.043  11.131  -8.333  1.00   74.75 ? 4    MSE A SE  1 
HETATM 28   C  CE  . MSE A 1 4  ? -0.589  12.381  -8.681  1.00   68.74 ? 4    MSE A CE  1 
ATOM   29   N  N   . VAL A 1 5  ? -5.141  9.900   -9.694  1.00   33.04 ? 5    VAL A N   1 
ATOM   30   C  CA  . VAL A 1 5  ? -5.909  8.758   -9.229  1.00   29.08 ? 5    VAL A CA  1 
ATOM   31   C  C   . VAL A 1 5  ? -5.158  7.890   -8.236  1.00   28.21 ? 5    VAL A C   1 
ATOM   32   O  O   . VAL A 1 5  ? -3.944  7.715   -8.336  1.00   28.56 ? 5    VAL A O   1 
ATOM   33   C  CB  . VAL A 1 5  ? -6.324  7.862   -10.406 1.00   29.15 ? 5    VAL A CB  1 
ATOM   34   C  CG1 . VAL A 1 5  ? -7.155  6.694   -9.896  1.00   29.24 ? 5    VAL A CG1 1 
ATOM   35   C  CG2 . VAL A 1 5  ? -7.108  8.671   -11.431 1.00   27.05 ? 5    VAL A CG2 1 
ATOM   36   N  N   . GLU A 1 6  ? -5.889  7.349   -7.269  1.00   26.75 ? 6    GLU A N   1 
ATOM   37   C  CA  . GLU A 1 6  ? -5.295  6.464   -6.282  1.00   25.02 ? 6    GLU A CA  1 
ATOM   38   C  C   . GLU A 1 6  ? -6.212  5.279   -6.029  1.00   23.53 ? 6    GLU A C   1 
ATOM   39   O  O   . GLU A 1 6  ? -7.366  5.455   -5.636  1.00   24.27 ? 6    GLU A O   1 
ATOM   40   C  CB  . GLU A 1 6  ? -5.034  7.178   -4.957  1.00   25.39 ? 6    GLU A CB  1 
ATOM   41   C  CG  . GLU A 1 6  ? -4.629  6.180   -3.873  1.00   29.36 ? 6    GLU A CG  1 
ATOM   42   C  CD  . GLU A 1 6  ? -4.311  6.798   -2.523  1.00   30.47 ? 6    GLU A CD  1 
ATOM   43   O  OE1 . GLU A 1 6  ? -3.298  7.528   -2.410  1.00   32.70 ? 6    GLU A OE1 1 
ATOM   44   O  OE2 . GLU A 1 6  ? -5.077  6.537   -1.568  1.00   30.95 ? 6    GLU A OE2 1 
ATOM   45   N  N   . VAL A 1 7  ? -5.696  4.075   -6.252  1.00   21.57 ? 7    VAL A N   1 
ATOM   46   C  CA  . VAL A 1 7  ? -6.466  2.858   -6.032  1.00   19.46 ? 7    VAL A CA  1 
ATOM   47   C  C   . VAL A 1 7  ? -5.843  2.051   -4.896  1.00   20.32 ? 7    VAL A C   1 
ATOM   48   O  O   . VAL A 1 7  ? -4.682  1.649   -4.964  1.00   18.36 ? 7    VAL A O   1 
ATOM   49   C  CB  . VAL A 1 7  ? -6.507  1.975   -7.293  1.00   18.55 ? 7    VAL A CB  1 
ATOM   50   C  CG1 . VAL A 1 7  ? -7.366  0.746   -7.038  1.00   17.52 ? 7    VAL A CG1 1 
ATOM   51   C  CG2 . VAL A 1 7  ? -7.047  2.764   -8.467  1.00   17.37 ? 7    VAL A CG2 1 
ATOM   52   N  N   . ARG A 1 8  ? -6.619  1.829   -3.841  1.00   22.69 ? 8    ARG A N   1 
ATOM   53   C  CA  . ARG A 1 8  ? -6.151  1.063   -2.696  1.00   23.65 ? 8    ARG A CA  1 
ATOM   54   C  C   . ARG A 1 8  ? -6.831  -0.300  -2.780  1.00   23.54 ? 8    ARG A C   1 
ATOM   55   O  O   . ARG A 1 8  ? -8.050  -0.387  -2.932  1.00   22.54 ? 8    ARG A O   1 
ATOM   56   C  CB  . ARG A 1 8  ? -6.527  1.764   -1.394  1.00   27.06 ? 8    ARG A CB  1 
ATOM   57   C  CG  . ARG A 1 8  ? -6.454  3.287   -1.442  1.00   31.22 ? 8    ARG A CG  1 
ATOM   58   C  CD  . ARG A 1 8  ? -6.620  3.886   -0.052  1.00   35.49 ? 8    ARG A CD  1 
ATOM   59   N  NE  . ARG A 1 8  ? -5.430  3.650   0.766   1.00   42.63 ? 8    ARG A NE  1 
ATOM   60   C  CZ  . ARG A 1 8  ? -5.313  3.976   2.053   1.00   46.22 ? 8    ARG A CZ  1 
ATOM   61   N  NH1 . ARG A 1 8  ? -6.325  4.557   2.694   1.00   47.96 ? 8    ARG A NH1 1 
ATOM   62   N  NH2 . ARG A 1 8  ? -4.173  3.734   2.698   1.00   45.60 ? 8    ARG A NH2 1 
ATOM   63   N  N   . ILE A 1 9  ? -6.027  -1.353  -2.681  1.00   23.07 ? 9    ILE A N   1 
ATOM   64   C  CA  . ILE A 1 9  ? -6.500  -2.724  -2.790  1.00   22.99 ? 9    ILE A CA  1 
ATOM   65   C  C   . ILE A 1 9  ? -6.154  -3.550  -1.555  1.00   24.40 ? 9    ILE A C   1 
ATOM   66   O  O   . ILE A 1 9  ? -4.984  -3.666  -1.187  1.00   25.19 ? 9    ILE A O   1 
ATOM   67   C  CB  . ILE A 1 9  ? -5.870  -3.378  -4.036  1.00   21.82 ? 9    ILE A CB  1 
ATOM   68   C  CG1 . ILE A 1 9  ? -6.117  -2.470  -5.247  1.00   21.01 ? 9    ILE A CG1 1 
ATOM   69   C  CG2 . ILE A 1 9  ? -6.445  -4.765  -4.260  1.00   21.76 ? 9    ILE A CG2 1 
ATOM   70   C  CD1 . ILE A 1 9  ? -5.285  -2.779  -6.445  1.00   20.02 ? 9    ILE A CD1 1 
ATOM   71   N  N   . ARG A 1 10 ? -7.175  -4.114  -0.910  1.00   24.69 ? 10   ARG A N   1 
ATOM   72   C  CA  . ARG A 1 10 ? -6.969  -4.940  0.278   1.00   23.59 ? 10   ARG A CA  1 
ATOM   73   C  C   . ARG A 1 10 ? -7.863  -6.177  0.276   1.00   21.49 ? 10   ARG A C   1 
ATOM   74   O  O   . ARG A 1 10 ? -9.047  -6.080  -0.005  1.00   20.56 ? 10   ARG A O   1 
ATOM   75   C  CB  . ARG A 1 10 ? -7.234  -4.125  1.544   1.00   24.96 ? 10   ARG A CB  1 
ATOM   76   C  CG  . ARG A 1 10 ? -6.843  -4.859  2.827   1.00   27.82 ? 10   ARG A CG  1 
ATOM   77   C  CD  . ARG A 1 10 ? -6.743  -3.899  3.988   1.00   30.70 ? 10   ARG A CD  1 
ATOM   78   N  NE  . ARG A 1 10 ? -8.038  -3.306  4.297   1.00   36.08 ? 10   ARG A NE  1 
ATOM   79   C  CZ  . ARG A 1 10 ? -8.206  -2.071  4.769   1.00   38.39 ? 10   ARG A CZ  1 
ATOM   80   N  NH1 . ARG A 1 10 ? -7.153  -1.288  4.987   1.00   36.82 ? 10   ARG A NH1 1 
ATOM   81   N  NH2 . ARG A 1 10 ? -9.433  -1.619  5.025   1.00   40.39 ? 10   ARG A NH2 1 
ATOM   82   N  N   . LEU A 1 11 ? -7.290  -7.339  0.580   1.00   21.37 ? 11   LEU A N   1 
ATOM   83   C  CA  . LEU A 1 11 ? -8.053  -8.592  0.627   1.00   20.17 ? 11   LEU A CA  1 
ATOM   84   C  C   . LEU A 1 11 ? -9.215  -8.475  1.613   1.00   20.71 ? 11   LEU A C   1 
ATOM   85   O  O   . LEU A 1 11 ? -9.072  -7.888  2.692   1.00   20.35 ? 11   LEU A O   1 
ATOM   86   C  CB  . LEU A 1 11 ? -7.160  -9.757  1.070   1.00   18.44 ? 11   LEU A CB  1 
ATOM   87   C  CG  . LEU A 1 11 ? -6.121  -10.335 0.115   1.00   15.72 ? 11   LEU A CG  1 
ATOM   88   C  CD1 . LEU A 1 11 ? -5.069  -11.061 0.920   1.00   13.81 ? 11   LEU A CD1 1 
ATOM   89   C  CD2 . LEU A 1 11 ? -6.784  -11.270 -0.872  1.00   15.19 ? 11   LEU A CD2 1 
ATOM   90   N  N   . LYS A 1 12 ? -10.357 -9.047  1.241   1.00   21.28 ? 12   LYS A N   1 
ATOM   91   C  CA  . LYS A 1 12 ? -11.537 -9.018  2.090   1.00   21.81 ? 12   LYS A CA  1 
ATOM   92   C  C   . LYS A 1 12 ? -11.315 -9.792  3.381   1.00   23.39 ? 12   LYS A C   1 
ATOM   93   O  O   . LYS A 1 12 ? -10.535 -10.740 3.426   1.00   23.15 ? 12   LYS A O   1 
ATOM   94   C  CB  . LYS A 1 12 ? -12.723 -9.617  1.360   1.00   20.08 ? 12   LYS A CB  1 
ATOM   95   C  CG  . LYS A 1 12 ? -13.041 -8.939  0.061   1.00   20.20 ? 12   LYS A CG  1 
ATOM   96   C  CD  . LYS A 1 12 ? -14.338 -9.492  -0.448  1.00   20.81 ? 12   LYS A CD  1 
ATOM   97   C  CE  . LYS A 1 12 ? -14.709 -8.969  -1.808  1.00   18.93 ? 12   LYS A CE  1 
ATOM   98   N  NZ  . LYS A 1 12 ? -15.843 -9.804  -2.288  1.00   21.87 ? 12   LYS A NZ  1 
ATOM   99   N  N   . LYS A 1 13 ? -12.009 -9.383  4.434   1.00   26.51 ? 13   LYS A N   1 
ATOM   100  C  CA  . LYS A 1 13 ? -11.873 -10.060 5.713   1.00   28.74 ? 13   LYS A CA  1 
ATOM   101  C  C   . LYS A 1 13 ? -12.159 -11.548 5.517   1.00   28.90 ? 13   LYS A C   1 
ATOM   102  O  O   . LYS A 1 13 ? -13.071 -11.925 4.771   1.00   27.44 ? 13   LYS A O   1 
ATOM   103  C  CB  . LYS A 1 13 ? -12.844 -9.457  6.731   1.00   29.62 ? 13   LYS A CB  1 
ATOM   104  C  CG  . LYS A 1 13 ? -12.649 -9.973  8.141   1.00   31.63 ? 13   LYS A CG  1 
ATOM   105  C  CD  . LYS A 1 13 ? -13.496 -9.187  9.121   1.00   33.80 ? 13   LYS A CD  1 
ATOM   106  C  CE  . LYS A 1 13 ? -13.303 -9.686  10.545  1.00   35.00 ? 13   LYS A CE  1 
ATOM   107  N  NZ  . LYS A 1 13 ? -13.933 -11.013 10.764  1.00   36.58 ? 13   LYS A NZ  1 
ATOM   108  N  N   . GLY A 1 14 ? -11.364 -12.388 6.172   1.00   28.51 ? 14   GLY A N   1 
ATOM   109  C  CA  . GLY A 1 14 ? -11.553 -13.821 6.056   1.00   29.70 ? 14   GLY A CA  1 
ATOM   110  C  C   . GLY A 1 14 ? -10.666 -14.461 5.011   1.00   30.21 ? 14   GLY A C   1 
ATOM   111  O  O   . GLY A 1 14 ? -10.452 -15.674 5.020   1.00   31.42 ? 14   GLY A O   1 
HETATM 112  N  N   . MSE A 1 15 ? -10.150 -13.637 4.109   1.00   30.34 ? 15   MSE A N   1 
HETATM 113  C  CA  . MSE A 1 15 ? -9.275  -14.091 3.037   1.00   30.14 ? 15   MSE A CA  1 
HETATM 114  C  C   . MSE A 1 15 ? -7.834  -14.208 3.539   1.00   29.33 ? 15   MSE A C   1 
HETATM 115  O  O   . MSE A 1 15 ? -7.305  -13.273 4.156   1.00   29.35 ? 15   MSE A O   1 
HETATM 116  C  CB  . MSE A 1 15 ? -9.318  -13.080 1.892   1.00   34.22 ? 15   MSE A CB  1 
HETATM 117  C  CG  . MSE A 1 15 ? -9.670  -13.639 0.535   1.00   38.74 ? 15   MSE A CG  1 
HETATM 118  SE SE  . MSE A 1 15 ? -11.409 -14.438 0.523   1.00   46.81 ? 15   MSE A SE  1 
HETATM 119  C  CE  . MSE A 1 15 ? -12.445 -12.925 1.164   1.00   45.74 ? 15   MSE A CE  1 
ATOM   120  N  N   . LEU A 1 16 ? -7.195  -15.345 3.261   1.00   26.42 ? 16   LEU A N   1 
ATOM   121  C  CA  . LEU A 1 16 ? -5.802  -15.574 3.663   1.00   23.12 ? 16   LEU A CA  1 
ATOM   122  C  C   . LEU A 1 16 ? -4.849  -14.586 2.985   1.00   22.26 ? 16   LEU A C   1 
ATOM   123  O  O   . LEU A 1 16 ? -4.947  -14.321 1.780   1.00   18.94 ? 16   LEU A O   1 
ATOM   124  C  CB  . LEU A 1 16 ? -5.361  -17.001 3.304   1.00   21.89 ? 16   LEU A CB  1 
ATOM   125  C  CG  . LEU A 1 16 ? -3.866  -17.319 3.489   1.00   20.97 ? 16   LEU A CG  1 
ATOM   126  C  CD1 . LEU A 1 16 ? -3.490  -17.234 4.961   1.00   19.36 ? 16   LEU A CD1 1 
ATOM   127  C  CD2 . LEU A 1 16 ? -3.560  -18.710 2.965   1.00   18.78 ? 16   LEU A CD2 1 
ATOM   128  N  N   . ASN A 1 17 ? -3.919  -14.057 3.770   1.00   21.10 ? 17   ASN A N   1 
ATOM   129  C  CA  . ASN A 1 17 ? -2.938  -13.117 3.254   1.00   22.39 ? 17   ASN A CA  1 
ATOM   130  C  C   . ASN A 1 17 ? -1.559  -13.702 3.508   1.00   24.60 ? 17   ASN A C   1 
ATOM   131  O  O   . ASN A 1 17 ? -0.984  -13.499 4.578   1.00   25.77 ? 17   ASN A O   1 
ATOM   132  C  CB  . ASN A 1 17 ? -3.079  -11.779 3.970   1.00   20.42 ? 17   ASN A CB  1 
ATOM   133  C  CG  . ASN A 1 17 ? -2.230  -10.702 3.351   1.00   17.41 ? 17   ASN A CG  1 
ATOM   134  O  OD1 . ASN A 1 17 ? -2.364  -9.530  3.693   1.00   18.30 ? 17   ASN A OD1 1 
ATOM   135  N  ND2 . ASN A 1 17 ? -1.351  -11.085 2.437   1.00   13.01 ? 17   ASN A ND2 1 
ATOM   136  N  N   . PRO A 1 18 ? -1.010  -14.444 2.526   1.00   26.23 ? 18   PRO A N   1 
ATOM   137  C  CA  . PRO A 1 18 ? 0.311   -15.069 2.656   1.00   27.68 ? 18   PRO A CA  1 
ATOM   138  C  C   . PRO A 1 18 ? 1.396   -14.120 3.167   1.00   29.61 ? 18   PRO A C   1 
ATOM   139  O  O   . PRO A 1 18 ? 2.143   -14.469 4.084   1.00   30.51 ? 18   PRO A O   1 
ATOM   140  C  CB  . PRO A 1 18 ? 0.583   -15.582 1.244   1.00   28.21 ? 18   PRO A CB  1 
ATOM   141  C  CG  . PRO A 1 18 ? -0.799  -15.949 0.766   1.00   26.41 ? 18   PRO A CG  1 
ATOM   142  C  CD  . PRO A 1 18 ? -1.588  -14.732 1.201   1.00   26.36 ? 18   PRO A CD  1 
ATOM   143  N  N   . GLU A 1 19 ? 1.477   -12.922 2.583   1.00   30.20 ? 19   GLU A N   1 
ATOM   144  C  CA  . GLU A 1 19 ? 2.463   -11.936 3.008   1.00   28.11 ? 19   GLU A CA  1 
ATOM   145  C  C   . GLU A 1 19 ? 2.228   -11.503 4.444   1.00   25.72 ? 19   GLU A C   1 
ATOM   146  O  O   . GLU A 1 19 ? 3.153   -11.512 5.248   1.00   27.01 ? 19   GLU A O   1 
ATOM   147  C  CB  . GLU A 1 19 ? 2.456   -10.713 2.080   1.00   31.20 ? 19   GLU A CB  1 
ATOM   148  C  CG  . GLU A 1 19 ? 3.338   -10.899 0.848   1.00   37.75 ? 19   GLU A CG  1 
ATOM   149  C  CD  . GLU A 1 19 ? 4.701   -11.542 1.185   1.00   43.65 ? 19   GLU A CD  1 
ATOM   150  O  OE1 . GLU A 1 19 ? 5.445   -10.986 2.037   1.00   44.81 ? 19   GLU A OE1 1 
ATOM   151  O  OE2 . GLU A 1 19 ? 5.027   -12.606 0.595   1.00   44.02 ? 19   GLU A OE2 1 
ATOM   152  N  N   . ALA A 1 20 ? 0.992   -11.135 4.769   1.00   23.16 ? 20   ALA A N   1 
ATOM   153  C  CA  . ALA A 1 20 ? 0.647   -10.705 6.125   1.00   22.45 ? 20   ALA A CA  1 
ATOM   154  C  C   . ALA A 1 20 ? 1.022   -11.774 7.148   1.00   22.08 ? 20   ALA A C   1 
ATOM   155  O  O   . ALA A 1 20 ? 1.574   -11.470 8.203   1.00   21.61 ? 20   ALA A O   1 
ATOM   156  C  CB  . ALA A 1 20 ? -0.851  -10.402 6.223   1.00   21.99 ? 20   ALA A CB  1 
ATOM   157  N  N   . ALA A 1 21 ? 0.725   -13.030 6.824   1.00   21.82 ? 21   ALA A N   1 
ATOM   158  C  CA  . ALA A 1 21 ? 1.029   -14.144 7.711   1.00   21.64 ? 21   ALA A CA  1 
ATOM   159  C  C   . ALA A 1 21 ? 2.531   -14.368 7.800   1.00   21.54 ? 21   ALA A C   1 
ATOM   160  O  O   . ALA A 1 21 ? 3.058   -14.712 8.863   1.00   22.19 ? 21   ALA A O   1 
ATOM   161  C  CB  . ALA A 1 21 ? 0.336   -15.411 7.222   1.00   21.60 ? 21   ALA A CB  1 
ATOM   162  N  N   . THR A 1 22 ? 3.222   -14.176 6.681   1.00   20.62 ? 22   THR A N   1 
ATOM   163  C  CA  . THR A 1 22 ? 4.670   -14.351 6.641   1.00   21.28 ? 22   THR A CA  1 
ATOM   164  C  C   . THR A 1 22 ? 5.388   -13.283 7.479   1.00   19.89 ? 22   THR A C   1 
ATOM   165  O  O   . THR A 1 22 ? 6.321   -13.581 8.233   1.00   15.97 ? 22   THR A O   1 
ATOM   166  C  CB  . THR A 1 22 ? 5.188   -14.290 5.187   1.00   22.13 ? 22   THR A CB  1 
ATOM   167  O  OG1 . THR A 1 22 ? 4.473   -15.244 4.391   1.00   24.19 ? 22   THR A OG1 1 
ATOM   168  C  CG2 . THR A 1 22 ? 6.677   -14.630 5.132   1.00   20.82 ? 22   THR A CG2 1 
ATOM   169  N  N   . ILE A 1 23 ? 4.942   -12.041 7.342   1.00   20.07 ? 23   ILE A N   1 
ATOM   170  C  CA  . ILE A 1 23 ? 5.522   -10.940 8.090   1.00   20.94 ? 23   ILE A CA  1 
ATOM   171  C  C   . ILE A 1 23 ? 5.273   -11.123 9.581   1.00   22.13 ? 23   ILE A C   1 
ATOM   172  O  O   . ILE A 1 23 ? 6.195   -10.999 10.385  1.00   24.37 ? 23   ILE A O   1 
ATOM   173  C  CB  . ILE A 1 23 ? 4.929   -9.587  7.615   1.00   21.75 ? 23   ILE A CB  1 
ATOM   174  C  CG1 . ILE A 1 23 ? 5.443   -9.280  6.203   1.00   20.05 ? 23   ILE A CG1 1 
ATOM   175  C  CG2 . ILE A 1 23 ? 5.290   -8.465  8.592   1.00   19.40 ? 23   ILE A CG2 1 
ATOM   176  C  CD1 . ILE A 1 23 ? 4.613   -8.259  5.443   1.00   21.40 ? 23   ILE A CD1 1 
ATOM   177  N  N   . GLU A 1 24 ? 4.036   -11.439 9.953   1.00   22.60 ? 24   GLU A N   1 
ATOM   178  C  CA  . GLU A 1 24 ? 3.705   -11.608 11.365  1.00   23.70 ? 24   GLU A CA  1 
ATOM   179  C  C   . GLU A 1 24 ? 4.539   -12.676 12.058  1.00   22.62 ? 24   GLU A C   1 
ATOM   180  O  O   . GLU A 1 24 ? 5.065   -12.450 13.148  1.00   21.55 ? 24   GLU A O   1 
ATOM   181  C  CB  . GLU A 1 24 ? 2.216   -11.922 11.537  1.00   25.90 ? 24   GLU A CB  1 
ATOM   182  C  CG  . GLU A 1 24 ? 1.753   -11.868 12.991  1.00   30.15 ? 24   GLU A CG  1 
ATOM   183  C  CD  . GLU A 1 24 ? 0.246   -11.698 13.133  1.00   34.65 ? 24   GLU A CD  1 
ATOM   184  O  OE1 . GLU A 1 24 ? -0.301  -10.708 12.587  1.00   36.14 ? 24   GLU A OE1 1 
ATOM   185  O  OE2 . GLU A 1 24 ? -0.394  -12.548 13.798  1.00   37.03 ? 24   GLU A OE2 1 
ATOM   186  N  N   . ARG A 1 25 ? 4.655   -13.841 11.430  1.00   22.80 ? 25   ARG A N   1 
ATOM   187  C  CA  . ARG A 1 25 ? 5.436   -14.923 12.011  1.00   23.08 ? 25   ARG A CA  1 
ATOM   188  C  C   . ARG A 1 25 ? 6.907   -14.546 12.099  1.00   22.38 ? 25   ARG A C   1 
ATOM   189  O  O   . ARG A 1 25 ? 7.549   -14.781 13.119  1.00   23.44 ? 25   ARG A O   1 
ATOM   190  C  CB  . ARG A 1 25 ? 5.276   -16.205 11.193  1.00   24.78 ? 25   ARG A CB  1 
ATOM   191  C  CG  . ARG A 1 25 ? 6.068   -17.384 11.740  1.00   25.86 ? 25   ARG A CG  1 
ATOM   192  C  CD  . ARG A 1 25 ? 5.530   -18.704 11.205  1.00   30.52 ? 25   ARG A CD  1 
ATOM   193  N  NE  . ARG A 1 25 ? 6.384   -19.833 11.571  1.00   33.03 ? 25   ARG A NE  1 
ATOM   194  C  CZ  . ARG A 1 25 ? 7.628   -19.995 11.127  1.00   33.76 ? 25   ARG A CZ  1 
ATOM   195  N  NH1 . ARG A 1 25 ? 8.162   -19.102 10.302  1.00   32.26 ? 25   ARG A NH1 1 
ATOM   196  N  NH2 . ARG A 1 25 ? 8.341   -21.047 11.507  1.00   34.04 ? 25   ARG A NH2 1 
ATOM   197  N  N   . ALA A 1 26 ? 7.443   -13.961 11.033  1.00   21.85 ? 26   ALA A N   1 
ATOM   198  C  CA  . ALA A 1 26 ? 8.842   -13.549 11.041  1.00   21.64 ? 26   ALA A CA  1 
ATOM   199  C  C   . ALA A 1 26 ? 9.073   -12.590 12.207  1.00   21.47 ? 26   ALA A C   1 
ATOM   200  O  O   . ALA A 1 26 ? 10.002  -12.770 12.983  1.00   20.78 ? 26   ALA A O   1 
ATOM   201  C  CB  . ALA A 1 26 ? 9.211   -12.875 9.713   1.00   21.08 ? 26   ALA A CB  1 
ATOM   202  N  N   . LEU A 1 27 ? 8.219   -11.580 12.340  1.00   22.46 ? 27   LEU A N   1 
ATOM   203  C  CA  . LEU A 1 27 ? 8.372   -10.631 13.431  1.00   24.64 ? 27   LEU A CA  1 
ATOM   204  C  C   . LEU A 1 27 ? 8.372   -11.332 14.793  1.00   26.87 ? 27   LEU A C   1 
ATOM   205  O  O   . LEU A 1 27 ? 9.263   -11.098 15.622  1.00   29.06 ? 27   LEU A O   1 
ATOM   206  C  CB  . LEU A 1 27 ? 7.279   -9.565  13.358  1.00   24.33 ? 27   LEU A CB  1 
ATOM   207  C  CG  . LEU A 1 27 ? 7.577   -8.532  12.257  1.00   25.33 ? 27   LEU A CG  1 
ATOM   208  C  CD1 . LEU A 1 27 ? 6.441   -7.533  12.120  1.00   25.78 ? 27   LEU A CD1 1 
ATOM   209  C  CD2 . LEU A 1 27 ? 8.873   -7.814  12.594  1.00   25.58 ? 27   LEU A CD2 1 
ATOM   210  N  N   . ALA A 1 28 ? 7.388   -12.197 15.023  1.00   26.96 ? 28   ALA A N   1 
ATOM   211  C  CA  . ALA A 1 28 ? 7.307   -12.944 16.276  1.00   26.21 ? 28   ALA A CA  1 
ATOM   212  C  C   . ALA A 1 28 ? 8.640   -13.624 16.569  1.00   27.85 ? 28   ALA A C   1 
ATOM   213  O  O   . ALA A 1 28 ? 9.115   -13.597 17.706  1.00   28.08 ? 28   ALA A O   1 
ATOM   214  C  CB  . ALA A 1 28 ? 6.216   -13.988 16.188  1.00   24.47 ? 28   ALA A CB  1 
ATOM   215  N  N   . LEU A 1 29 ? 9.234   -14.233 15.539  1.00   29.43 ? 29   LEU A N   1 
ATOM   216  C  CA  . LEU A 1 29 ? 10.506  -14.932 15.680  1.00   29.82 ? 29   LEU A CA  1 
ATOM   217  C  C   . LEU A 1 29 ? 11.663  -13.998 15.993  1.00   31.58 ? 29   LEU A C   1 
ATOM   218  O  O   . LEU A 1 29 ? 12.603  -14.384 16.696  1.00   33.05 ? 29   LEU A O   1 
ATOM   219  C  CB  . LEU A 1 29 ? 10.822  -15.742 14.418  1.00   29.22 ? 29   LEU A CB  1 
ATOM   220  C  CG  . LEU A 1 29 ? 9.912   -16.951 14.140  1.00   28.97 ? 29   LEU A CG  1 
ATOM   221  C  CD1 . LEU A 1 29 ? 10.472  -17.768 12.987  1.00   27.21 ? 29   LEU A CD1 1 
ATOM   222  C  CD2 . LEU A 1 29 ? 9.801   -17.820 15.380  1.00   28.13 ? 29   LEU A CD2 1 
ATOM   223  N  N   . LEU A 1 30 ? 11.599  -12.774 15.475  1.00   32.66 ? 30   LEU A N   1 
ATOM   224  C  CA  . LEU A 1 30 ? 12.647  -11.790 15.723  1.00   33.21 ? 30   LEU A CA  1 
ATOM   225  C  C   . LEU A 1 30 ? 12.465  -11.164 17.102  1.00   33.16 ? 30   LEU A C   1 
ATOM   226  O  O   . LEU A 1 30 ? 13.295  -10.365 17.546  1.00   32.92 ? 30   LEU A O   1 
ATOM   227  C  CB  . LEU A 1 30 ? 12.622  -10.701 14.652  1.00   34.84 ? 30   LEU A CB  1 
ATOM   228  C  CG  . LEU A 1 30 ? 13.206  -11.120 13.305  1.00   35.74 ? 30   LEU A CG  1 
ATOM   229  C  CD1 . LEU A 1 30 ? 13.122  -9.951  12.329  1.00   38.42 ? 30   LEU A CD1 1 
ATOM   230  C  CD2 . LEU A 1 30 ? 14.649  -11.549 13.489  1.00   35.79 ? 30   LEU A CD2 1 
ATOM   231  N  N   . GLY A 1 31 ? 11.371  -11.536 17.767  1.00   33.38 ? 31   GLY A N   1 
ATOM   232  C  CA  . GLY A 1 31 ? 11.072  -11.026 19.095  1.00   32.03 ? 31   GLY A CA  1 
ATOM   233  C  C   . GLY A 1 31 ? 10.030  -9.918  19.169  1.00   32.13 ? 31   GLY A C   1 
ATOM   234  O  O   . GLY A 1 31 ? 9.871   -9.300  20.225  1.00   31.93 ? 31   GLY A O   1 
ATOM   235  N  N   . TYR A 1 32 ? 9.321   -9.655  18.070  1.00   31.12 ? 32   TYR A N   1 
ATOM   236  C  CA  . TYR A 1 32 ? 8.305   -8.609  18.060  1.00   30.34 ? 32   TYR A CA  1 
ATOM   237  C  C   . TYR A 1 32 ? 6.911   -9.195  18.076  1.00   31.29 ? 32   TYR A C   1 
ATOM   238  O  O   . TYR A 1 32 ? 6.534   -9.935  17.170  1.00   32.29 ? 32   TYR A O   1 
ATOM   239  C  CB  . TYR A 1 32 ? 8.432   -7.726  16.824  1.00   29.13 ? 32   TYR A CB  1 
ATOM   240  C  CG  . TYR A 1 32 ? 9.770   -7.063  16.673  1.00   29.26 ? 32   TYR A CG  1 
ATOM   241  C  CD1 . TYR A 1 32 ? 10.829  -7.731  16.053  1.00   30.28 ? 32   TYR A CD1 1 
ATOM   242  C  CD2 . TYR A 1 32 ? 9.985   -5.768  17.149  1.00   28.82 ? 32   TYR A CD2 1 
ATOM   243  C  CE1 . TYR A 1 32 ? 12.068  -7.126  15.905  1.00   29.69 ? 32   TYR A CE1 1 
ATOM   244  C  CE2 . TYR A 1 32 ? 11.224  -5.153  17.013  1.00   28.11 ? 32   TYR A CE2 1 
ATOM   245  C  CZ  . TYR A 1 32 ? 12.259  -5.840  16.387  1.00   29.86 ? 32   TYR A CZ  1 
ATOM   246  O  OH  . TYR A 1 32 ? 13.490  -5.248  16.231  1.00   33.20 ? 32   TYR A OH  1 
ATOM   247  N  N   . GLU A 1 33 ? 6.140   -8.843  19.096  1.00   32.01 ? 33   GLU A N   1 
ATOM   248  C  CA  . GLU A 1 33 ? 4.778   -9.334  19.233  1.00   33.62 ? 33   GLU A CA  1 
ATOM   249  C  C   . GLU A 1 33 ? 3.779   -8.347  18.637  1.00   32.76 ? 33   GLU A C   1 
ATOM   250  O  O   . GLU A 1 33 ? 3.432   -7.324  19.249  1.00   31.96 ? 33   GLU A O   1 
ATOM   251  C  CB  . GLU A 1 33 ? 4.454   -9.586  20.714  1.00   36.72 ? 33   GLU A CB  1 
ATOM   252  C  CG  . GLU A 1 33 ? 5.114   -10.830 21.288  1.00   40.97 ? 33   GLU A CG  1 
ATOM   253  C  CD  . GLU A 1 33 ? 4.481   -12.113 20.761  1.00   46.08 ? 33   GLU A CD  1 
ATOM   254  O  OE1 . GLU A 1 33 ? 5.236   -13.065 20.443  1.00   45.82 ? 33   GLU A OE1 1 
ATOM   255  O  OE2 . GLU A 1 33 ? 3.225   -12.168 20.675  1.00   47.29 ? 33   GLU A OE2 1 
ATOM   256  N  N   . VAL A 1 34 ? 3.323   -8.659  17.431  1.00   30.80 ? 34   VAL A N   1 
ATOM   257  C  CA  . VAL A 1 34 ? 2.361   -7.808  16.749  1.00   30.64 ? 34   VAL A CA  1 
ATOM   258  C  C   . VAL A 1 34 ? 1.151   -8.662  16.400  1.00   30.84 ? 34   VAL A C   1 
ATOM   259  O  O   . VAL A 1 34 ? 1.288   -9.854  16.124  1.00   31.88 ? 34   VAL A O   1 
ATOM   260  C  CB  . VAL A 1 34 ? 2.967   -7.196  15.446  1.00   29.99 ? 34   VAL A CB  1 
ATOM   261  C  CG1 . VAL A 1 34 ? 4.222   -6.398  15.776  1.00   27.78 ? 34   VAL A CG1 1 
ATOM   262  C  CG2 . VAL A 1 34 ? 3.306   -8.296  14.455  1.00   30.21 ? 34   VAL A CG2 1 
ATOM   263  N  N   . GLU A 1 35 ? -0.033  -8.064  16.427  0.0000 30.55 ? 35   GLU A N   1 
ATOM   264  C  CA  . GLU A 1 35 ? -1.247  -8.801  16.097  0.0000 30.95 ? 35   GLU A CA  1 
ATOM   265  C  C   . GLU A 1 35 ? -1.991  -8.114  14.948  0.0000 30.75 ? 35   GLU A C   1 
ATOM   266  O  O   . GLU A 1 35 ? -1.711  -6.964  14.621  0.0000 32.38 ? 35   GLU A O   1 
ATOM   267  C  CB  . GLU A 1 35 ? -2.145  -8.931  17.328  0.0000 30.28 ? 35   GLU A CB  1 
ATOM   268  C  CG  . GLU A 1 35 ? -1.480  -9.613  18.513  0.0000 20.00 ? 35   GLU A CG  1 
ATOM   269  C  CD  . GLU A 1 35 ? -1.277  -11.099 18.289  0.0000 20.00 ? 35   GLU A CD  1 
ATOM   270  O  OE1 . GLU A 1 35 ? -1.537  -11.573 17.163  0.0000 20.00 ? 35   GLU A OE1 1 
ATOM   271  O  OE2 . GLU A 1 35 ? -0.857  -11.791 19.241  0.0000 20.00 ? 35   GLU A OE2 1 
ATOM   272  N  N   . ASP A 1 36 ? -2.916  -8.839  14.326  1.00   30.49 ? 36   ASP A N   1 
ATOM   273  C  CA  . ASP A 1 36 ? -3.741  -8.320  13.232  1.00   30.05 ? 36   ASP A CA  1 
ATOM   274  C  C   . ASP A 1 36 ? -3.004  -7.623  12.099  1.00   28.92 ? 36   ASP A C   1 
ATOM   275  O  O   . ASP A 1 36 ? -3.384  -6.534  11.656  1.00   27.34 ? 36   ASP A O   1 
ATOM   276  C  CB  . ASP A 1 36 ? -4.808  -7.401  13.815  1.00   32.13 ? 36   ASP A CB  1 
ATOM   277  C  CG  . ASP A 1 36 ? -5.617  -8.094  14.889  1.00   35.17 ? 36   ASP A CG  1 
ATOM   278  O  OD1 . ASP A 1 36 ? -6.393  -9.015  14.550  1.00   36.55 ? 36   ASP A OD1 1 
ATOM   279  O  OD2 . ASP A 1 36 ? -5.457  -7.737  16.076  1.00   37.84 ? 36   ASP A OD2 1 
ATOM   280  N  N   . THR A 1 37 ? -1.956  -8.286  11.622  1.00   28.86 ? 37   THR A N   1 
ATOM   281  C  CA  . THR A 1 37 ? -1.137  -7.798  10.532  1.00   27.80 ? 37   THR A CA  1 
ATOM   282  C  C   . THR A 1 37 ? -1.924  -7.857  9.220   1.00   29.84 ? 37   THR A C   1 
ATOM   283  O  O   . THR A 1 37 ? -2.539  -8.874  8.892   1.00   29.97 ? 37   THR A O   1 
ATOM   284  C  CB  . THR A 1 37 ? 0.125   -8.663  10.404  1.00   27.92 ? 37   THR A CB  1 
ATOM   285  O  OG1 . THR A 1 37 ? 0.829   -8.647  11.652  1.00   27.81 ? 37   THR A OG1 1 
ATOM   286  C  CG2 . THR A 1 37 ? 1.041   -8.146  9.280   1.00   26.58 ? 37   THR A CG2 1 
ATOM   287  N  N   . ASP A 1 38 ? -1.911  -6.755  8.474   1.00   30.79 ? 38   ASP A N   1 
ATOM   288  C  CA  . ASP A 1 38 ? -2.600  -6.697  7.197   1.00   30.62 ? 38   ASP A CA  1 
ATOM   289  C  C   . ASP A 1 38 ? -1.751  -5.909  6.184   1.00   31.97 ? 38   ASP A C   1 
ATOM   290  O  O   . ASP A 1 38 ? -0.809  -5.203  6.563   1.00   30.98 ? 38   ASP A O   1 
ATOM   291  C  CB  . ASP A 1 38 ? -3.971  -6.037  7.359   1.00   30.08 ? 38   ASP A CB  1 
ATOM   292  C  CG  . ASP A 1 38 ? -4.938  -6.404  6.221   1.00   30.38 ? 38   ASP A CG  1 
ATOM   293  O  OD1 . ASP A 1 38 ? -6.076  -5.884  6.213   1.00   29.38 ? 38   ASP A OD1 1 
ATOM   294  O  OD2 . ASP A 1 38 ? -4.565  -7.220  5.339   1.00   28.55 ? 38   ASP A OD2 1 
ATOM   295  N  N   . THR A 1 39 ? -2.076  -6.044  4.898   1.00   31.75 ? 39   THR A N   1 
ATOM   296  C  CA  . THR A 1 39 ? -1.339  -5.338  3.859   1.00   31.34 ? 39   THR A CA  1 
ATOM   297  C  C   . THR A 1 39 ? -2.283  -4.735  2.843   1.00   30.92 ? 39   THR A C   1 
ATOM   298  O  O   . THR A 1 39 ? -3.300  -5.328  2.478   1.00   32.53 ? 39   THR A O   1 
ATOM   299  C  CB  . THR A 1 39 ? -0.358  -6.253  3.076   1.00   32.87 ? 39   THR A CB  1 
ATOM   300  O  OG1 . THR A 1 39 ? -1.089  -7.041  2.124   1.00   36.33 ? 39   THR A OG1 1 
ATOM   301  C  CG2 . THR A 1 39 ? 0.438   -7.152  4.029   1.00   32.56 ? 39   THR A CG2 1 
ATOM   302  N  N   . THR A 1 40 ? -1.920  -3.546  2.382   1.00   30.00 ? 40   THR A N   1 
ATOM   303  C  CA  . THR A 1 40 ? -2.691  -2.817  1.399   1.00   28.45 ? 40   THR A CA  1 
ATOM   304  C  C   . THR A 1 40 ? -1.753  -2.430  0.269   1.00   26.78 ? 40   THR A C   1 
ATOM   305  O  O   . THR A 1 40 ? -0.607  -2.071  0.500   1.00   24.69 ? 40   THR A O   1 
ATOM   306  C  CB  . THR A 1 40 ? -3.288  -1.544  2.018   1.00   30.31 ? 40   THR A CB  1 
ATOM   307  O  OG1 . THR A 1 40 ? -4.077  -1.904  3.161   1.00   31.23 ? 40   THR A OG1 1 
ATOM   308  C  CG2 . THR A 1 40 ? -4.162  -0.801  1.006   1.00   30.09 ? 40   THR A CG2 1 
ATOM   309  N  N   . ASP A 1 41 ? -2.248  -2.523  -0.956  1.00   28.36 ? 41   ASP A N   1 
ATOM   310  C  CA  . ASP A 1 41 ? -1.465  -2.178  -2.131  1.00   29.47 ? 41   ASP A CA  1 
ATOM   311  C  C   . ASP A 1 41 ? -2.069  -0.918  -2.696  1.00   29.74 ? 41   ASP A C   1 
ATOM   312  O  O   . ASP A 1 41 ? -3.261  -0.879  -2.973  1.00   30.43 ? 41   ASP A O   1 
ATOM   313  C  CB  . ASP A 1 41 ? -1.537  -3.297  -3.170  1.00   31.04 ? 41   ASP A CB  1 
ATOM   314  C  CG  . ASP A 1 41 ? -0.734  -4.522  -2.763  1.00   35.56 ? 41   ASP A CG  1 
ATOM   315  O  OD1 . ASP A 1 41 ? 0.515   -4.487  -2.879  1.00   36.66 ? 41   ASP A OD1 1 
ATOM   316  O  OD2 . ASP A 1 41 ? -1.352  -5.517  -2.314  1.00   39.08 ? 41   ASP A OD2 1 
ATOM   317  N  N   . VAL A 1 42 ? -1.260  0.125   -2.849  1.00   30.16 ? 42   VAL A N   1 
ATOM   318  C  CA  . VAL A 1 42 ? -1.777  1.374   -3.393  1.00   29.75 ? 42   VAL A CA  1 
ATOM   319  C  C   . VAL A 1 42 ? -1.144  1.699   -4.735  1.00   29.27 ? 42   VAL A C   1 
ATOM   320  O  O   . VAL A 1 42 ? 0.081   1.762   -4.856  1.00   30.08 ? 42   VAL A O   1 
ATOM   321  C  CB  . VAL A 1 42 ? -1.533  2.566   -2.443  1.00   29.90 ? 42   VAL A CB  1 
ATOM   322  C  CG1 . VAL A 1 42 ? -2.125  3.844   -3.056  1.00   28.22 ? 42   VAL A CG1 1 
ATOM   323  C  CG2 . VAL A 1 42 ? -2.158  2.288   -1.082  1.00   29.42 ? 42   VAL A CG2 1 
ATOM   324  N  N   . ILE A 1 43 ? -1.991  1.884   -5.739  1.00   28.59 ? 43   ILE A N   1 
ATOM   325  C  CA  . ILE A 1 43 ? -1.537  2.224   -7.072  1.00   29.58 ? 43   ILE A CA  1 
ATOM   326  C  C   . ILE A 1 43 ? -1.971  3.656   -7.361  1.00   30.56 ? 43   ILE A C   1 
ATOM   327  O  O   . ILE A 1 43 ? -3.159  3.959   -7.315  1.00   31.92 ? 43   ILE A O   1 
ATOM   328  C  CB  . ILE A 1 43 ? -2.185  1.337   -8.138  1.00   30.22 ? 43   ILE A CB  1 
ATOM   329  C  CG1 . ILE A 1 43 ? -2.197  -0.120  -7.679  1.00   31.86 ? 43   ILE A CG1 1 
ATOM   330  C  CG2 . ILE A 1 43 ? -1.441  1.496   -9.455  1.00   29.59 ? 43   ILE A CG2 1 
ATOM   331  C  CD1 . ILE A 1 43 ? -0.836  -0.664  -7.302  1.00   35.27 ? 43   ILE A CD1 1 
ATOM   332  N  N   . THR A 1 44 ? -1.018  4.537   -7.645  1.00   30.63 ? 44   THR A N   1 
ATOM   333  C  CA  . THR A 1 44 ? -1.353  5.924   -7.964  1.00   30.72 ? 44   THR A CA  1 
ATOM   334  C  C   . THR A 1 44 ? -0.933  6.220   -9.394  1.00   29.83 ? 44   THR A C   1 
ATOM   335  O  O   . THR A 1 44 ? -0.014  5.590   -9.918  1.00   29.74 ? 44   THR A O   1 
ATOM   336  C  CB  . THR A 1 44 ? -0.642  6.920   -7.023  1.00   30.80 ? 44   THR A CB  1 
ATOM   337  O  OG1 . THR A 1 44 ? 0.739   6.558   -6.892  1.00   31.17 ? 44   THR A OG1 1 
ATOM   338  C  CG2 . THR A 1 44 ? -1.317  6.932   -5.655  1.00   31.73 ? 44   THR A CG2 1 
ATOM   339  N  N   . PHE A 1 45 ? -1.602  7.169   -10.034 1.00   29.08 ? 45   PHE A N   1 
ATOM   340  C  CA  . PHE A 1 45 ? -1.255  7.503   -11.404 1.00   29.55 ? 45   PHE A CA  1 
ATOM   341  C  C   . PHE A 1 45 ? -2.077  8.636   -11.987 1.00   30.90 ? 45   PHE A C   1 
ATOM   342  O  O   . PHE A 1 45 ? -3.269  8.757   -11.729 1.00   31.95 ? 45   PHE A O   1 
ATOM   343  C  CB  . PHE A 1 45 ? -1.392  6.266   -12.291 1.00   27.80 ? 45   PHE A CB  1 
ATOM   344  C  CG  . PHE A 1 45 ? -2.794  5.707   -12.358 1.00   26.31 ? 45   PHE A CG  1 
ATOM   345  C  CD1 . PHE A 1 45 ? -3.743  6.257   -13.221 1.00   24.46 ? 45   PHE A CD1 1 
ATOM   346  C  CD2 . PHE A 1 45 ? -3.151  4.591   -11.592 1.00   23.68 ? 45   PHE A CD2 1 
ATOM   347  C  CE1 . PHE A 1 45 ? -5.019  5.697   -13.325 1.00   22.38 ? 45   PHE A CE1 1 
ATOM   348  C  CE2 . PHE A 1 45 ? -4.423  4.031   -11.692 1.00   21.29 ? 45   PHE A CE2 1 
ATOM   349  C  CZ  . PHE A 1 45 ? -5.355  4.583   -12.559 1.00   21.69 ? 45   PHE A CZ  1 
ATOM   350  N  N   . THR A 1 46 ? -1.416  9.460   -12.790 1.00   32.89 ? 46   THR A N   1 
ATOM   351  C  CA  . THR A 1 46 ? -2.038  10.597  -13.439 1.00   33.63 ? 46   THR A CA  1 
ATOM   352  C  C   . THR A 1 46 ? -2.729  10.139  -14.720 1.00   35.66 ? 46   THR A C   1 
ATOM   353  O  O   . THR A 1 46 ? -2.323  9.159   -15.340 1.00   35.24 ? 46   THR A O   1 
ATOM   354  C  CB  . THR A 1 46 ? -0.966  11.651  -13.761 1.00   33.34 ? 46   THR A CB  1 
ATOM   355  O  OG1 . THR A 1 46 ? -0.398  12.129  -12.536 1.00   32.40 ? 46   THR A OG1 1 
ATOM   356  C  CG2 . THR A 1 46 ? -1.556  12.814  -14.537 1.00   34.13 ? 46   THR A CG2 1 
HETATM 357  N  N   . MSE A 1 47 ? -3.781  10.842  -15.114 1.00   39.49 ? 47   MSE A N   1 
HETATM 358  C  CA  . MSE A 1 47 ? -4.500  10.491  -16.328 1.00   43.29 ? 47   MSE A CA  1 
HETATM 359  C  C   . MSE A 1 47 ? -5.154  11.729  -16.949 1.00   43.13 ? 47   MSE A C   1 
HETATM 360  O  O   . MSE A 1 47 ? -5.670  12.589  -16.240 1.00   42.75 ? 47   MSE A O   1 
HETATM 361  C  CB  . MSE A 1 47 ? -5.548  9.417   -16.005 1.00   47.00 ? 47   MSE A CB  1 
HETATM 362  C  CG  . MSE A 1 47 ? -6.522  9.134   -17.130 1.00   52.99 ? 47   MSE A CG  1 
HETATM 363  SE SE  . MSE A 1 47 ? -7.475  7.445   -16.950 1.00   63.45 ? 47   MSE A SE  1 
HETATM 364  C  CE  . MSE A 1 47 ? -7.568  7.003   -18.834 1.00   56.73 ? 47   MSE A CE  1 
ATOM   365  N  N   . ASP A 1 48 ? -5.099  11.833  -18.272 1.00   43.91 ? 48   ASP A N   1 
ATOM   366  C  CA  . ASP A 1 48 ? -5.703  12.960  -18.973 1.00   45.65 ? 48   ASP A CA  1 
ATOM   367  C  C   . ASP A 1 48 ? -7.101  12.582  -19.447 1.00   46.85 ? 48   ASP A C   1 
ATOM   368  O  O   . ASP A 1 48 ? -7.303  11.508  -20.014 1.00   47.20 ? 48   ASP A O   1 
ATOM   369  C  CB  . ASP A 1 48 ? -4.851  13.379  -20.175 1.00   46.26 ? 48   ASP A CB  1 
ATOM   370  C  CG  . ASP A 1 48 ? -3.679  14.268  -19.783 1.00   47.17 ? 48   ASP A CG  1 
ATOM   371  O  OD1 . ASP A 1 48 ? -3.037  14.832  -20.692 1.00   48.17 ? 48   ASP A OD1 1 
ATOM   372  O  OD2 . ASP A 1 48 ? -3.395  14.409  -18.572 1.00   47.94 ? 48   ASP A OD2 1 
ATOM   373  N  N   . GLU A 1 49 ? -8.062  13.471  -19.219 1.00   48.89 ? 49   GLU A N   1 
ATOM   374  C  CA  . GLU A 1 49 ? -9.443  13.208  -19.604 1.00   50.26 ? 49   GLU A CA  1 
ATOM   375  C  C   . GLU A 1 49 ? -10.254 14.450  -19.906 1.00   51.34 ? 49   GLU A C   1 
ATOM   376  O  O   . GLU A 1 49 ? -9.807  15.575  -19.697 1.00   52.54 ? 49   GLU A O   1 
ATOM   377  C  CB  . GLU A 1 49 ? -10.154 12.436  -18.498 1.00   49.78 ? 49   GLU A CB  1 
ATOM   378  C  CG  . GLU A 1 49 ? -10.125 10.951  -18.678 1.00   49.94 ? 49   GLU A CG  1 
ATOM   379  C  CD  . GLU A 1 49 ? -10.736 10.547  -19.986 1.00   50.22 ? 49   GLU A CD  1 
ATOM   380  O  OE1 . GLU A 1 49 ? -11.844 11.031  -20.287 1.00   51.41 ? 49   GLU A OE1 1 
ATOM   381  O  OE2 . GLU A 1 49 ? -10.111 9.747   -20.712 1.00   52.15 ? 49   GLU A OE2 1 
ATOM   382  N  N   . ASP A 1 50 ? -11.465 14.216  -20.393 1.00   52.49 ? 50   ASP A N   1 
ATOM   383  C  CA  . ASP A 1 50 ? -12.391 15.284  -20.719 1.00   53.27 ? 50   ASP A CA  1 
ATOM   384  C  C   . ASP A 1 50 ? -13.197 15.591  -19.464 1.00   53.39 ? 50   ASP A C   1 
ATOM   385  O  O   . ASP A 1 50 ? -13.644 16.719  -19.264 1.00   54.68 ? 50   ASP A O   1 
ATOM   386  C  CB  . ASP A 1 50 ? -13.351 14.836  -21.821 1.00   54.49 ? 50   ASP A CB  1 
ATOM   387  C  CG  . ASP A 1 50 ? -12.637 14.431  -23.091 1.00   56.62 ? 50   ASP A CG  1 
ATOM   388  O  OD1 . ASP A 1 50 ? -11.635 13.686  -23.001 1.00   59.25 ? 50   ASP A OD1 1 
ATOM   389  O  OD2 . ASP A 1 50 ? -13.088 14.849  -24.181 1.00   57.47 ? 50   ASP A OD2 1 
ATOM   390  N  N   . SER A 1 51 ? -13.370 14.583  -18.612 1.00   52.29 ? 51   SER A N   1 
ATOM   391  C  CA  . SER A 1 51 ? -14.162 14.755  -17.403 1.00   51.78 ? 51   SER A CA  1 
ATOM   392  C  C   . SER A 1 51 ? -13.815 13.815  -16.256 1.00   51.52 ? 51   SER A C   1 
ATOM   393  O  O   . SER A 1 51 ? -13.162 12.788  -16.446 1.00   52.04 ? 51   SER A O   1 
ATOM   394  C  CB  . SER A 1 51 ? -15.637 14.564  -17.744 1.00   52.10 ? 51   SER A CB  1 
ATOM   395  O  OG  . SER A 1 51 ? -15.848 13.279  -18.309 1.00   51.82 ? 51   SER A OG  1 
ATOM   396  N  N   . LEU A 1 52 ? -14.278 14.181  -15.063 1.00   50.65 ? 52   LEU A N   1 
ATOM   397  C  CA  . LEU A 1 52 ? -14.067 13.389  -13.859 1.00   49.64 ? 52   LEU A CA  1 
ATOM   398  C  C   . LEU A 1 52 ? -14.912 12.127  -13.956 1.00   49.68 ? 52   LEU A C   1 
ATOM   399  O  O   . LEU A 1 52 ? -14.588 11.093  -13.375 1.00   49.58 ? 52   LEU A O   1 
ATOM   400  C  CB  . LEU A 1 52 ? -14.502 14.181  -12.630 1.00   48.88 ? 52   LEU A CB  1 
ATOM   401  C  CG  . LEU A 1 52 ? -14.483 13.404  -11.316 1.00   48.42 ? 52   LEU A CG  1 
ATOM   402  C  CD1 . LEU A 1 52 ? -13.047 13.099  -10.928 1.00   47.70 ? 52   LEU A CD1 1 
ATOM   403  C  CD2 . LEU A 1 52 ? -15.167 14.218  -10.233 1.00   48.81 ? 52   LEU A CD2 1 
ATOM   404  N  N   . GLU A 1 53 ? -16.002 12.229  -14.705 1.00   49.76 ? 53   GLU A N   1 
ATOM   405  C  CA  . GLU A 1 53 ? -16.922 11.120  -14.895 1.00   49.68 ? 53   GLU A CA  1 
ATOM   406  C  C   . GLU A 1 53 ? -16.320 9.983   -15.725 1.00   48.09 ? 53   GLU A C   1 
ATOM   407  O  O   . GLU A 1 53 ? -16.521 8.806   -15.419 1.00   47.88 ? 53   GLU A O   1 
ATOM   408  C  CB  . GLU A 1 53 ? -18.190 11.636  -15.565 1.00   51.23 ? 53   GLU A CB  1 
ATOM   409  C  CG  . GLU A 1 53 ? -19.252 10.586  -15.763 1.00   55.14 ? 53   GLU A CG  1 
ATOM   410  C  CD  . GLU A 1 53 ? -20.429 11.120  -16.549 1.00   58.12 ? 53   GLU A CD  1 
ATOM   411  O  OE1 . GLU A 1 53 ? -20.206 11.579  -17.697 1.00   59.41 ? 53   GLU A OE1 1 
ATOM   412  O  OE2 . GLU A 1 53 ? -21.565 11.080  -16.020 1.00   57.71 ? 53   GLU A OE2 1 
ATOM   413  N  N   . ALA A 1 54 ? -15.591 10.339  -16.778 1.00   46.53 ? 54   ALA A N   1 
ATOM   414  C  CA  . ALA A 1 54 ? -14.949 9.356   -17.650 1.00   44.68 ? 54   ALA A CA  1 
ATOM   415  C  C   . ALA A 1 54 ? -13.811 8.638   -16.911 1.00   44.44 ? 54   ALA A C   1 
ATOM   416  O  O   . ALA A 1 54 ? -13.601 7.436   -17.084 1.00   43.80 ? 54   ALA A O   1 
ATOM   417  C  CB  . ALA A 1 54 ? -14.409 10.050  -18.888 1.00   44.17 ? 54   ALA A CB  1 
ATOM   418  N  N   . VAL A 1 55 ? -13.073 9.383   -16.095 1.00   43.49 ? 55   VAL A N   1 
ATOM   419  C  CA  . VAL A 1 55 ? -11.982 8.806   -15.331 1.00   42.83 ? 55   VAL A CA  1 
ATOM   420  C  C   . VAL A 1 55 ? -12.550 7.762   -14.384 1.00   43.02 ? 55   VAL A C   1 
ATOM   421  O  O   . VAL A 1 55 ? -11.997 6.677   -14.253 1.00   44.12 ? 55   VAL A O   1 
ATOM   422  C  CB  . VAL A 1 55 ? -11.253 9.873   -14.504 1.00   42.95 ? 55   VAL A CB  1 
ATOM   423  C  CG1 . VAL A 1 55 ? -10.219 9.216   -13.608 1.00   42.47 ? 55   VAL A CG1 1 
ATOM   424  C  CG2 . VAL A 1 55 ? -10.601 10.882  -15.427 1.00   42.28 ? 55   VAL A CG2 1 
ATOM   425  N  N   . GLU A 1 56 ? -13.663 8.101   -13.734 1.00   43.85 ? 56   GLU A N   1 
ATOM   426  C  CA  . GLU A 1 56 ? -14.335 7.204   -12.791 1.00   43.45 ? 56   GLU A CA  1 
ATOM   427  C  C   . GLU A 1 56 ? -14.764 5.879   -13.423 1.00   43.17 ? 56   GLU A C   1 
ATOM   428  O  O   . GLU A 1 56 ? -14.466 4.811   -12.890 1.00   42.68 ? 56   GLU A O   1 
ATOM   429  C  CB  . GLU A 1 56 ? -15.563 7.898   -12.181 1.00   44.24 ? 56   GLU A CB  1 
ATOM   430  C  CG  . GLU A 1 56 ? -15.226 9.007   -11.187 1.00   46.36 ? 56   GLU A CG  1 
ATOM   431  C  CD  . GLU A 1 56 ? -16.455 9.763   -10.681 1.00   48.04 ? 56   GLU A CD  1 
ATOM   432  O  OE1 . GLU A 1 56 ? -17.414 9.118   -10.199 1.00   47.73 ? 56   GLU A OE1 1 
ATOM   433  O  OE2 . GLU A 1 56 ? -16.454 11.012  -10.758 1.00   49.70 ? 56   GLU A OE2 1 
ATOM   434  N  N   . ARG A 1 57 ? -15.467 5.946   -14.551 1.00   42.82 ? 57   ARG A N   1 
ATOM   435  C  CA  . ARG A 1 57 ? -15.924 4.732   -15.223 1.00   42.87 ? 57   ARG A CA  1 
ATOM   436  C  C   . ARG A 1 57 ? -14.747 3.937   -15.776 1.00   41.33 ? 57   ARG A C   1 
ATOM   437  O  O   . ARG A 1 57 ? -14.777 2.706   -15.806 1.00   40.30 ? 57   ARG A O   1 
ATOM   438  C  CB  . ARG A 1 57 ? -16.907 5.073   -16.355 1.00   45.18 ? 57   ARG A CB  1 
ATOM   439  C  CG  . ARG A 1 57 ? -18.188 5.761   -15.879 1.00   47.51 ? 57   ARG A CG  1 
ATOM   440  C  CD  . ARG A 1 57 ? -19.255 5.848   -16.973 1.00   50.94 ? 57   ARG A CD  1 
ATOM   441  N  NE  . ARG A 1 57 ? -20.206 4.733   -16.949 1.00   53.97 ? 57   ARG A NE  1 
ATOM   442  C  CZ  . ARG A 1 57 ? -19.921 3.477   -17.298 1.00   56.06 ? 57   ARG A CZ  1 
ATOM   443  N  NH1 . ARG A 1 57 ? -18.701 3.149   -17.709 1.00   57.24 ? 57   ARG A NH1 1 
ATOM   444  N  NH2 . ARG A 1 57 ? -20.863 2.540   -17.244 1.00   55.71 ? 57   ARG A NH2 1 
ATOM   445  N  N   . GLU A 1 58 ? -13.705 4.640   -16.205 1.00   40.02 ? 58   GLU A N   1 
ATOM   446  C  CA  . GLU A 1 58 ? -12.525 3.972   -16.733 1.00   38.09 ? 58   GLU A CA  1 
ATOM   447  C  C   . GLU A 1 58 ? -11.696 3.336   -15.632 1.00   35.80 ? 58   GLU A C   1 
ATOM   448  O  O   . GLU A 1 58 ? -11.344 2.165   -15.726 1.00   35.27 ? 58   GLU A O   1 
ATOM   449  C  CB  . GLU A 1 58 ? -11.674 4.955   -17.534 1.00   39.71 ? 58   GLU A CB  1 
ATOM   450  C  CG  . GLU A 1 58 ? -11.889 4.818   -19.029 1.00   42.88 ? 58   GLU A CG  1 
ATOM   451  C  CD  . GLU A 1 58 ? -11.884 6.141   -19.747 1.00   44.04 ? 58   GLU A CD  1 
ATOM   452  O  OE1 . GLU A 1 58 ? -10.932 6.919   -19.533 1.00   46.28 ? 58   GLU A OE1 1 
ATOM   453  O  OE2 . GLU A 1 58 ? -12.829 6.400   -20.526 1.00   45.27 ? 58   GLU A OE2 1 
ATOM   454  N  N   . VAL A 1 59 ? -11.382 4.096   -14.589 1.00   34.09 ? 59   VAL A N   1 
ATOM   455  C  CA  . VAL A 1 59 ? -10.599 3.533   -13.501 1.00   34.70 ? 59   VAL A CA  1 
ATOM   456  C  C   . VAL A 1 59 ? -11.324 2.292   -13.002 1.00   35.96 ? 59   VAL A C   1 
ATOM   457  O  O   . VAL A 1 59 ? -10.711 1.250   -12.792 1.00   38.20 ? 59   VAL A O   1 
ATOM   458  C  CB  . VAL A 1 59 ? -10.425 4.524   -12.334 1.00   32.91 ? 59   VAL A CB  1 
ATOM   459  C  CG1 . VAL A 1 59 ? -9.681  3.854   -11.184 1.00   33.10 ? 59   VAL A CG1 1 
ATOM   460  C  CG2 . VAL A 1 59 ? -9.653  5.731   -12.801 1.00   32.53 ? 59   VAL A CG2 1 
ATOM   461  N  N   . GLU A 1 60 ? -12.637 2.410   -12.831 1.00   37.05 ? 60   GLU A N   1 
ATOM   462  C  CA  . GLU A 1 60 ? -13.471 1.308   -12.363 1.00   36.57 ? 60   GLU A CA  1 
ATOM   463  C  C   . GLU A 1 60 ? -13.289 0.084   -13.248 1.00   36.33 ? 60   GLU A C   1 
ATOM   464  O  O   . GLU A 1 60 ? -13.314 -1.047  -12.776 1.00   36.43 ? 60   GLU A O   1 
ATOM   465  C  CB  . GLU A 1 60 ? -14.938 1.741   -12.358 1.00   37.72 ? 60   GLU A CB  1 
ATOM   466  C  CG  . GLU A 1 60 ? -15.951 0.602   -12.314 1.00   39.78 ? 60   GLU A CG  1 
ATOM   467  C  CD  . GLU A 1 60 ? -15.844 -0.231  -11.055 1.00   41.93 ? 60   GLU A CD  1 
ATOM   468  O  OE1 . GLU A 1 60 ? -16.683 -1.145  -10.869 1.00   42.06 ? 60   GLU A OE1 1 
ATOM   469  O  OE2 . GLU A 1 60 ? -14.920 0.033   -10.253 1.00   43.44 ? 60   GLU A OE2 1 
ATOM   470  N  N   . ASP A 1 61 ? -13.095 0.315   -14.538 1.00   37.47 ? 61   ASP A N   1 
ATOM   471  C  CA  . ASP A 1 61 ? -12.909 -0.777  -15.479 1.00   38.02 ? 61   ASP A CA  1 
ATOM   472  C  C   . ASP A 1 61 ? -11.552 -1.433  -15.250 1.00   38.64 ? 61   ASP A C   1 
ATOM   473  O  O   . ASP A 1 61 ? -11.441 -2.658  -15.241 1.00   38.55 ? 61   ASP A O   1 
ATOM   474  C  CB  . ASP A 1 61 ? -12.990 -0.249  -16.907 1.00   39.09 ? 61   ASP A CB  1 
ATOM   475  C  CG  . ASP A 1 61 ? -13.554 -1.262  -17.861 1.00   40.68 ? 61   ASP A CG  1 
ATOM   476  O  OD1 . ASP A 1 61 ? -14.743 -1.616  -17.701 1.00   44.74 ? 61   ASP A OD1 1 
ATOM   477  O  OD2 . ASP A 1 61 ? -12.817 -1.710  -18.765 1.00   41.57 ? 61   ASP A OD2 1 
HETATM 478  N  N   . MSE A 1 62 ? -10.523 -0.608  -15.061 1.00   38.95 ? 62   MSE A N   1 
HETATM 479  C  CA  . MSE A 1 62 ? -9.163  -1.093  -14.823 1.00   39.34 ? 62   MSE A CA  1 
HETATM 480  C  C   . MSE A 1 62 ? -9.095  -1.974  -13.585 1.00   37.81 ? 62   MSE A C   1 
HETATM 481  O  O   . MSE A 1 62 ? -8.366  -2.968  -13.554 1.00   38.21 ? 62   MSE A O   1 
HETATM 482  C  CB  . MSE A 1 62 ? -8.205  0.086   -14.651 1.00   41.61 ? 62   MSE A CB  1 
HETATM 483  C  CG  . MSE A 1 62 ? -8.113  0.992   -15.865 1.00   44.69 ? 62   MSE A CG  1 
HETATM 484  SE SE  . MSE A 1 62 ? -7.128  2.612   -15.497 1.00   50.04 ? 62   MSE A SE  1 
HETATM 485  C  CE  . MSE A 1 62 ? -7.904  3.776   -16.845 1.00   47.45 ? 62   MSE A CE  1 
ATOM   486  N  N   . CYS A 1 63 ? -9.848  -1.604  -12.560 1.00   35.73 ? 63   CYS A N   1 
ATOM   487  C  CA  . CYS A 1 63 ? -9.874  -2.375  -11.331 1.00   36.46 ? 63   CYS A CA  1 
ATOM   488  C  C   . CYS A 1 63 ? -10.569 -3.707  -11.555 1.00   36.40 ? 63   CYS A C   1 
ATOM   489  O  O   . CYS A 1 63 ? -10.134 -4.732  -11.034 1.00   37.11 ? 63   CYS A O   1 
ATOM   490  C  CB  . CYS A 1 63 ? -10.610 -1.607  -10.241 1.00   36.70 ? 63   CYS A CB  1 
ATOM   491  S  SG  . CYS A 1 63 ? -9.848  -0.044  -9.856  1.00   38.54 ? 63   CYS A SG  1 
ATOM   492  N  N   . GLN A 1 64 ? -11.647 -3.684  -12.329 1.00   35.46 ? 64   GLN A N   1 
ATOM   493  C  CA  . GLN A 1 64 ? -12.415 -4.888  -12.615 1.00   35.97 ? 64   GLN A CA  1 
ATOM   494  C  C   . GLN A 1 64 ? -11.670 -5.922  -13.460 1.00   35.44 ? 64   GLN A C   1 
ATOM   495  O  O   . GLN A 1 64 ? -11.813 -7.126  -13.238 1.00   33.95 ? 64   GLN A O   1 
ATOM   496  C  CB  . GLN A 1 64 ? -13.717 -4.522  -13.331 1.00   37.94 ? 64   GLN A CB  1 
ATOM   497  C  CG  . GLN A 1 64 ? -14.642 -3.634  -12.523 1.00   40.49 ? 64   GLN A CG  1 
ATOM   498  C  CD  . GLN A 1 64 ? -15.303 -4.370  -11.380 1.00   41.32 ? 64   GLN A CD  1 
ATOM   499  O  OE1 . GLN A 1 64 ? -15.964 -3.763  -10.532 1.00   41.69 ? 64   GLN A OE1 1 
ATOM   500  N  NE2 . GLN A 1 64 ? -15.139 -5.691  -11.356 1.00   43.05 ? 64   GLN A NE2 1 
ATOM   501  N  N   . ARG A 1 65 ? -10.874 -5.457  -14.420 1.00   34.14 ? 65   ARG A N   1 
ATOM   502  C  CA  . ARG A 1 65 ? -10.171 -6.374  -15.308 1.00   33.80 ? 65   ARG A CA  1 
ATOM   503  C  C   . ARG A 1 65 ? -8.651  -6.352  -15.288 1.00   33.23 ? 65   ARG A C   1 
ATOM   504  O  O   . ARG A 1 65 ? -8.023  -6.874  -16.210 1.00   34.06 ? 65   ARG A O   1 
ATOM   505  C  CB  . ARG A 1 65 ? -10.648 -6.161  -16.752 1.00   34.04 ? 65   ARG A CB  1 
ATOM   506  C  CG  . ARG A 1 65 ? -10.706 -4.705  -17.177 1.00   35.46 ? 65   ARG A CG  1 
ATOM   507  C  CD  . ARG A 1 65 ? -11.402 -4.497  -18.531 1.00   35.79 ? 65   ARG A CD  1 
ATOM   508  N  NE  . ARG A 1 65 ? -10.542 -4.799  -19.677 1.00   36.85 ? 65   ARG A NE  1 
ATOM   509  C  CZ  . ARG A 1 65 ? -10.731 -4.328  -20.911 1.00   37.50 ? 65   ARG A CZ  1 
ATOM   510  N  NH1 . ARG A 1 65 ? -11.754 -3.522  -21.182 1.00   36.41 ? 65   ARG A NH1 1 
ATOM   511  N  NH2 . ARG A 1 65 ? -9.892  -4.661  -21.884 1.00   39.11 ? 65   ARG A NH2 1 
ATOM   512  N  N   . LEU A 1 66 ? -8.040  -5.787  -14.252 1.00   31.98 ? 66   LEU A N   1 
ATOM   513  C  CA  . LEU A 1 66 ? -6.583  -5.744  -14.247 1.00   29.70 ? 66   LEU A CA  1 
ATOM   514  C  C   . LEU A 1 66 ? -5.941  -5.533  -12.880 1.00   29.26 ? 66   LEU A C   1 
ATOM   515  O  O   . LEU A 1 66 ? -5.132  -6.352  -12.437 1.00   27.77 ? 66   LEU A O   1 
ATOM   516  C  CB  . LEU A 1 66 ? -6.112  -4.653  -15.228 1.00   28.24 ? 66   LEU A CB  1 
ATOM   517  C  CG  . LEU A 1 66 ? -4.673  -4.530  -15.768 1.00   27.44 ? 66   LEU A CG  1 
ATOM   518  C  CD1 . LEU A 1 66 ? -3.724  -4.076  -14.679 1.00   29.44 ? 66   LEU A CD1 1 
ATOM   519  C  CD2 . LEU A 1 66 ? -4.217  -5.852  -16.348 1.00   28.34 ? 66   LEU A CD2 1 
ATOM   520  N  N   . LEU A 1 67 ? -6.307  -4.447  -12.210 1.00   29.01 ? 67   LEU A N   1 
ATOM   521  C  CA  . LEU A 1 67 ? -5.706  -4.121  -10.920 1.00   30.30 ? 67   LEU A CA  1 
ATOM   522  C  C   . LEU A 1 67 ? -5.999  -5.061  -9.747  1.00   30.84 ? 67   LEU A C   1 
ATOM   523  O  O   . LEU A 1 67 ? -5.153  -5.244  -8.868  1.00   31.40 ? 67   LEU A O   1 
ATOM   524  C  CB  . LEU A 1 67 ? -6.055  -2.678  -10.537 1.00   29.23 ? 67   LEU A CB  1 
ATOM   525  C  CG  . LEU A 1 67 ? -5.653  -1.624  -11.578 1.00   29.69 ? 67   LEU A CG  1 
ATOM   526  C  CD1 . LEU A 1 67 ? -5.767  -0.239  -10.965 1.00   29.43 ? 67   LEU A CD1 1 
ATOM   527  C  CD2 . LEU A 1 67 ? -4.221  -1.861  -12.056 1.00   31.13 ? 67   LEU A CD2 1 
ATOM   528  N  N   . CYS A 1 68 ? -7.176  -5.667  -9.716  1.00   30.78 ? 68   CYS A N   1 
ATOM   529  C  CA  . CYS A 1 68 ? -7.473  -6.564  -8.612  1.00   32.62 ? 68   CYS A CA  1 
ATOM   530  C  C   . CYS A 1 68 ? -8.576  -7.563  -8.933  1.00   32.16 ? 68   CYS A C   1 
ATOM   531  O  O   . CYS A 1 68 ? -9.113  -7.586  -10.053 1.00   34.04 ? 68   CYS A O   1 
ATOM   532  C  CB  . CYS A 1 68 ? -7.874  -5.756  -7.376  1.00   34.19 ? 68   CYS A CB  1 
ATOM   533  S  SG  . CYS A 1 68 ? -9.492  -4.981  -7.524  1.00   35.65 ? 68   CYS A SG  1 
ATOM   534  N  N   . ASN A 1 69 ? -8.895  -8.403  -7.952  1.00   28.88 ? 69   ASN A N   1 
ATOM   535  C  CA  . ASN A 1 69 ? -9.956  -9.389  -8.109  1.00   26.41 ? 69   ASN A CA  1 
ATOM   536  C  C   . ASN A 1 69 ? -11.014 -9.024  -7.081  1.00   25.07 ? 69   ASN A C   1 
ATOM   537  O  O   . ASN A 1 69 ? -10.884 -9.350  -5.901  1.00   25.37 ? 69   ASN A O   1 
ATOM   538  C  CB  . ASN A 1 69 ? -9.445  -10.804 -7.842  1.00   24.82 ? 69   ASN A CB  1 
ATOM   539  C  CG  . ASN A 1 69 ? -10.507 -11.848 -8.086  1.00   24.31 ? 69   ASN A CG  1 
ATOM   540  O  OD1 . ASN A 1 69 ? -11.698 -11.559 -8.009  1.00   25.68 ? 69   ASN A OD1 1 
ATOM   541  N  ND2 . ASN A 1 69 ? -10.085 -13.072 -8.373  1.00   26.21 ? 69   ASN A ND2 1 
ATOM   542  N  N   . PRO A 1 70 ? -12.067 -8.315  -7.513  1.00   24.37 ? 70   PRO A N   1 
ATOM   543  C  CA  . PRO A 1 70 ? -13.141 -7.907  -6.604  1.00   24.48 ? 70   PRO A CA  1 
ATOM   544  C  C   . PRO A 1 70 ? -13.730 -9.048  -5.779  1.00   25.89 ? 70   PRO A C   1 
ATOM   545  O  O   . PRO A 1 70 ? -14.239 -8.835  -4.677  1.00   26.83 ? 70   PRO A O   1 
ATOM   546  C  CB  . PRO A 1 70 ? -14.161 -7.256  -7.537  1.00   23.40 ? 70   PRO A CB  1 
ATOM   547  C  CG  . PRO A 1 70 ? -13.807 -7.786  -8.899  1.00   24.78 ? 70   PRO A CG  1 
ATOM   548  C  CD  . PRO A 1 70 ? -12.320 -7.825  -8.875  1.00   23.22 ? 70   PRO A CD  1 
ATOM   549  N  N   . VAL A 1 71 ? -13.647 -10.261 -6.312  1.00   25.62 ? 71   VAL A N   1 
ATOM   550  C  CA  . VAL A 1 71 ? -14.167 -11.425 -5.622  1.00   23.39 ? 71   VAL A CA  1 
ATOM   551  C  C   . VAL A 1 71 ? -13.482 -11.581 -4.268  1.00   23.55 ? 71   VAL A C   1 
ATOM   552  O  O   . VAL A 1 71 ? -14.130 -11.889 -3.259  1.00   25.30 ? 71   VAL A O   1 
ATOM   553  C  CB  . VAL A 1 71 ? -13.926 -12.693 -6.454  1.00   23.89 ? 71   VAL A CB  1 
ATOM   554  C  CG1 . VAL A 1 71 ? -14.555 -13.906 -5.769  1.00   24.01 ? 71   VAL A CG1 1 
ATOM   555  C  CG2 . VAL A 1 71 ? -14.486 -12.495 -7.845  1.00   23.21 ? 71   VAL A CG2 1 
ATOM   556  N  N   . ILE A 1 72 ? -12.170 -11.354 -4.250  1.00   21.68 ? 72   ILE A N   1 
ATOM   557  C  CA  . ILE A 1 72 ? -11.379 -11.487 -3.028  1.00   19.82 ? 72   ILE A CA  1 
ATOM   558  C  C   . ILE A 1 72 ? -10.799 -10.166 -2.506  1.00   20.16 ? 72   ILE A C   1 
ATOM   559  O  O   . ILE A 1 72 ? -10.305 -10.113 -1.383  1.00   19.28 ? 72   ILE A O   1 
ATOM   560  C  CB  . ILE A 1 72 ? -10.208 -12.493 -3.235  1.00   19.15 ? 72   ILE A CB  1 
ATOM   561  C  CG1 . ILE A 1 72 ? -9.192  -11.930 -4.238  1.00   18.65 ? 72   ILE A CG1 1 
ATOM   562  C  CG2 . ILE A 1 72 ? -10.748 -13.820 -3.762  1.00   17.09 ? 72   ILE A CG2 1 
ATOM   563  C  CD1 . ILE A 1 72 ? -8.007  -12.839 -4.491  1.00   14.14 ? 72   ILE A CD1 1 
ATOM   564  N  N   . HIS A 1 73 ? -10.867 -9.104  -3.309  1.00   21.15 ? 73   HIS A N   1 
ATOM   565  C  CA  . HIS A 1 73 ? -10.328 -7.797  -2.905  1.00   21.50 ? 73   HIS A CA  1 
ATOM   566  C  C   . HIS A 1 73 ? -11.354 -6.690  -2.701  1.00   21.94 ? 73   HIS A C   1 
ATOM   567  O  O   . HIS A 1 73 ? -12.299 -6.548  -3.470  1.00   23.12 ? 73   HIS A O   1 
ATOM   568  C  CB  . HIS A 1 73 ? -9.335  -7.257  -3.948  1.00   19.41 ? 73   HIS A CB  1 
ATOM   569  C  CG  . HIS A 1 73 ? -8.085  -8.063  -4.091  1.00   18.24 ? 73   HIS A CG  1 
ATOM   570  N  ND1 . HIS A 1 73 ? -7.699  -8.620  -5.291  1.00   18.38 ? 73   HIS A ND1 1 
ATOM   571  C  CD2 . HIS A 1 73 ? -7.115  -8.375  -3.201  1.00   17.88 ? 73   HIS A CD2 1 
ATOM   572  C  CE1 . HIS A 1 73 ? -6.545  -9.243  -5.133  1.00   16.97 ? 73   HIS A CE1 1 
ATOM   573  N  NE2 . HIS A 1 73 ? -6.168  -9.110  -3.874  1.00   16.58 ? 73   HIS A NE2 1 
ATOM   574  N  N   . ASP A 1 74 ? -11.145 -5.894  -1.668  1.00   24.26 ? 74   ASP A N   1 
ATOM   575  C  CA  . ASP A 1 74 ? -11.988 -4.732  -1.415  1.00   28.27 ? 74   ASP A CA  1 
ATOM   576  C  C   . ASP A 1 74 ? -11.109 -3.603  -1.959  1.00   30.23 ? 74   ASP A C   1 
ATOM   577  O  O   . ASP A 1 74 ? -9.909  -3.586  -1.690  1.00   32.35 ? 74   ASP A O   1 
ATOM   578  C  CB  . ASP A 1 74 ? -12.210 -4.515  0.087   1.00   28.44 ? 74   ASP A CB  1 
ATOM   579  C  CG  . ASP A 1 74 ? -13.393 -5.315  0.639   1.00   30.21 ? 74   ASP A CG  1 
ATOM   580  O  OD1 . ASP A 1 74 ? -14.512 -5.235  0.072   1.00   28.41 ? 74   ASP A OD1 1 
ATOM   581  O  OD2 . ASP A 1 74 ? -13.200 -6.015  1.655   1.00   30.50 ? 74   ASP A OD2 1 
ATOM   582  N  N   . TYR A 1 75 ? -11.659 -2.677  -2.734  1.00   30.91 ? 75   TYR A N   1 
ATOM   583  C  CA  . TYR A 1 75 ? -10.813 -1.608  -3.238  1.00   32.10 ? 75   TYR A CA  1 
ATOM   584  C  C   . TYR A 1 75 ? -11.390 -0.217  -3.097  1.00   32.90 ? 75   TYR A C   1 
ATOM   585  O  O   . TYR A 1 75 ? -12.595 -0.032  -3.028  1.00   33.11 ? 75   TYR A O   1 
ATOM   586  C  CB  . TYR A 1 75 ? -10.413 -1.867  -4.698  1.00   31.98 ? 75   TYR A CB  1 
ATOM   587  C  CG  . TYR A 1 75 ? -11.556 -1.946  -5.690  1.00   31.89 ? 75   TYR A CG  1 
ATOM   588  C  CD1 . TYR A 1 75 ? -12.094 -0.799  -6.266  1.00   32.23 ? 75   TYR A CD1 1 
ATOM   589  C  CD2 . TYR A 1 75 ? -12.082 -3.175  -6.071  1.00   31.71 ? 75   TYR A CD2 1 
ATOM   590  C  CE1 . TYR A 1 75 ? -13.128 -0.878  -7.199  1.00   30.20 ? 75   TYR A CE1 1 
ATOM   591  C  CE2 . TYR A 1 75 ? -13.114 -3.262  -7.001  1.00   30.63 ? 75   TYR A CE2 1 
ATOM   592  C  CZ  . TYR A 1 75 ? -13.632 -2.113  -7.557  1.00   29.58 ? 75   TYR A CZ  1 
ATOM   593  O  OH  . TYR A 1 75 ? -14.682 -2.211  -8.441  1.00   29.27 ? 75   TYR A OH  1 
ATOM   594  N  N   . ASP A 1 76 ? -10.501 0.763   -3.034  1.00   35.65 ? 76   ASP A N   1 
ATOM   595  C  CA  . ASP A 1 76 ? -10.901 2.152   -2.908  1.00   36.17 ? 76   ASP A CA  1 
ATOM   596  C  C   . ASP A 1 76 ? -10.338 2.902   -4.089  1.00   34.33 ? 76   ASP A C   1 
ATOM   597  O  O   . ASP A 1 76 ? -9.255  2.592   -4.575  1.00   34.83 ? 76   ASP A O   1 
ATOM   598  C  CB  . ASP A 1 76 ? -10.354 2.762   -1.614  1.00   40.22 ? 76   ASP A CB  1 
ATOM   599  C  CG  . ASP A 1 76 ? -10.950 2.126   -0.372  1.00   45.28 ? 76   ASP A CG  1 
ATOM   600  O  OD1 . ASP A 1 76 ? -12.198 2.014   -0.313  1.00   47.08 ? 76   ASP A OD1 1 
ATOM   601  O  OD2 . ASP A 1 76 ? -10.179 1.742   0.544   1.00   47.87 ? 76   ASP A OD2 1 
ATOM   602  N  N   . VAL A 1 77 ? -11.083 3.889   -4.550  1.00   31.92 ? 77   VAL A N   1 
ATOM   603  C  CA  . VAL A 1 77 ? -10.654 4.694   -5.667  1.00   30.59 ? 77   VAL A CA  1 
ATOM   604  C  C   . VAL A 1 77 ? -10.916 6.157   -5.347  1.00   31.58 ? 77   VAL A C   1 
ATOM   605  O  O   . VAL A 1 77 ? -12.047 6.551   -5.060  1.00   30.95 ? 77   VAL A O   1 
ATOM   606  C  CB  . VAL A 1 77 ? -11.405 4.296   -6.941  1.00   29.37 ? 77   VAL A CB  1 
ATOM   607  C  CG1 . VAL A 1 77 ? -11.024 5.221   -8.086  1.00   30.75 ? 77   VAL A CG1 1 
ATOM   608  C  CG2 . VAL A 1 77 ? -11.091 2.846   -7.283  1.00   27.72 ? 77   VAL A CG2 1 
ATOM   609  N  N   . SER A 1 78 ? -9.861  6.959   -5.362  1.00   33.33 ? 78   SER A N   1 
ATOM   610  C  CA  . SER A 1 78 ? -10.009 8.375   -5.087  1.00   35.11 ? 78   SER A CA  1 
ATOM   611  C  C   . SER A 1 78 ? -9.463  9.138   -6.280  1.00   36.79 ? 78   SER A C   1 
ATOM   612  O  O   . SER A 1 78 ? -8.379  8.844   -6.778  1.00   37.13 ? 78   SER A O   1 
ATOM   613  C  CB  . SER A 1 78 ? -9.259  8.762   -3.808  1.00   34.96 ? 78   SER A CB  1 
ATOM   614  O  OG  . SER A 1 78 ? -7.862  8.682   -3.991  1.00   38.31 ? 78   SER A OG  1 
ATOM   615  N  N   . ILE A 1 79 ? -10.240 10.100  -6.754  1.00   40.12 ? 79   ILE A N   1 
ATOM   616  C  CA  . ILE A 1 79 ? -9.839  10.909  -7.893  1.00   42.69 ? 79   ILE A CA  1 
ATOM   617  C  C   . ILE A 1 79 ? -9.740  12.377  -7.485  1.00   44.89 ? 79   ILE A C   1 
ATOM   618  O  O   . ILE A 1 79 ? -10.735 12.986  -7.091  1.00   45.95 ? 79   ILE A O   1 
ATOM   619  C  CB  . ILE A 1 79 ? -10.853 10.797  -9.039  1.00   41.59 ? 79   ILE A CB  1 
ATOM   620  C  CG1 . ILE A 1 79 ? -11.332 9.350   -9.190  1.00   40.49 ? 79   ILE A CG1 1 
ATOM   621  C  CG2 . ILE A 1 79 ? -10.220 11.299  -10.327 1.00   41.90 ? 79   ILE A CG2 1 
ATOM   622  C  CD1 . ILE A 1 79 ? -10.235 8.354   -9.445  1.00   41.98 ? 79   ILE A CD1 1 
ATOM   623  N  N   . ASN A 1 80 ? -8.536  12.928  -7.570  1.00   47.73 ? 80   ASN A N   1 
ATOM   624  C  CA  . ASN A 1 80 ? -8.288  14.320  -7.224  1.00   50.78 ? 80   ASN A CA  1 
ATOM   625  C  C   . ASN A 1 80 ? -7.927  15.078  -8.496  1.00   52.99 ? 80   ASN A C   1 
ATOM   626  O  O   . ASN A 1 80 ? -7.020  14.680  -9.224  1.00   51.93 ? 80   ASN A O   1 
ATOM   627  C  CB  . ASN A 1 80 ? -7.136  14.420  -6.216  1.00   51.61 ? 80   ASN A CB  1 
ATOM   628  C  CG  . ASN A 1 80 ? -7.364  13.557  -4.979  1.00   53.26 ? 80   ASN A CG  1 
ATOM   629  O  OD1 . ASN A 1 80 ? -8.412  13.639  -4.331  1.00   53.07 ? 80   ASN A OD1 1 
ATOM   630  N  ND2 . ASN A 1 80 ? -6.377  12.726  -4.646  1.00   54.02 ? 80   ASN A ND2 1 
ATOM   631  N  N   . GLU A 1 81 ? -8.640  16.163  -8.770  1.00   56.83 ? 81   GLU A N   1 
ATOM   632  C  CA  . GLU A 1 81 ? -8.358  16.951  -9.963  1.00   61.02 ? 81   GLU A CA  1 
ATOM   633  C  C   . GLU A 1 81 ? -7.166  17.872  -9.731  1.00   63.17 ? 81   GLU A C   1 
ATOM   634  O  O   . GLU A 1 81 ? -7.131  18.631  -8.757  1.00   62.57 ? 81   GLU A O   1 
ATOM   635  C  CB  . GLU A 1 81 ? -9.573  17.784  -10.354 1.00   62.48 ? 81   GLU A CB  1 
ATOM   636  C  CG  . GLU A 1 81 ? -9.357  18.599  -11.616 1.00   64.85 ? 81   GLU A CG  1 
ATOM   637  C  CD  . GLU A 1 81 ? -10.528 19.514  -11.923 1.00   66.43 ? 81   GLU A CD  1 
ATOM   638  O  OE1 . GLU A 1 81 ? -10.888 20.328  -11.040 1.00   66.57 ? 81   GLU A OE1 1 
ATOM   639  O  OE2 . GLU A 1 81 ? -11.083 19.418  -13.044 1.00   67.42 ? 81   GLU A OE2 1 
HETATM 640  N  N   . MSE A 1 82 ? -6.194  17.798  -10.635 1.00   66.78 ? 82   MSE A N   1 
HETATM 641  C  CA  . MSE A 1 82 ? -4.980  18.603  -10.551 1.00   70.32 ? 82   MSE A CA  1 
HETATM 642  C  C   . MSE A 1 82 ? -5.099  19.911  -11.322 1.00   70.67 ? 82   MSE A C   1 
HETATM 643  O  O   . MSE A 1 82 ? -6.087  20.069  -12.069 1.00   71.18 ? 82   MSE A O   1 
HETATM 644  C  CB  . MSE A 1 82 ? -3.793  17.815  -11.097 1.00   73.90 ? 82   MSE A CB  1 
HETATM 645  C  CG  . MSE A 1 82 ? -3.436  16.575  -10.302 1.00   79.20 ? 82   MSE A CG  1 
HETATM 646  SE SE  . MSE A 1 82 ? -2.116  15.481  -11.216 1.00   90.06 ? 82   MSE A SE  1 
HETATM 647  C  CE  . MSE A 1 82 ? -0.550  16.608  -10.994 1.00   85.68 ? 82   MSE A CE  1 
ATOM   648  N  N   . SER A 1 83 ? -4.187  20.756  -11.179 1.00   71.47 ? 83   SER A N   1 
ATOM   649  N  N   . LYS B 1 2  ? -3.522  -2.030  21.818  1.00   34.98 ? 2    LYS B N   1 
ATOM   650  C  CA  . LYS B 1 2  ? -3.096  -0.756  22.475  1.00   35.27 ? 2    LYS B CA  1 
ATOM   651  C  C   . LYS B 1 2  ? -2.646  0.254   21.413  1.00   34.86 ? 2    LYS B C   1 
ATOM   652  O  O   . LYS B 1 2  ? -3.173  1.363   21.345  1.00   34.99 ? 2    LYS B O   1 
ATOM   653  C  CB  . LYS B 1 2  ? -1.946  -1.022  23.459  1.00   34.89 ? 2    LYS B CB  1 
ATOM   654  C  CG  . LYS B 1 2  ? -1.791  0.013   24.568  1.00   36.06 ? 2    LYS B CG  1 
ATOM   655  C  CD  . LYS B 1 2  ? -0.435  -0.154  25.267  1.00   37.36 ? 2    LYS B CD  1 
ATOM   656  C  CE  . LYS B 1 2  ? -0.267  0.770   26.476  1.00   36.53 ? 2    LYS B CE  1 
ATOM   657  N  NZ  . LYS B 1 2  ? -0.945  0.244   27.694  1.00   36.68 ? 2    LYS B NZ  1 
ATOM   658  N  N   . PHE B 1 3  ? -1.681  -0.135  20.583  1.00   34.56 ? 3    PHE B N   1 
ATOM   659  C  CA  . PHE B 1 3  ? -1.174  0.747   19.533  1.00   34.95 ? 3    PHE B CA  1 
ATOM   660  C  C   . PHE B 1 3  ? -1.449  0.244   18.127  1.00   34.45 ? 3    PHE B C   1 
ATOM   661  O  O   . PHE B 1 3  ? -1.104  -0.882  17.779  1.00   35.08 ? 3    PHE B O   1 
ATOM   662  C  CB  . PHE B 1 3  ? 0.336   0.967   19.677  1.00   34.67 ? 3    PHE B CB  1 
ATOM   663  C  CG  . PHE B 1 3  ? 0.718   1.821   20.847  1.00   34.95 ? 3    PHE B CG  1 
ATOM   664  C  CD1 . PHE B 1 3  ? 0.960   1.252   22.092  1.00   35.22 ? 3    PHE B CD1 1 
ATOM   665  C  CD2 . PHE B 1 3  ? 0.820   3.204   20.707  1.00   34.96 ? 3    PHE B CD2 1 
ATOM   666  C  CE1 . PHE B 1 3  ? 1.299   2.048   23.182  1.00   35.60 ? 3    PHE B CE1 1 
ATOM   667  C  CE2 . PHE B 1 3  ? 1.159   4.008   21.795  1.00   35.39 ? 3    PHE B CE2 1 
ATOM   668  C  CZ  . PHE B 1 3  ? 1.399   3.431   23.032  1.00   35.03 ? 3    PHE B CZ  1 
HETATM 669  N  N   . MSE B 1 4  ? -2.056  1.100   17.321  1.00   35.75 ? 4    MSE B N   1 
HETATM 670  C  CA  . MSE B 1 4  ? -2.376  0.782   15.937  1.00   37.47 ? 4    MSE B CA  1 
HETATM 671  C  C   . MSE B 1 4  ? -1.246  1.351   15.067  1.00   33.94 ? 4    MSE B C   1 
HETATM 672  O  O   . MSE B 1 4  ? -1.077  2.571   14.967  1.00   31.27 ? 4    MSE B O   1 
HETATM 673  C  CB  . MSE B 1 4  ? -3.717  1.415   15.590  1.00   45.46 ? 4    MSE B CB  1 
HETATM 674  C  CG  . MSE B 1 4  ? -4.353  0.915   14.323  1.00   57.14 ? 4    MSE B CG  1 
HETATM 675  SE SE  . MSE B 1 4  ? -6.307  1.029   14.396  1.00   78.34 ? 4    MSE B SE  1 
HETATM 676  C  CE  . MSE B 1 4  ? -6.537  2.884   13.820  1.00   69.96 ? 4    MSE B CE  1 
ATOM   677  N  N   . VAL B 1 5  ? -0.473  0.465   14.444  1.00   29.67 ? 5    VAL B N   1 
ATOM   678  C  CA  . VAL B 1 5  ? 0.659   0.879   13.622  1.00   26.34 ? 5    VAL B CA  1 
ATOM   679  C  C   . VAL B 1 5  ? 0.431   0.751   12.120  1.00   25.89 ? 5    VAL B C   1 
ATOM   680  O  O   . VAL B 1 5  ? -0.180  -0.207  11.658  1.00   25.31 ? 5    VAL B O   1 
ATOM   681  C  CB  . VAL B 1 5  ? 1.923   0.051   13.974  1.00   25.19 ? 5    VAL B CB  1 
ATOM   682  C  CG1 . VAL B 1 5  ? 3.151   0.635   13.279  1.00   22.92 ? 5    VAL B CG1 1 
ATOM   683  C  CG2 . VAL B 1 5  ? 2.113   -0.002  15.483  1.00   22.37 ? 5    VAL B CG2 1 
ATOM   684  N  N   . GLU B 1 6  ? 0.924   1.729   11.364  1.00   25.32 ? 6    GLU B N   1 
ATOM   685  C  CA  . GLU B 1 6  ? 0.817   1.693   9.908   1.00   24.60 ? 6    GLU B CA  1 
ATOM   686  C  C   . GLU B 1 6  ? 2.139   2.100   9.269   1.00   22.67 ? 6    GLU B C   1 
ATOM   687  O  O   . GLU B 1 6  ? 2.626   3.215   9.485   1.00   21.66 ? 6    GLU B O   1 
ATOM   688  C  CB  . GLU B 1 6  ? -0.276  2.625   9.387   1.00   25.90 ? 6    GLU B CB  1 
ATOM   689  C  CG  . GLU B 1 6  ? -0.316  2.640   7.854   1.00   28.80 ? 6    GLU B CG  1 
ATOM   690  C  CD  . GLU B 1 6  ? -1.379  3.556   7.275   1.00   31.29 ? 6    GLU B CD  1 
ATOM   691  O  OE1 . GLU B 1 6  ? -1.370  4.765   7.598   1.00   35.19 ? 6    GLU B OE1 1 
ATOM   692  O  OE2 . GLU B 1 6  ? -2.218  3.067   6.485   1.00   31.53 ? 6    GLU B OE2 1 
ATOM   693  N  N   . VAL B 1 7  ? 2.718   1.194   8.483   1.00   20.17 ? 7    VAL B N   1 
ATOM   694  C  CA  . VAL B 1 7  ? 3.981   1.469   7.802   1.00   17.87 ? 7    VAL B CA  1 
ATOM   695  C  C   . VAL B 1 7  ? 3.768   1.501   6.292   1.00   18.36 ? 7    VAL B C   1 
ATOM   696  O  O   . VAL B 1 7  ? 3.345   0.509   5.692   1.00   17.73 ? 7    VAL B O   1 
ATOM   697  C  CB  . VAL B 1 7  ? 5.046   0.406   8.121   1.00   14.20 ? 7    VAL B CB  1 
ATOM   698  C  CG1 . VAL B 1 7  ? 6.372   0.810   7.517   1.00   14.01 ? 7    VAL B CG1 1 
ATOM   699  C  CG2 . VAL B 1 7  ? 5.190   0.250   9.612   1.00   15.73 ? 7    VAL B CG2 1 
ATOM   700  N  N   . ARG B 1 8  ? 4.043   2.652   5.686   1.00   20.26 ? 8    ARG B N   1 
ATOM   701  C  CA  . ARG B 1 8  ? 3.890   2.812   4.242   1.00   21.36 ? 8    ARG B CA  1 
ATOM   702  C  C   . ARG B 1 8  ? 5.277   2.784   3.620   1.00   21.50 ? 8    ARG B C   1 
ATOM   703  O  O   . ARG B 1 8  ? 6.167   3.515   4.041   1.00   23.40 ? 8    ARG B O   1 
ATOM   704  C  CB  . ARG B 1 8  ? 3.164   4.118   3.940   1.00   21.18 ? 8    ARG B CB  1 
ATOM   705  C  CG  . ARG B 1 8  ? 1.835   4.219   4.682   1.00   22.74 ? 8    ARG B CG  1 
ATOM   706  C  CD  . ARG B 1 8  ? 1.087   5.479   4.324   1.00   26.17 ? 8    ARG B CD  1 
ATOM   707  N  NE  . ARG B 1 8  ? 0.634   5.451   2.936   1.00   31.65 ? 8    ARG B NE  1 
ATOM   708  C  CZ  . ARG B 1 8  ? -0.617  5.194   2.553   1.00   32.98 ? 8    ARG B CZ  1 
ATOM   709  N  NH1 . ARG B 1 8  ? -1.559  4.941   3.461   1.00   32.80 ? 8    ARG B NH1 1 
ATOM   710  N  NH2 . ARG B 1 8  ? -0.925  5.188   1.257   1.00   31.98 ? 8    ARG B NH2 1 
ATOM   711  N  N   . ILE B 1 9  ? 5.460   1.918   2.629   1.00   21.89 ? 9    ILE B N   1 
ATOM   712  C  CA  . ILE B 1 9  ? 6.751   1.749   1.975   1.00   20.59 ? 9    ILE B CA  1 
ATOM   713  C  C   . ILE B 1 9  ? 6.706   2.007   0.470   1.00   21.47 ? 9    ILE B C   1 
ATOM   714  O  O   . ILE B 1 9  ? 5.894   1.428   -0.244  1.00   19.88 ? 9    ILE B O   1 
ATOM   715  C  CB  . ILE B 1 9  ? 7.263   0.331   2.240   1.00   20.26 ? 9    ILE B CB  1 
ATOM   716  C  CG1 . ILE B 1 9  ? 7.171   0.051   3.740   1.00   21.97 ? 9    ILE B CG1 1 
ATOM   717  C  CG2 . ILE B 1 9  ? 8.703   0.187   1.796   1.00   20.06 ? 9    ILE B CG2 1 
ATOM   718  C  CD1 . ILE B 1 9  ? 7.453   -1.376  4.140   1.00   21.96 ? 9    ILE B CD1 1 
ATOM   719  N  N   . ARG B 1 10 ? 7.591   2.877   -0.011  1.00   24.13 ? 10   ARG B N   1 
ATOM   720  C  CA  . ARG B 1 10 ? 7.633   3.197   -1.434  1.00   24.84 ? 10   ARG B CA  1 
ATOM   721  C  C   . ARG B 1 10 ? 9.058   3.492   -1.914  1.00   24.03 ? 10   ARG B C   1 
ATOM   722  O  O   . ARG B 1 10 ? 9.808   4.218   -1.264  1.00   24.69 ? 10   ARG B O   1 
ATOM   723  C  CB  . ARG B 1 10 ? 6.716   4.386   -1.715  1.00   27.23 ? 10   ARG B CB  1 
ATOM   724  C  CG  . ARG B 1 10 ? 6.552   4.709   -3.185  1.00   33.55 ? 10   ARG B CG  1 
ATOM   725  C  CD  . ARG B 1 10 ? 5.507   5.788   -3.376  1.00   37.55 ? 10   ARG B CD  1 
ATOM   726  N  NE  . ARG B 1 10 ? 5.822   6.974   -2.584  1.00   43.54 ? 10   ARG B NE  1 
ATOM   727  C  CZ  . ARG B 1 10 ? 5.040   8.048   -2.497  1.00   45.41 ? 10   ARG B CZ  1 
ATOM   728  N  NH1 . ARG B 1 10 ? 3.885   8.089   -3.156  1.00   44.90 ? 10   ARG B NH1 1 
ATOM   729  N  NH2 . ARG B 1 10 ? 5.415   9.082   -1.750  1.00   46.95 ? 10   ARG B NH2 1 
ATOM   730  N  N   . LEU B 1 11 ? 9.431   2.919   -3.053  1.00   22.53 ? 11   LEU B N   1 
ATOM   731  C  CA  . LEU B 1 11 ? 10.769  3.114   -3.609  1.00   19.94 ? 11   LEU B CA  1 
ATOM   732  C  C   . LEU B 1 11 ? 11.051  4.581   -3.865  1.00   18.85 ? 11   LEU B C   1 
ATOM   733  O  O   . LEU B 1 11 ? 10.149  5.344   -4.199  1.00   17.52 ? 11   LEU B O   1 
ATOM   734  C  CB  . LEU B 1 11 ? 10.928  2.318   -4.907  1.00   19.14 ? 11   LEU B CB  1 
ATOM   735  C  CG  . LEU B 1 11 ? 11.119  0.811   -4.708  1.00   16.60 ? 11   LEU B CG  1 
ATOM   736  C  CD1 . LEU B 1 11 ? 10.832  0.063   -5.989  1.00   16.91 ? 11   LEU B CD1 1 
ATOM   737  C  CD2 . LEU B 1 11 ? 12.528  0.550   -4.237  1.00   18.02 ? 11   LEU B CD2 1 
ATOM   738  N  N   . LYS B 1 12 ? 12.310  4.971   -3.696  1.00   18.92 ? 12   LYS B N   1 
ATOM   739  C  CA  . LYS B 1 12 ? 12.704  6.357   -3.894  1.00   17.81 ? 12   LYS B CA  1 
ATOM   740  C  C   . LYS B 1 12 ? 12.553  6.753   -5.353  1.00   19.25 ? 12   LYS B C   1 
ATOM   741  O  O   . LYS B 1 12 ? 12.662  5.914   -6.246  1.00   16.30 ? 12   LYS B O   1 
ATOM   742  C  CB  . LYS B 1 12 ? 14.144  6.555   -3.456  1.00   16.60 ? 12   LYS B CB  1 
ATOM   743  C  CG  . LYS B 1 12 ? 14.407  6.053   -2.075  1.00   15.02 ? 12   LYS B CG  1 
ATOM   744  C  CD  . LYS B 1 12 ? 15.773  6.481   -1.602  1.00   15.28 ? 12   LYS B CD  1 
ATOM   745  C  CE  . LYS B 1 12 ? 15.941  6.134   -0.135  1.00   14.49 ? 12   LYS B CE  1 
ATOM   746  N  NZ  . LYS B 1 12 ? 17.209  6.702   0.387   1.00   17.90 ? 12   LYS B NZ  1 
ATOM   747  N  N   . LYS B 1 13 ? 12.296  8.038   -5.586  1.00   22.21 ? 13   LYS B N   1 
ATOM   748  C  CA  . LYS B 1 13 ? 12.120  8.561   -6.937  1.00   24.24 ? 13   LYS B CA  1 
ATOM   749  C  C   . LYS B 1 13 ? 13.314  8.239   -7.834  1.00   24.78 ? 13   LYS B C   1 
ATOM   750  O  O   . LYS B 1 13 ? 14.469  8.398   -7.433  1.00   25.45 ? 13   LYS B O   1 
ATOM   751  C  CB  . LYS B 1 13 ? 11.912  10.075  -6.881  1.00   26.58 ? 13   LYS B CB  1 
ATOM   752  C  CG  . LYS B 1 13 ? 10.583  10.511  -6.274  1.00   29.72 ? 13   LYS B CG  1 
ATOM   753  C  CD  . LYS B 1 13 ? 9.685   11.210  -7.314  1.00   33.40 ? 13   LYS B CD  1 
ATOM   754  C  CE  . LYS B 1 13 ? 9.281   10.265  -8.460  1.00   36.28 ? 13   LYS B CE  1 
ATOM   755  N  NZ  . LYS B 1 13 ? 8.407   10.919  -9.486  1.00   36.24 ? 13   LYS B NZ  1 
ATOM   756  N  N   . GLY B 1 14 ? 13.029  7.779   -9.047  1.00   24.34 ? 14   GLY B N   1 
ATOM   757  C  CA  . GLY B 1 14 ? 14.091  7.444   -9.977  1.00   24.82 ? 14   GLY B CA  1 
ATOM   758  C  C   . GLY B 1 14 ? 14.374  5.959   -10.025 1.00   25.12 ? 14   GLY B C   1 
ATOM   759  O  O   . GLY B 1 14 ? 14.862  5.439   -11.030 1.00   24.98 ? 14   GLY B O   1 
HETATM 760  N  N   . MSE B 1 15 ? 14.071  5.285   -8.919  1.00   26.80 ? 15   MSE B N   1 
HETATM 761  C  CA  . MSE B 1 15 ? 14.261  3.846   -8.786  1.00   27.29 ? 15   MSE B CA  1 
HETATM 762  C  C   . MSE B 1 15 ? 13.267  3.150   -9.688  1.00   26.50 ? 15   MSE B C   1 
HETATM 763  O  O   . MSE B 1 15 ? 12.120  3.584   -9.786  1.00   26.31 ? 15   MSE B O   1 
HETATM 764  C  CB  . MSE B 1 15 ? 13.976  3.402   -7.352  1.00   30.05 ? 15   MSE B CB  1 
HETATM 765  C  CG  . MSE B 1 15 ? 14.838  4.045   -6.299  1.00   36.24 ? 15   MSE B CG  1 
HETATM 766  SE SE  . MSE B 1 15 ? 16.633  3.374   -6.358  1.00   47.00 ? 15   MSE B SE  1 
HETATM 767  C  CE  . MSE B 1 15 ? 17.450  4.559   -5.063  1.00   42.78 ? 15   MSE B CE  1 
ATOM   768  N  N   . LEU B 1 16 ? 13.698  2.073   -10.341 1.00   24.91 ? 16   LEU B N   1 
ATOM   769  C  CA  . LEU B 1 16 ? 12.797  1.303   -11.200 1.00   23.93 ? 16   LEU B CA  1 
ATOM   770  C  C   . LEU B 1 16 ? 11.747  0.606   -10.322 1.00   23.69 ? 16   LEU B C   1 
ATOM   771  O  O   . LEU B 1 16 ? 12.042  0.167   -9.212  1.00   23.34 ? 16   LEU B O   1 
ATOM   772  C  CB  . LEU B 1 16 ? 13.573  0.233   -11.991 1.00   20.63 ? 16   LEU B CB  1 
ATOM   773  C  CG  . LEU B 1 16 ? 12.753  -0.844  -12.727 1.00   18.91 ? 16   LEU B CG  1 
ATOM   774  C  CD1 . LEU B 1 16 ? 12.150  -0.308  -14.016 1.00   15.02 ? 16   LEU B CD1 1 
ATOM   775  C  CD2 . LEU B 1 16 ? 13.650  -2.013  -13.038 1.00   18.30 ? 16   LEU B CD2 1 
ATOM   776  N  N   . ASN B 1 17 ? 10.522  0.517   -10.816 1.00   23.95 ? 17   ASN B N   1 
ATOM   777  C  CA  . ASN B 1 17 ? 9.466   -0.166  -10.090 1.00   24.42 ? 17   ASN B CA  1 
ATOM   778  C  C   . ASN B 1 17 ? 8.869   -1.140  -11.088 1.00   24.83 ? 17   ASN B C   1 
ATOM   779  O  O   . ASN B 1 17 ? 7.993   -0.779  -11.874 1.00   25.43 ? 17   ASN B O   1 
ATOM   780  C  CB  . ASN B 1 17 ? 8.407   0.823   -9.617  1.00   24.90 ? 17   ASN B CB  1 
ATOM   781  C  CG  . ASN B 1 17 ? 7.322   0.163   -8.790  1.00   23.20 ? 17   ASN B CG  1 
ATOM   782  O  OD1 . ASN B 1 17 ? 6.460   0.841   -8.240  1.00   24.85 ? 17   ASN B OD1 1 
ATOM   783  N  ND2 . ASN B 1 17 ? 7.361   -1.163  -8.699  1.00   20.91 ? 17   ASN B ND2 1 
ATOM   784  N  N   . PRO B 1 18 ? 9.351   -2.387  -11.084 1.00   25.81 ? 18   PRO B N   1 
ATOM   785  C  CA  . PRO B 1 18 ? 8.864   -3.419  -12.004 1.00   26.96 ? 18   PRO B CA  1 
ATOM   786  C  C   . PRO B 1 18 ? 7.339   -3.507  -12.083 1.00   27.94 ? 18   PRO B C   1 
ATOM   787  O  O   . PRO B 1 18 ? 6.764   -3.547  -13.178 1.00   29.75 ? 18   PRO B O   1 
ATOM   788  C  CB  . PRO B 1 18 ? 9.494   -4.699  -11.451 1.00   26.47 ? 18   PRO B CB  1 
ATOM   789  C  CG  . PRO B 1 18 ? 10.787  -4.204  -10.860 1.00   26.14 ? 18   PRO B CG  1 
ATOM   790  C  CD  . PRO B 1 18 ? 10.345  -2.944  -10.146 1.00   25.25 ? 18   PRO B CD  1 
ATOM   791  N  N   . GLU B 1 19 ? 6.691   -3.531  -10.921 1.00   28.44 ? 19   GLU B N   1 
ATOM   792  C  CA  . GLU B 1 19 ? 5.238   -3.633  -10.846 1.00   27.49 ? 19   GLU B CA  1 
ATOM   793  C  C   . GLU B 1 19 ? 4.599   -2.427  -11.510 1.00   26.01 ? 19   GLU B C   1 
ATOM   794  O  O   . GLU B 1 19 ? 3.743   -2.567  -12.383 1.00   26.61 ? 19   GLU B O   1 
ATOM   795  C  CB  . GLU B 1 19 ? 4.796   -3.731  -9.380  1.00   29.75 ? 19   GLU B CB  1 
ATOM   796  C  CG  . GLU B 1 19 ? 3.288   -3.915  -9.174  1.00   34.68 ? 19   GLU B CG  1 
ATOM   797  C  CD  . GLU B 1 19 ? 2.851   -3.870  -7.700  1.00   36.77 ? 19   GLU B CD  1 
ATOM   798  O  OE1 . GLU B 1 19 ? 1.618   -3.845  -7.449  1.00   37.90 ? 19   GLU B OE1 1 
ATOM   799  O  OE2 . GLU B 1 19 ? 3.726   -3.862  -6.797  1.00   36.85 ? 19   GLU B OE2 1 
ATOM   800  N  N   . ALA B 1 20 ? 5.027   -1.241  -11.093 1.00   24.36 ? 20   ALA B N   1 
ATOM   801  C  CA  . ALA B 1 20 ? 4.506   0.005   -11.642 1.00   23.16 ? 20   ALA B CA  1 
ATOM   802  C  C   . ALA B 1 20 ? 4.643   0.037   -13.167 1.00   23.87 ? 20   ALA B C   1 
ATOM   803  O  O   . ALA B 1 20 ? 3.687   0.350   -13.883 1.00   23.58 ? 20   ALA B O   1 
ATOM   804  C  CB  . ALA B 1 20 ? 5.246   1.179   -11.030 1.00   21.73 ? 20   ALA B CB  1 
ATOM   805  N  N   . ALA B 1 21 ? 5.835   -0.284  -13.660 1.00   22.79 ? 21   ALA B N   1 
ATOM   806  C  CA  . ALA B 1 21 ? 6.079   -0.283  -15.097 1.00   23.09 ? 21   ALA B CA  1 
ATOM   807  C  C   . ALA B 1 21 ? 5.188   -1.315  -15.787 1.00   22.40 ? 21   ALA B C   1 
ATOM   808  O  O   . ALA B 1 21 ? 4.654   -1.072  -16.869 1.00   21.89 ? 21   ALA B O   1 
ATOM   809  C  CB  . ALA B 1 21 ? 7.550   -0.580  -15.376 1.00   22.60 ? 21   ALA B CB  1 
ATOM   810  N  N   . THR B 1 22 ? 5.030   -2.467  -15.153 1.00   21.69 ? 22   THR B N   1 
ATOM   811  C  CA  . THR B 1 22 ? 4.208   -3.525  -15.721 1.00   23.60 ? 22   THR B CA  1 
ATOM   812  C  C   . THR B 1 22 ? 2.734   -3.111  -15.835 1.00   23.82 ? 22   THR B C   1 
ATOM   813  O  O   . THR B 1 22 ? 2.091   -3.304  -16.871 1.00   24.33 ? 22   THR B O   1 
ATOM   814  C  CB  . THR B 1 22 ? 4.346   -4.801  -14.879 1.00   23.19 ? 22   THR B CB  1 
ATOM   815  O  OG1 . THR B 1 22 ? 5.696   -5.273  -14.972 1.00   22.14 ? 22   THR B OG1 1 
ATOM   816  C  CG2 . THR B 1 22 ? 3.403   -5.875  -15.367 1.00   24.31 ? 22   THR B CG2 1 
ATOM   817  N  N   . ILE B 1 23 ? 2.206   -2.524  -14.772 1.00   23.67 ? 23   ILE B N   1 
ATOM   818  C  CA  . ILE B 1 23 ? 0.825   -2.073  -14.762 1.00   21.79 ? 23   ILE B CA  1 
ATOM   819  C  C   . ILE B 1 23 ? 0.581   -1.042  -15.861 1.00   23.01 ? 23   ILE B C   1 
ATOM   820  O  O   . ILE B 1 23 ? -0.345  -1.173  -16.660 1.00   25.05 ? 23   ILE B O   1 
ATOM   821  C  CB  . ILE B 1 23 ? 0.481   -1.430  -13.419 1.00   20.49 ? 23   ILE B CB  1 
ATOM   822  C  CG1 . ILE B 1 23 ? 0.452   -2.488  -12.316 1.00   20.47 ? 23   ILE B CG1 1 
ATOM   823  C  CG2 . ILE B 1 23 ? -0.835  -0.713  -13.517 1.00   22.05 ? 23   ILE B CG2 1 
ATOM   824  C  CD1 . ILE B 1 23 ? 0.207   -1.915  -10.930 1.00   17.79 ? 23   ILE B CD1 1 
ATOM   825  N  N   . GLU B 1 24 ? 1.420   -0.016  -15.899 1.00   23.84 ? 24   GLU B N   1 
ATOM   826  C  CA  . GLU B 1 24 ? 1.281   1.050   -16.880 1.00   24.25 ? 24   GLU B CA  1 
ATOM   827  C  C   . GLU B 1 24 ? 1.249   0.536   -18.307 1.00   23.71 ? 24   GLU B C   1 
ATOM   828  O  O   . GLU B 1 24 ? 0.370   0.908   -19.084 1.00   25.36 ? 24   GLU B O   1 
ATOM   829  C  CB  . GLU B 1 24 ? 2.421   2.058   -16.721 1.00   26.91 ? 24   GLU B CB  1 
ATOM   830  C  CG  . GLU B 1 24 ? 2.277   3.281   -17.598 1.00   30.56 ? 24   GLU B CG  1 
ATOM   831  C  CD  . GLU B 1 24 ? 3.228   4.399   -17.203 1.00   34.41 ? 24   GLU B CD  1 
ATOM   832  O  OE1 . GLU B 1 24 ? 3.183   4.839   -16.031 1.00   36.57 ? 24   GLU B OE1 1 
ATOM   833  O  OE2 . GLU B 1 24 ? 4.016   4.843   -18.069 1.00   35.54 ? 24   GLU B OE2 1 
ATOM   834  N  N   . ARG B 1 25 ? 2.209   -0.312  -18.654 1.00   22.53 ? 25   ARG B N   1 
ATOM   835  C  CA  . ARG B 1 25 ? 2.271   -0.871  -19.997 1.00   21.78 ? 25   ARG B CA  1 
ATOM   836  C  C   . ARG B 1 25 ? 1.023   -1.680  -20.326 1.00   20.82 ? 25   ARG B C   1 
ATOM   837  O  O   . ARG B 1 25 ? 0.449   -1.546  -21.411 1.00   20.41 ? 25   ARG B O   1 
ATOM   838  C  CB  . ARG B 1 25 ? 3.503   -1.760  -20.148 1.00   21.63 ? 25   ARG B CB  1 
ATOM   839  C  CG  . ARG B 1 25 ? 3.468   -2.635  -21.395 1.00   23.85 ? 25   ARG B CG  1 
ATOM   840  C  CD  . ARG B 1 25 ? 4.854   -3.133  -21.783 1.00   26.00 ? 25   ARG B CD  1 
ATOM   841  N  NE  . ARG B 1 25 ? 4.805   -3.886  -23.034 1.00   30.45 ? 25   ARG B NE  1 
ATOM   842  C  CZ  . ARG B 1 25 ? 4.303   -5.112  -23.141 1.00   32.16 ? 25   ARG B CZ  1 
ATOM   843  N  NH1 . ARG B 1 25 ? 3.812   -5.724  -22.071 1.00   34.22 ? 25   ARG B NH1 1 
ATOM   844  N  NH2 . ARG B 1 25 ? 4.284   -5.726  -24.316 1.00   33.02 ? 25   ARG B NH2 1 
ATOM   845  N  N   . ALA B 1 26 ? 0.611   -2.525  -19.387 1.00   19.71 ? 26   ALA B N   1 
ATOM   846  C  CA  . ALA B 1 26 ? -0.561  -3.363  -19.574 1.00   18.79 ? 26   ALA B CA  1 
ATOM   847  C  C   . ALA B 1 26 ? -1.783  -2.490  -19.785 1.00   19.21 ? 26   ALA B C   1 
ATOM   848  O  O   . ALA B 1 26 ? -2.623  -2.793  -20.630 1.00   19.37 ? 26   ALA B O   1 
ATOM   849  C  CB  . ALA B 1 26 ? -0.760  -4.259  -18.364 1.00   20.79 ? 26   ALA B CB  1 
ATOM   850  N  N   . LEU B 1 27 ? -1.884  -1.404  -19.019 1.00   18.77 ? 27   LEU B N   1 
ATOM   851  C  CA  . LEU B 1 27 ? -3.023  -0.502  -19.163 1.00   19.81 ? 27   LEU B CA  1 
ATOM   852  C  C   . LEU B 1 27 ? -3.017  0.117   -20.557 1.00   20.39 ? 27   LEU B C   1 
ATOM   853  O  O   . LEU B 1 27 ? -4.031  0.127   -21.245 1.00   20.68 ? 27   LEU B O   1 
ATOM   854  C  CB  . LEU B 1 27 ? -2.996  0.599   -18.085 1.00   19.51 ? 27   LEU B CB  1 
ATOM   855  C  CG  . LEU B 1 27 ? -3.259  0.144   -16.634 1.00   22.33 ? 27   LEU B CG  1 
ATOM   856  C  CD1 . LEU B 1 27 ? -3.332  1.351   -15.697 1.00   20.43 ? 27   LEU B CD1 1 
ATOM   857  C  CD2 . LEU B 1 27 ? -4.565  -0.662  -16.566 1.00   19.22 ? 27   LEU B CD2 1 
ATOM   858  N  N   . ALA B 1 28 ? -1.868  0.634   -20.976 1.00   22.27 ? 28   ALA B N   1 
ATOM   859  C  CA  . ALA B 1 28 ? -1.751  1.241   -22.295 1.00   23.14 ? 28   ALA B CA  1 
ATOM   860  C  C   . ALA B 1 28 ? -2.277  0.281   -23.357 1.00   25.16 ? 28   ALA B C   1 
ATOM   861  O  O   . ALA B 1 28 ? -3.047  0.673   -24.230 1.00   25.60 ? 28   ALA B O   1 
ATOM   862  C  CB  . ALA B 1 28 ? -0.295  1.594   -22.582 1.00   21.70 ? 28   ALA B CB  1 
ATOM   863  N  N   . LEU B 1 29 ? -1.866  -0.982  -23.271 1.00   26.63 ? 29   LEU B N   1 
ATOM   864  C  CA  . LEU B 1 29 ? -2.292  -1.997  -24.229 1.00   28.64 ? 29   LEU B CA  1 
ATOM   865  C  C   . LEU B 1 29 ? -3.801  -2.256  -24.187 1.00   30.02 ? 29   LEU B C   1 
ATOM   866  O  O   . LEU B 1 29 ? -4.436  -2.508  -25.214 1.00   30.62 ? 29   LEU B O   1 
ATOM   867  C  CB  . LEU B 1 29 ? -1.551  -3.305  -23.957 1.00   28.31 ? 29   LEU B CB  1 
ATOM   868  C  CG  . LEU B 1 29 ? -0.043  -3.288  -24.130 1.00   26.56 ? 29   LEU B CG  1 
ATOM   869  C  CD1 . LEU B 1 29 ? 0.527   -4.584  -23.622 1.00   29.22 ? 29   LEU B CD1 1 
ATOM   870  C  CD2 . LEU B 1 29 ? 0.296   -3.093  -25.591 1.00   28.50 ? 29   LEU B CD2 1 
ATOM   871  N  N   . LEU B 1 30 ? -4.362  -2.204  -22.986 1.00   30.50 ? 30   LEU B N   1 
ATOM   872  C  CA  . LEU B 1 30 ? -5.785  -2.430  -22.791 1.00   32.00 ? 30   LEU B CA  1 
ATOM   873  C  C   . LEU B 1 30 ? -6.609  -1.239  -23.278 1.00   32.74 ? 30   LEU B C   1 
ATOM   874  O  O   . LEU B 1 30 ? -7.838  -1.285  -23.271 1.00   35.62 ? 30   LEU B O   1 
ATOM   875  C  CB  . LEU B 1 30 ? -6.065  -2.668  -21.309 1.00   33.50 ? 30   LEU B CB  1 
ATOM   876  C  CG  . LEU B 1 30 ? -7.148  -3.679  -20.917 1.00   35.92 ? 30   LEU B CG  1 
ATOM   877  C  CD1 . LEU B 1 30 ? -6.748  -5.098  -21.371 1.00   35.69 ? 30   LEU B CD1 1 
ATOM   878  C  CD2 . LEU B 1 30 ? -7.341  -3.632  -19.400 1.00   35.26 ? 30   LEU B CD2 1 
ATOM   879  N  N   . GLY B 1 31 ? -5.936  -0.168  -23.686 1.00   32.21 ? 31   GLY B N   1 
ATOM   880  C  CA  . GLY B 1 31 ? -6.647  0.998   -24.178 1.00   30.45 ? 31   GLY B CA  1 
ATOM   881  C  C   . GLY B 1 31 ? -6.490  2.247   -23.341 1.00   30.83 ? 31   GLY B C   1 
ATOM   882  O  O   . GLY B 1 31 ? -6.660  3.354   -23.842 1.00   30.20 ? 31   GLY B O   1 
ATOM   883  N  N   . TYR B 1 32 ? -6.153  2.074   -22.067 1.00   32.79 ? 32   TYR B N   1 
ATOM   884  C  CA  . TYR B 1 32 ? -5.991  3.198   -21.145 1.00   33.84 ? 32   TYR B CA  1 
ATOM   885  C  C   . TYR B 1 32 ? -4.566  3.721   -21.114 1.00   34.03 ? 32   TYR B C   1 
ATOM   886  O  O   . TYR B 1 32 ? -3.618  2.941   -21.099 1.00   34.61 ? 32   TYR B O   1 
ATOM   887  C  CB  . TYR B 1 32 ? -6.395  2.767   -19.736 1.00   35.42 ? 32   TYR B CB  1 
ATOM   888  C  CG  . TYR B 1 32 ? -7.748  2.118   -19.695 1.00   37.27 ? 32   TYR B CG  1 
ATOM   889  C  CD1 . TYR B 1 32 ? -7.908  0.827   -19.204 1.00   38.14 ? 32   TYR B CD1 1 
ATOM   890  C  CD2 . TYR B 1 32 ? -8.867  2.782   -20.181 1.00   39.30 ? 32   TYR B CD2 1 
ATOM   891  C  CE1 . TYR B 1 32 ? -9.150  0.210   -19.201 1.00   41.37 ? 32   TYR B CE1 1 
ATOM   892  C  CE2 . TYR B 1 32 ? -10.112 2.177   -20.186 1.00   41.87 ? 32   TYR B CE2 1 
ATOM   893  C  CZ  . TYR B 1 32 ? -10.250 0.893   -19.696 1.00   42.19 ? 32   TYR B CZ  1 
ATOM   894  O  OH  . TYR B 1 32 ? -11.493 0.297   -19.711 1.00   44.60 ? 32   TYR B OH  1 
ATOM   895  N  N   . GLU B 1 33 ? -4.417  5.042   -21.089 1.00   33.80 ? 33   GLU B N   1 
ATOM   896  C  CA  . GLU B 1 33 ? -3.092  5.646   -21.056 1.00   33.71 ? 33   GLU B CA  1 
ATOM   897  C  C   . GLU B 1 33 ? -2.881  6.431   -19.768 1.00   31.83 ? 33   GLU B C   1 
ATOM   898  O  O   . GLU B 1 33 ? -3.436  7.513   -19.580 1.00   30.50 ? 33   GLU B O   1 
ATOM   899  C  CB  . GLU B 1 33 ? -2.894  6.577   -22.252 1.00   35.53 ? 33   GLU B CB  1 
ATOM   900  C  CG  . GLU B 1 33 ? -1.437  6.901   -22.512 1.00   39.06 ? 33   GLU B CG  1 
ATOM   901  C  CD  . GLU B 1 33 ? -0.685  5.714   -23.096 1.00   43.05 ? 33   GLU B CD  1 
ATOM   902  O  OE1 . GLU B 1 33 ? 0.483   5.485   -22.695 1.00   45.09 ? 33   GLU B OE1 1 
ATOM   903  O  OE2 . GLU B 1 33 ? -1.265  5.014   -23.963 1.00   42.95 ? 33   GLU B OE2 1 
ATOM   904  N  N   . VAL B 1 34 ? -2.068  5.882   -18.876 1.00   29.96 ? 34   VAL B N   1 
ATOM   905  C  CA  . VAL B 1 34 ? -1.805  6.543   -17.613 1.00   28.77 ? 34   VAL B CA  1 
ATOM   906  C  C   . VAL B 1 34 ? -0.324  6.873   -17.483 1.00   28.97 ? 34   VAL B C   1 
ATOM   907  O  O   . VAL B 1 34 ? 0.528   6.233   -18.096 1.00   28.61 ? 34   VAL B O   1 
ATOM   908  C  CB  . VAL B 1 34 ? -2.272  5.657   -16.426 1.00   28.43 ? 34   VAL B CB  1 
ATOM   909  C  CG1 . VAL B 1 34 ? -3.791  5.505   -16.462 1.00   25.86 ? 34   VAL B CG1 1 
ATOM   910  C  CG2 . VAL B 1 34 ? -1.622  4.283   -16.507 1.00   27.92 ? 34   VAL B CG2 1 
ATOM   911  N  N   . GLU B 1 35 ? -0.015  7.887   -16.689 1.00   29.29 ? 35   GLU B N   1 
ATOM   912  C  CA  . GLU B 1 35 ? 1.370   8.271   -16.507 1.00   29.23 ? 35   GLU B CA  1 
ATOM   913  C  C   . GLU B 1 35 ? 1.772   8.257   -15.052 1.00   28.42 ? 35   GLU B C   1 
ATOM   914  O  O   . GLU B 1 35 ? 0.934   8.185   -14.160 1.00   28.27 ? 35   GLU B O   1 
ATOM   915  C  CB  . GLU B 1 35 ? 1.601   9.662   -17.081 1.00   30.72 ? 35   GLU B CB  1 
ATOM   916  C  CG  . GLU B 1 35 ? 1.471   9.728   -18.582 1.00   35.57 ? 35   GLU B CG  1 
ATOM   917  C  CD  . GLU B 1 35 ? 1.221   11.141  -19.067 1.00   39.83 ? 35   GLU B CD  1 
ATOM   918  O  OE1 . GLU B 1 35 ? 2.050   12.032  -18.770 1.00   42.04 ? 35   GLU B OE1 1 
ATOM   919  O  OE2 . GLU B 1 35 ? 0.189   11.363  -19.742 1.00   43.20 ? 35   GLU B OE2 1 
ATOM   920  N  N   . ASP B 1 36 ? 3.074   8.328   -14.824 1.00   28.52 ? 36   ASP B N   1 
ATOM   921  C  CA  . ASP B 1 36 ? 3.616   8.357   -13.480 1.00   28.66 ? 36   ASP B CA  1 
ATOM   922  C  C   . ASP B 1 36 ? 3.073   7.286   -12.555 1.00   28.50 ? 36   ASP B C   1 
ATOM   923  O  O   . ASP B 1 36 ? 2.944   7.523   -11.352 1.00   27.72 ? 36   ASP B O   1 
ATOM   924  C  CB  . ASP B 1 36 ? 3.367   9.726   -12.860 1.00   30.09 ? 36   ASP B CB  1 
ATOM   925  C  CG  . ASP B 1 36 ? 4.023   10.832  -13.643 1.00   30.74 ? 36   ASP B CG  1 
ATOM   926  O  OD1 . ASP B 1 36 ? 5.212   10.658  -13.989 1.00   32.58 ? 36   ASP B OD1 1 
ATOM   927  O  OD2 . ASP B 1 36 ? 3.360   11.860  -13.907 1.00   30.19 ? 36   ASP B OD2 1 
ATOM   928  N  N   . THR B 1 37 ? 2.764   6.114   -13.104 1.00   28.70 ? 37   THR B N   1 
ATOM   929  C  CA  . THR B 1 37 ? 2.249   5.037   -12.277 1.00   29.32 ? 37   THR B CA  1 
ATOM   930  C  C   . THR B 1 37 ? 3.209   4.885   -11.102 1.00   30.51 ? 37   THR B C   1 
ATOM   931  O  O   . THR B 1 37 ? 4.411   5.114   -11.246 1.00   29.81 ? 37   THR B O   1 
ATOM   932  C  CB  . THR B 1 37 ? 2.159   3.702   -13.049 1.00   29.13 ? 37   THR B CB  1 
ATOM   933  O  OG1 . THR B 1 37 ? 1.312   3.856   -14.196 1.00   28.99 ? 37   THR B OG1 1 
ATOM   934  C  CG2 . THR B 1 37 ? 1.570   2.620   -12.152 1.00   27.32 ? 37   THR B CG2 1 
ATOM   935  N  N   . ASP B 1 38 ? 2.671   4.508   -9.945  1.00   31.65 ? 38   ASP B N   1 
ATOM   936  C  CA  . ASP B 1 38 ? 3.466   4.347   -8.735  1.00   31.84 ? 38   ASP B CA  1 
ATOM   937  C  C   . ASP B 1 38 ? 2.788   3.310   -7.835  1.00   32.20 ? 38   ASP B C   1 
ATOM   938  O  O   . ASP B 1 38 ? 1.565   3.118   -7.902  1.00   32.27 ? 38   ASP B O   1 
ATOM   939  C  CB  . ASP B 1 38 ? 3.544   5.696   -8.024  1.00   34.07 ? 38   ASP B CB  1 
ATOM   940  C  CG  . ASP B 1 38 ? 4.844   5.900   -7.288  1.00   36.84 ? 38   ASP B CG  1 
ATOM   941  O  OD1 . ASP B 1 38 ? 5.013   6.995   -6.695  1.00   38.41 ? 38   ASP B OD1 1 
ATOM   942  O  OD2 . ASP B 1 38 ? 5.693   4.977   -7.302  1.00   38.30 ? 38   ASP B OD2 1 
ATOM   943  N  N   . THR B 1 39 ? 3.577   2.655   -6.989  1.00   30.30 ? 39   THR B N   1 
ATOM   944  C  CA  . THR B 1 39 ? 3.061   1.621   -6.089  1.00   29.25 ? 39   THR B CA  1 
ATOM   945  C  C   . THR B 1 39 ? 3.547   1.818   -4.652  1.00   28.46 ? 39   THR B C   1 
ATOM   946  O  O   . THR B 1 39 ? 4.721   2.108   -4.416  1.00   28.55 ? 39   THR B O   1 
ATOM   947  C  CB  . THR B 1 39 ? 3.507   0.209   -6.586  1.00   29.86 ? 39   THR B CB  1 
ATOM   948  O  OG1 . THR B 1 39 ? 2.471   -0.380  -7.385  1.00   29.28 ? 39   THR B OG1 1 
ATOM   949  C  CG2 . THR B 1 39 ? 3.867   -0.701  -5.416  1.00   31.29 ? 39   THR B CG2 1 
ATOM   950  N  N   . THR B 1 40 ? 2.640   1.657   -3.696  1.00   26.39 ? 40   THR B N   1 
ATOM   951  C  CA  . THR B 1 40 ? 2.984   1.798   -2.290  1.00   24.04 ? 40   THR B CA  1 
ATOM   952  C  C   . THR B 1 40 ? 2.491   0.562   -1.566  1.00   24.46 ? 40   THR B C   1 
ATOM   953  O  O   . THR B 1 40 ? 1.418   0.030   -1.880  1.00   25.17 ? 40   THR B O   1 
ATOM   954  C  CB  . THR B 1 40 ? 2.304   3.022   -1.654  1.00   24.68 ? 40   THR B CB  1 
ATOM   955  O  OG1 . THR B 1 40 ? 2.615   4.199   -2.411  1.00   25.78 ? 40   THR B OG1 1 
ATOM   956  C  CG2 . THR B 1 40 ? 2.792   3.206   -0.226  1.00   24.98 ? 40   THR B CG2 1 
ATOM   957  N  N   . ASP B 1 41 ? 3.273   0.095   -0.605  1.00   23.60 ? 41   ASP B N   1 
ATOM   958  C  CA  . ASP B 1 41 ? 2.894   -1.075  0.165   1.00   25.23 ? 41   ASP B CA  1 
ATOM   959  C  C   . ASP B 1 41 ? 2.598   -0.595  1.561   1.00   24.20 ? 41   ASP B C   1 
ATOM   960  O  O   . ASP B 1 41 ? 3.402   0.112   2.154   1.00   25.13 ? 41   ASP B O   1 
ATOM   961  C  CB  . ASP B 1 41 ? 4.029   -2.090  0.193   1.00   28.39 ? 41   ASP B CB  1 
ATOM   962  C  CG  . ASP B 1 41 ? 4.429   -2.530  -1.189  1.00   34.34 ? 41   ASP B CG  1 
ATOM   963  O  OD1 . ASP B 1 41 ? 5.565   -2.204  -1.614  1.00   38.68 ? 41   ASP B OD1 1 
ATOM   964  O  OD2 . ASP B 1 41 ? 3.593   -3.184  -1.859  1.00   35.66 ? 41   ASP B OD2 1 
ATOM   965  N  N   . VAL B 1 42 ? 1.442   -0.967  2.089   1.00   22.21 ? 42   VAL B N   1 
ATOM   966  C  CA  . VAL B 1 42 ? 1.092   -0.533  3.426   1.00   19.54 ? 42   VAL B CA  1 
ATOM   967  C  C   . VAL B 1 42 ? 0.902   -1.723  4.348   1.00   19.58 ? 42   VAL B C   1 
ATOM   968  O  O   . VAL B 1 42 ? 0.133   -2.635  4.056   1.00   17.51 ? 42   VAL B O   1 
ATOM   969  C  CB  . VAL B 1 42 ? -0.183  0.317   3.409   1.00   17.61 ? 42   VAL B CB  1 
ATOM   970  C  CG1 . VAL B 1 42 ? -0.428  0.915   4.790   1.00   15.49 ? 42   VAL B CG1 1 
ATOM   971  C  CG2 . VAL B 1 42 ? -0.054  1.403   2.339   1.00   13.63 ? 42   VAL B CG2 1 
ATOM   972  N  N   . ILE B 1 43 ? 1.638   -1.706  5.452   1.00   19.79 ? 43   ILE B N   1 
ATOM   973  C  CA  . ILE B 1 43 ? 1.559   -2.759  6.439   1.00   20.01 ? 43   ILE B CA  1 
ATOM   974  C  C   . ILE B 1 43 ? 0.955   -2.146  7.684   1.00   21.44 ? 43   ILE B C   1 
ATOM   975  O  O   . ILE B 1 43 ? 1.422   -1.106  8.145   1.00   21.92 ? 43   ILE B O   1 
ATOM   976  C  CB  . ILE B 1 43 ? 2.938   -3.289  6.789   1.00   19.11 ? 43   ILE B CB  1 
ATOM   977  C  CG1 . ILE B 1 43 ? 3.677   -3.654  5.505   1.00   20.62 ? 43   ILE B CG1 1 
ATOM   978  C  CG2 . ILE B 1 43 ? 2.806   -4.492  7.705   1.00   19.08 ? 43   ILE B CG2 1 
ATOM   979  C  CD1 . ILE B 1 43 ? 5.102   -4.092  5.724   1.00   23.81 ? 43   ILE B CD1 1 
ATOM   980  N  N   . THR B 1 44 ? -0.089  -2.777  8.216   1.00   22.67 ? 44   THR B N   1 
ATOM   981  C  CA  . THR B 1 44 ? -0.739  -2.285  9.421   1.00   24.75 ? 44   THR B CA  1 
ATOM   982  C  C   . THR B 1 44 ? -0.750  -3.409  10.454  1.00   25.13 ? 44   THR B C   1 
ATOM   983  O  O   . THR B 1 44 ? -0.737  -4.581  10.096  1.00   24.80 ? 44   THR B O   1 
ATOM   984  C  CB  . THR B 1 44 ? -2.192  -1.844  9.142   1.00   25.57 ? 44   THR B CB  1 
ATOM   985  O  OG1 . THR B 1 44 ? -2.266  -1.153  7.886   1.00   25.28 ? 44   THR B OG1 1 
ATOM   986  C  CG2 . THR B 1 44 ? -2.658  -0.897  10.223  1.00   27.11 ? 44   THR B CG2 1 
ATOM   987  N  N   . PHE B 1 45 ? -0.767  -3.057  11.733  1.00   27.00 ? 45   PHE B N   1 
ATOM   988  C  CA  . PHE B 1 45 ? -0.781  -4.069  12.788  1.00   28.31 ? 45   PHE B CA  1 
ATOM   989  C  C   . PHE B 1 45 ? -0.825  -3.476  14.186  1.00   28.77 ? 45   PHE B C   1 
ATOM   990  O  O   . PHE B 1 45 ? -0.294  -2.394  14.446  1.00   28.35 ? 45   PHE B O   1 
ATOM   991  C  CB  . PHE B 1 45 ? 0.431   -5.005  12.659  1.00   29.21 ? 45   PHE B CB  1 
ATOM   992  C  CG  . PHE B 1 45 ? 1.761   -4.313  12.790  1.00   30.66 ? 45   PHE B CG  1 
ATOM   993  C  CD1 . PHE B 1 45 ? 2.331   -4.098  14.042  1.00   30.83 ? 45   PHE B CD1 1 
ATOM   994  C  CD2 . PHE B 1 45 ? 2.440   -3.860  11.659  1.00   32.13 ? 45   PHE B CD2 1 
ATOM   995  C  CE1 . PHE B 1 45 ? 3.558   -3.439  14.164  1.00   31.13 ? 45   PHE B CE1 1 
ATOM   996  C  CE2 . PHE B 1 45 ? 3.669   -3.197  11.771  1.00   31.41 ? 45   PHE B CE2 1 
ATOM   997  C  CZ  . PHE B 1 45 ? 4.223   -2.989  13.028  1.00   30.41 ? 45   PHE B CZ  1 
ATOM   998  N  N   . THR B 1 46 ? -1.470  -4.205  15.083  1.00   30.30 ? 46   THR B N   1 
ATOM   999  C  CA  . THR B 1 46 ? -1.618  -3.795  16.468  1.00   32.05 ? 46   THR B CA  1 
ATOM   1000 C  C   . THR B 1 46 ? -0.414  -4.233  17.303  1.00   34.22 ? 46   THR B C   1 
ATOM   1001 O  O   . THR B 1 46 ? 0.299   -5.174  16.939  1.00   33.51 ? 46   THR B O   1 
ATOM   1002 C  CB  . THR B 1 46 ? -2.914  -4.387  17.038  1.00   31.43 ? 46   THR B CB  1 
ATOM   1003 O  OG1 . THR B 1 46 ? -4.023  -3.693  16.461  1.00   30.43 ? 46   THR B OG1 1 
ATOM   1004 C  CG2 . THR B 1 46 ? -2.964  -4.270  18.559  1.00   32.97 ? 46   THR B CG2 1 
HETATM 1005 N  N   . MSE B 1 47 ? -0.195  -3.550  18.425  1.00   37.14 ? 47   MSE B N   1 
HETATM 1006 C  CA  . MSE B 1 47 ? 0.936   -3.867  19.284  1.00   41.38 ? 47   MSE B CA  1 
HETATM 1007 C  C   . MSE B 1 47 ? 0.820   -3.256  20.680  1.00   42.56 ? 47   MSE B C   1 
HETATM 1008 O  O   . MSE B 1 47 ? 0.823   -2.037  20.829  1.00   43.34 ? 47   MSE B O   1 
HETATM 1009 C  CB  . MSE B 1 47 ? 2.208   -3.379  18.594  1.00   44.35 ? 47   MSE B CB  1 
HETATM 1010 C  CG  . MSE B 1 47 ? 3.499   -3.527  19.365  1.00   48.77 ? 47   MSE B CG  1 
HETATM 1011 SE SE  . MSE B 1 47 ? 4.965   -2.947  18.210  1.00   56.52 ? 47   MSE B SE  1 
HETATM 1012 C  CE  . MSE B 1 47 ? 5.922   -4.623  18.022  1.00   53.22 ? 47   MSE B CE  1 
ATOM   1013 N  N   . ASP B 1 48 ? 0.706   -4.103  21.701  1.00   44.76 ? 48   ASP B N   1 
ATOM   1014 C  CA  . ASP B 1 48 ? 0.617   -3.629  23.083  1.00   47.73 ? 48   ASP B CA  1 
ATOM   1015 C  C   . ASP B 1 48 ? 2.017   -3.285  23.577  1.00   48.97 ? 48   ASP B C   1 
ATOM   1016 O  O   . ASP B 1 48 ? 2.904   -4.140  23.585  1.00   49.18 ? 48   ASP B O   1 
ATOM   1017 C  CB  . ASP B 1 48 ? 0.036   -4.708  24.005  1.00   49.46 ? 48   ASP B CB  1 
ATOM   1018 C  CG  . ASP B 1 48 ? -1.425  -4.988  23.736  1.00   51.67 ? 48   ASP B CG  1 
ATOM   1019 O  OD1 . ASP B 1 48 ? -2.213  -4.017  23.692  1.00   52.86 ? 48   ASP B OD1 1 
ATOM   1020 O  OD2 . ASP B 1 48 ? -1.788  -6.179  23.581  1.00   51.93 ? 48   ASP B OD2 1 
ATOM   1021 N  N   . GLU B 1 49 ? 2.228   -2.042  23.993  1.00   50.72 ? 49   GLU B N   1 
ATOM   1022 C  CA  . GLU B 1 49 ? 3.549   -1.663  24.477  1.00   52.34 ? 49   GLU B CA  1 
ATOM   1023 C  C   . GLU B 1 49 ? 3.504   -0.700  25.654  1.00   52.42 ? 49   GLU B C   1 
ATOM   1024 O  O   . GLU B 1 49 ? 2.566   0.083   25.795  1.00   52.76 ? 49   GLU B O   1 
ATOM   1025 C  CB  . GLU B 1 49 ? 4.373   -1.056  23.341  1.00   53.04 ? 49   GLU B CB  1 
ATOM   1026 C  CG  . GLU B 1 49 ? 5.769   -0.635  23.769  1.00   54.97 ? 49   GLU B CG  1 
ATOM   1027 C  CD  . GLU B 1 49 ? 6.590   -1.795  24.315  1.00   56.52 ? 49   GLU B CD  1 
ATOM   1028 O  OE1 . GLU B 1 49 ? 7.620   -1.544  24.978  1.00   57.51 ? 49   GLU B OE1 1 
ATOM   1029 O  OE2 . GLU B 1 49 ? 6.206   -2.961  24.078  1.00   57.73 ? 49   GLU B OE2 1 
ATOM   1030 N  N   . ASP B 1 50 ? 4.532   -0.773  26.497  1.00   52.72 ? 50   ASP B N   1 
ATOM   1031 C  CA  . ASP B 1 50 ? 4.648   0.080   27.680  1.00   52.13 ? 50   ASP B CA  1 
ATOM   1032 C  C   . ASP B 1 50 ? 4.608   1.572   27.366  1.00   50.45 ? 50   ASP B C   1 
ATOM   1033 O  O   . ASP B 1 50 ? 4.087   2.361   28.154  1.00   50.93 ? 50   ASP B O   1 
ATOM   1034 C  CB  . ASP B 1 50 ? 5.956   -0.215  28.429  1.00   53.27 ? 50   ASP B CB  1 
ATOM   1035 C  CG  . ASP B 1 50 ? 5.941   -1.558  29.125  1.00   55.25 ? 50   ASP B CG  1 
ATOM   1036 O  OD1 . ASP B 1 50 ? 5.034   -1.779  29.955  1.00   56.58 ? 50   ASP B OD1 1 
ATOM   1037 O  OD2 . ASP B 1 50 ? 6.833   -2.392  28.850  1.00   56.20 ? 50   ASP B OD2 1 
ATOM   1038 N  N   . SER B 1 51 ? 5.153   1.959   26.217  1.00   47.22 ? 51   SER B N   1 
ATOM   1039 C  CA  . SER B 1 51 ? 5.196   3.364   25.865  1.00   43.69 ? 51   SER B CA  1 
ATOM   1040 C  C   . SER B 1 51 ? 5.316   3.611   24.376  1.00   43.26 ? 51   SER B C   1 
ATOM   1041 O  O   . SER B 1 51 ? 5.937   2.833   23.651  1.00   43.25 ? 51   SER B O   1 
ATOM   1042 C  CB  . SER B 1 51 ? 6.379   4.010   26.570  1.00   43.23 ? 51   SER B CB  1 
ATOM   1043 O  OG  . SER B 1 51 ? 7.557   3.255   26.340  1.00   40.87 ? 51   SER B OG  1 
ATOM   1044 N  N   . LEU B 1 52 ? 4.728   4.715   23.928  1.00   42.06 ? 52   LEU B N   1 
ATOM   1045 C  CA  . LEU B 1 52 ? 4.783   5.086   22.524  1.00   41.06 ? 52   LEU B CA  1 
ATOM   1046 C  C   . LEU B 1 52 ? 6.237   5.073   22.065  1.00   40.97 ? 52   LEU B C   1 
ATOM   1047 O  O   . LEU B 1 52 ? 6.558   4.583   20.977  1.00   40.80 ? 52   LEU B O   1 
ATOM   1048 C  CB  . LEU B 1 52 ? 4.204   6.483   22.326  1.00   40.28 ? 52   LEU B CB  1 
ATOM   1049 C  CG  . LEU B 1 52 ? 4.068   6.940   20.875  1.00   40.55 ? 52   LEU B CG  1 
ATOM   1050 C  CD1 . LEU B 1 52 ? 3.128   5.997   20.145  1.00   40.64 ? 52   LEU B CD1 1 
ATOM   1051 C  CD2 . LEU B 1 52 ? 3.533   8.364   20.822  1.00   39.94 ? 52   LEU B CD2 1 
ATOM   1052 N  N   . GLU B 1 53 ? 7.111   5.605   22.915  0.0000 40.17 ? 53   GLU B N   1 
ATOM   1053 C  CA  . GLU B 1 53 ? 8.535   5.679   22.613  0.0000 39.07 ? 53   GLU B CA  1 
ATOM   1054 C  C   . GLU B 1 53 ? 9.122   4.300   22.354  0.0000 38.25 ? 53   GLU B C   1 
ATOM   1055 O  O   . GLU B 1 53 ? 10.125  4.164   21.647  0.0000 36.74 ? 53   GLU B O   1 
ATOM   1056 C  CB  . GLU B 1 53 ? 9.290   6.371   23.750  0.0000 38.55 ? 53   GLU B CB  1 
ATOM   1057 C  CG  . GLU B 1 53 ? 8.831   7.794   24.023  0.0000 20.00 ? 53   GLU B CG  1 
ATOM   1058 C  CD  . GLU B 1 53 ? 9.600   8.447   25.155  0.0000 20.00 ? 53   GLU B CD  1 
ATOM   1059 O  OE1 . GLU B 1 53 ? 10.492  7.785   25.726  0.0000 20.00 ? 53   GLU B OE1 1 
ATOM   1060 O  OE2 . GLU B 1 53 ? 9.310   9.620   25.471  0.0000 20.00 ? 53   GLU B OE2 1 
ATOM   1061 N  N   . ALA B 1 54 ? 8.494   3.275   22.921  1.00   38.01 ? 54   ALA B N   1 
ATOM   1062 C  CA  . ALA B 1 54 ? 8.980   1.918   22.724  1.00   38.13 ? 54   ALA B CA  1 
ATOM   1063 C  C   . ALA B 1 54 ? 8.445   1.366   21.411  1.00   38.56 ? 54   ALA B C   1 
ATOM   1064 O  O   . ALA B 1 54 ? 9.159   0.665   20.693  1.00   39.73 ? 54   ALA B O   1 
ATOM   1065 C  CB  . ALA B 1 54 ? 8.565   1.031   23.878  1.00   37.70 ? 54   ALA B CB  1 
ATOM   1066 N  N   . VAL B 1 55 ? 7.191   1.678   21.091  1.00   37.51 ? 55   VAL B N   1 
ATOM   1067 C  CA  . VAL B 1 55 ? 6.611   1.202   19.839  1.00   35.85 ? 55   VAL B CA  1 
ATOM   1068 C  C   . VAL B 1 55 ? 7.342   1.882   18.690  1.00   35.43 ? 55   VAL B C   1 
ATOM   1069 O  O   . VAL B 1 55 ? 7.674   1.249   17.693  1.00   35.55 ? 55   VAL B O   1 
ATOM   1070 C  CB  . VAL B 1 55 ? 5.113   1.529   19.744  1.00   35.47 ? 55   VAL B CB  1 
ATOM   1071 C  CG1 . VAL B 1 55 ? 4.559   1.041   18.427  1.00   34.51 ? 55   VAL B CG1 1 
ATOM   1072 C  CG2 . VAL B 1 55 ? 4.377   0.872   20.877  1.00   35.14 ? 55   VAL B CG2 1 
ATOM   1073 N  N   . GLU B 1 56 ? 7.595   3.178   18.839  1.00   35.51 ? 56   GLU B N   1 
ATOM   1074 C  CA  . GLU B 1 56 ? 8.309   3.940   17.821  1.00   35.57 ? 56   GLU B CA  1 
ATOM   1075 C  C   . GLU B 1 56 ? 9.717   3.384   17.588  1.00   34.71 ? 56   GLU B C   1 
ATOM   1076 O  O   . GLU B 1 56 ? 10.131  3.172   16.446  1.00   34.62 ? 56   GLU B O   1 
ATOM   1077 C  CB  . GLU B 1 56 ? 8.428   5.405   18.238  1.00   35.56 ? 56   GLU B CB  1 
ATOM   1078 C  CG  . GLU B 1 56 ? 7.114   6.123   18.394  1.00   37.70 ? 56   GLU B CG  1 
ATOM   1079 C  CD  . GLU B 1 56 ? 7.299   7.622   18.503  1.00   39.50 ? 56   GLU B CD  1 
ATOM   1080 O  OE1 . GLU B 1 56 ? 6.284   8.348   18.545  1.00   40.82 ? 56   GLU B OE1 1 
ATOM   1081 O  OE2 . GLU B 1 56 ? 8.465   8.076   18.546  1.00   41.74 ? 56   GLU B OE2 1 
ATOM   1082 N  N   . ARG B 1 57 ? 10.446  3.155   18.678  0.0000 33.01 ? 57   ARG B N   1 
ATOM   1083 C  CA  . ARG B 1 57 ? 11.806  2.644   18.594  0.0000 32.58 ? 57   ARG B CA  1 
ATOM   1084 C  C   . ARG B 1 57 ? 11.847  1.234   18.009  0.0000 32.89 ? 57   ARG B C   1 
ATOM   1085 O  O   . ARG B 1 57 ? 12.802  0.861   17.324  0.0000 33.42 ? 57   ARG B O   1 
ATOM   1086 C  CB  . ARG B 1 57 ? 12.471  2.662   19.972  0.0000 32.29 ? 57   ARG B CB  1 
ATOM   1087 C  CG  . ARG B 1 57 ? 12.893  4.044   20.441  0.0000 20.00 ? 57   ARG B CG  1 
ATOM   1088 C  CD  . ARG B 1 57 ? 14.258  4.010   21.108  0.0000 20.00 ? 57   ARG B CD  1 
ATOM   1089 N  NE  . ARG B 1 57 ? 15.295  3.520   20.205  0.0000 20.00 ? 57   ARG B NE  1 
ATOM   1090 C  CZ  . ARG B 1 57 ? 16.575  3.391   20.538  0.0000 20.00 ? 57   ARG B CZ  1 
ATOM   1091 N  NH1 . ARG B 1 57 ? 16.979  3.717   21.758  0.0000 20.00 ? 57   ARG B NH1 1 
ATOM   1092 N  NH2 . ARG B 1 57 ? 17.449  2.936   19.650  0.0000 20.00 ? 57   ARG B NH2 1 
ATOM   1093 N  N   . GLU B 1 58 ? 10.810  0.449   18.273  1.00   33.36 ? 58   GLU B N   1 
ATOM   1094 C  CA  . GLU B 1 58 ? 10.749  -0.913  17.761  1.00   33.23 ? 58   GLU B CA  1 
ATOM   1095 C  C   . GLU B 1 58 ? 10.278  -0.974  16.319  1.00   32.22 ? 58   GLU B C   1 
ATOM   1096 O  O   . GLU B 1 58 ? 10.874  -1.658  15.486  1.00   32.45 ? 58   GLU B O   1 
ATOM   1097 C  CB  . GLU B 1 58 ? 9.820   -1.756  18.610  1.00   34.94 ? 58   GLU B CB  1 
ATOM   1098 C  CG  . GLU B 1 58 ? 10.271  -1.911  20.025  1.00   38.42 ? 58   GLU B CG  1 
ATOM   1099 C  CD  . GLU B 1 58 ? 9.564   -3.055  20.692  1.00   41.20 ? 58   GLU B CD  1 
ATOM   1100 O  OE1 . GLU B 1 58 ? 9.892   -4.213  20.341  1.00   42.57 ? 58   GLU B OE1 1 
ATOM   1101 O  OE2 . GLU B 1 58 ? 8.675   -2.794  21.544  1.00   40.91 ? 58   GLU B OE2 1 
ATOM   1102 N  N   . VAL B 1 59 ? 9.194   -0.276  16.016  1.00   30.66 ? 59   VAL B N   1 
ATOM   1103 C  CA  . VAL B 1 59 ? 8.705   -0.286  14.653  1.00   30.60 ? 59   VAL B CA  1 
ATOM   1104 C  C   . VAL B 1 59 ? 9.872   0.133   13.767  1.00   32.07 ? 59   VAL B C   1 
ATOM   1105 O  O   . VAL B 1 59 ? 10.157  -0.508  12.754  1.00   32.99 ? 59   VAL B O   1 
ATOM   1106 C  CB  . VAL B 1 59 ? 7.532   0.689   14.467  1.00   29.53 ? 59   VAL B CB  1 
ATOM   1107 C  CG1 . VAL B 1 59 ? 7.046   0.639   13.032  1.00   30.57 ? 59   VAL B CG1 1 
ATOM   1108 C  CG2 . VAL B 1 59 ? 6.397   0.325   15.417  1.00   27.49 ? 59   VAL B CG2 1 
ATOM   1109 N  N   . GLU B 1 60 ? 10.567  1.194   14.172  1.00   32.90 ? 60   GLU B N   1 
ATOM   1110 C  CA  . GLU B 1 60 ? 11.714  1.687   13.419  1.00   33.93 ? 60   GLU B CA  1 
ATOM   1111 C  C   . GLU B 1 60 ? 12.763  0.594   13.183  1.00   34.28 ? 60   GLU B C   1 
ATOM   1112 O  O   . GLU B 1 60 ? 13.423  0.567   12.146  1.00   33.33 ? 60   GLU B O   1 
ATOM   1113 C  CB  . GLU B 1 60 ? 12.354  2.867   14.147  1.00   34.77 ? 60   GLU B CB  1 
ATOM   1114 C  CG  . GLU B 1 60 ? 13.687  3.294   13.564  1.00   37.40 ? 60   GLU B CG  1 
ATOM   1115 C  CD  . GLU B 1 60 ? 13.596  3.703   12.099  1.00   39.39 ? 60   GLU B CD  1 
ATOM   1116 O  OE1 . GLU B 1 60 ? 14.668  3.942   11.497  1.00   40.64 ? 60   GLU B OE1 1 
ATOM   1117 O  OE2 . GLU B 1 60 ? 12.467  3.792   11.556  1.00   37.30 ? 60   GLU B OE2 1 
ATOM   1118 N  N   . ASP B 1 61 ? 12.921  -0.302  14.148  1.00   35.52 ? 61   ASP B N   1 
ATOM   1119 C  CA  . ASP B 1 61 ? 13.879  -1.386  13.995  1.00   37.56 ? 61   ASP B CA  1 
ATOM   1120 C  C   . ASP B 1 61 ? 13.369  -2.355  12.942  1.00   37.83 ? 61   ASP B C   1 
ATOM   1121 O  O   . ASP B 1 61 ? 14.119  -2.790  12.072  1.00   36.79 ? 61   ASP B O   1 
ATOM   1122 C  CB  . ASP B 1 61 ? 14.074  -2.141  15.314  1.00   39.92 ? 61   ASP B CB  1 
ATOM   1123 C  CG  . ASP B 1 61 ? 14.902  -1.368  16.320  1.00   43.33 ? 61   ASP B CG  1 
ATOM   1124 O  OD1 . ASP B 1 61 ? 15.671  -0.466  15.913  1.00   43.60 ? 61   ASP B OD1 1 
ATOM   1125 O  OD2 . ASP B 1 61 ? 14.795  -1.682  17.529  1.00   45.58 ? 61   ASP B OD2 1 
HETATM 1126 N  N   . MSE B 1 62 ? 12.084  -2.690  13.037  1.00   38.15 ? 62   MSE B N   1 
HETATM 1127 C  CA  . MSE B 1 62 ? 11.450  -3.610  12.104  1.00   38.40 ? 62   MSE B CA  1 
HETATM 1128 C  C   . MSE B 1 62 ? 11.581  -3.140  10.661  1.00   36.53 ? 62   MSE B C   1 
HETATM 1129 O  O   . MSE B 1 62 ? 11.802  -3.949  9.757   1.00   36.36 ? 62   MSE B O   1 
HETATM 1130 C  CB  . MSE B 1 62 ? 9.975   -3.776  12.462  1.00   40.97 ? 62   MSE B CB  1 
HETATM 1131 C  CG  . MSE B 1 62 ? 9.747   -4.435  13.811  1.00   45.16 ? 62   MSE B CG  1 
HETATM 1132 SE SE  . MSE B 1 62 ? 7.877   -4.523  14.297  1.00   51.76 ? 62   MSE B SE  1 
HETATM 1133 C  CE  . MSE B 1 62 ? 7.162   -3.760  12.675  1.00   49.83 ? 62   MSE B CE  1 
ATOM   1134 N  N   . CYS B 1 63 ? 11.437  -1.839  10.446  1.00   34.88 ? 63   CYS B N   1 
ATOM   1135 C  CA  . CYS B 1 63 ? 11.559  -1.281  9.102   1.00   35.63 ? 63   CYS B CA  1 
ATOM   1136 C  C   . CYS B 1 63 ? 12.996  -1.392  8.614   1.00   34.93 ? 63   CYS B C   1 
ATOM   1137 O  O   . CYS B 1 63 ? 13.245  -1.725  7.461   1.00   35.67 ? 63   CYS B O   1 
ATOM   1138 C  CB  . CYS B 1 63 ? 11.136  0.191   9.082   1.00   35.66 ? 63   CYS B CB  1 
ATOM   1139 S  SG  . CYS B 1 63 ? 9.363   0.492   9.342   1.00   34.59 ? 63   CYS B SG  1 
ATOM   1140 N  N   . GLN B 1 64 ? 13.938  -1.119  9.506   1.00   34.98 ? 64   GLN B N   1 
ATOM   1141 C  CA  . GLN B 1 64 ? 15.357  -1.168  9.168   1.00   36.50 ? 64   GLN B CA  1 
ATOM   1142 C  C   . GLN B 1 64 ? 15.888  -2.566  8.824   1.00   37.79 ? 64   GLN B C   1 
ATOM   1143 O  O   . GLN B 1 64 ? 16.728  -2.721  7.928   1.00   37.72 ? 64   GLN B O   1 
ATOM   1144 C  CB  . GLN B 1 64 ? 16.191  -0.601  10.329  1.00   35.42 ? 64   GLN B CB  1 
ATOM   1145 C  CG  . GLN B 1 64 ? 16.063  0.899   10.569  1.00   33.61 ? 64   GLN B CG  1 
ATOM   1146 C  CD  . GLN B 1 64 ? 16.757  1.717   9.508   1.00   34.58 ? 64   GLN B CD  1 
ATOM   1147 O  OE1 . GLN B 1 64 ? 17.971  1.612   9.319   1.00   34.11 ? 64   GLN B OE1 1 
ATOM   1148 N  NE2 . GLN B 1 64 ? 15.991  2.540   8.801   1.00   34.54 ? 64   GLN B NE2 1 
ATOM   1149 N  N   . ARG B 1 65 ? 15.399  -3.582  9.526   1.00   38.23 ? 65   ARG B N   1 
ATOM   1150 C  CA  . ARG B 1 65 ? 15.890  -4.938  9.314   1.00   38.55 ? 65   ARG B CA  1 
ATOM   1151 C  C   . ARG B 1 65 ? 14.921  -5.951  8.732   1.00   37.18 ? 65   ARG B C   1 
ATOM   1152 O  O   . ARG B 1 65 ? 15.259  -7.131  8.646   1.00   38.76 ? 65   ARG B O   1 
ATOM   1153 C  CB  . ARG B 1 65 ? 16.395  -5.501  10.642  1.00   41.17 ? 65   ARG B CB  1 
ATOM   1154 C  CG  . ARG B 1 65 ? 15.263  -5.763  11.645  1.00   43.92 ? 65   ARG B CG  1 
ATOM   1155 C  CD  . ARG B 1 65 ? 15.667  -6.744  12.737  1.00   47.54 ? 65   ARG B CD  1 
ATOM   1156 N  NE  . ARG B 1 65 ? 16.779  -6.258  13.551  1.00   52.80 ? 65   ARG B NE  1 
ATOM   1157 C  CZ  . ARG B 1 65 ? 16.708  -5.220  14.382  1.00   54.93 ? 65   ARG B CZ  1 
ATOM   1158 N  NH1 . ARG B 1 65 ? 15.571  -4.549  14.515  1.00   55.73 ? 65   ARG B NH1 1 
ATOM   1159 N  NH2 . ARG B 1 65 ? 17.774  -4.856  15.086  1.00   56.47 ? 65   ARG B NH2 1 
ATOM   1160 N  N   . LEU B 1 66 ? 13.733  -5.528  8.322   1.00   35.59 ? 66   LEU B N   1 
ATOM   1161 C  CA  . LEU B 1 66 ? 12.785  -6.505  7.824   1.00   32.67 ? 66   LEU B CA  1 
ATOM   1162 C  C   . LEU B 1 66 ? 11.840  -5.996  6.730   1.00   33.32 ? 66   LEU B C   1 
ATOM   1163 O  O   . LEU B 1 66 ? 11.854  -6.491  5.603   1.00   33.62 ? 66   LEU B O   1 
ATOM   1164 C  CB  . LEU B 1 66 ? 11.983  -7.020  9.021   1.00   32.40 ? 66   LEU B CB  1 
ATOM   1165 C  CG  . LEU B 1 66 ? 11.522  -8.472  9.157   1.00   33.26 ? 66   LEU B CG  1 
ATOM   1166 C  CD1 . LEU B 1 66 ? 10.427  -8.792  8.144   1.00   33.83 ? 66   LEU B CD1 1 
ATOM   1167 C  CD2 . LEU B 1 66 ? 12.730  -9.389  8.995   1.00   33.87 ? 66   LEU B CD2 1 
ATOM   1168 N  N   . LEU B 1 67 ? 11.032  -4.996  7.057   1.00   31.74 ? 67   LEU B N   1 
ATOM   1169 C  CA  . LEU B 1 67 ? 10.052  -4.482  6.119   1.00   30.94 ? 67   LEU B CA  1 
ATOM   1170 C  C   . LEU B 1 67 ? 10.576  -3.865  4.829   1.00   31.68 ? 67   LEU B C   1 
ATOM   1171 O  O   . LEU B 1 67 ? 9.978   -4.059  3.770   1.00   30.97 ? 67   LEU B O   1 
ATOM   1172 C  CB  . LEU B 1 67 ? 9.138   -3.492  6.838   1.00   31.28 ? 67   LEU B CB  1 
ATOM   1173 C  CG  . LEU B 1 67 ? 8.595   -4.045  8.162   1.00   33.75 ? 67   LEU B CG  1 
ATOM   1174 C  CD1 . LEU B 1 67 ? 7.719   -2.985  8.820   1.00   33.61 ? 67   LEU B CD1 1 
ATOM   1175 C  CD2 . LEU B 1 67 ? 7.803   -5.352  7.925   1.00   32.25 ? 67   LEU B CD2 1 
ATOM   1176 N  N   . CYS B 1 68 ? 11.679  -3.121  4.892   1.00   31.71 ? 68   CYS B N   1 
ATOM   1177 C  CA  . CYS B 1 68 ? 12.197  -2.510  3.670   1.00   30.29 ? 68   CYS B CA  1 
ATOM   1178 C  C   . CYS B 1 68 ? 13.709  -2.434  3.621   1.00   27.76 ? 68   CYS B C   1 
ATOM   1179 O  O   . CYS B 1 68 ? 14.401  -2.936  4.504   1.00   27.62 ? 68   CYS B O   1 
ATOM   1180 C  CB  . CYS B 1 68 ? 11.627  -1.096  3.509   1.00   33.41 ? 68   CYS B CB  1 
ATOM   1181 S  SG  . CYS B 1 68 ? 12.289  0.151   4.660   1.00   37.54 ? 68   CYS B SG  1 
ATOM   1182 N  N   . ASN B 1 69 ? 14.215  -1.817  2.563   1.00   25.27 ? 69   ASN B N   1 
ATOM   1183 C  CA  . ASN B 1 69 ? 15.648  -1.618  2.394   1.00   23.04 ? 69   ASN B CA  1 
ATOM   1184 C  C   . ASN B 1 69 ? 15.785  -0.117  2.233   1.00   20.80 ? 69   ASN B C   1 
ATOM   1185 O  O   . ASN B 1 69 ? 15.512  0.419   1.170   1.00   20.97 ? 69   ASN B O   1 
ATOM   1186 C  CB  . ASN B 1 69 ? 16.166  -2.346  1.146   1.00   23.19 ? 69   ASN B CB  1 
ATOM   1187 C  CG  . ASN B 1 69 ? 17.617  -2.001  0.821   1.00   24.28 ? 69   ASN B CG  1 
ATOM   1188 O  OD1 . ASN B 1 69 ? 18.298  -2.738  0.103   1.00   25.47 ? 69   ASN B OD1 1 
ATOM   1189 N  ND2 . ASN B 1 69 ? 18.092  -0.872  1.337   1.00   25.67 ? 69   ASN B ND2 1 
ATOM   1190 N  N   . PRO B 1 70 ? 16.210  0.582   3.294   1.00   21.42 ? 70   PRO B N   1 
ATOM   1191 C  CA  . PRO B 1 70 ? 16.381  2.042   3.286   1.00   21.38 ? 70   PRO B CA  1 
ATOM   1192 C  C   . PRO B 1 70 ? 17.176  2.625   2.118   1.00   21.41 ? 70   PRO B C   1 
ATOM   1193 O  O   . PRO B 1 70 ? 16.941  3.758   1.719   1.00   22.19 ? 70   PRO B O   1 
ATOM   1194 C  CB  . PRO B 1 70 ? 17.049  2.321   4.634   1.00   19.79 ? 70   PRO B CB  1 
ATOM   1195 C  CG  . PRO B 1 70 ? 17.839  1.083   4.874   1.00   21.84 ? 70   PRO B CG  1 
ATOM   1196 C  CD  . PRO B 1 70 ? 16.834  0.001   4.496   1.00   21.98 ? 70   PRO B CD  1 
ATOM   1197 N  N   . VAL B 1 71 ? 18.116  1.862   1.578   1.00   20.73 ? 71   VAL B N   1 
ATOM   1198 C  CA  . VAL B 1 71 ? 18.910  2.352   0.468   1.00   21.64 ? 71   VAL B CA  1 
ATOM   1199 C  C   . VAL B 1 71 ? 18.030  2.681   -0.739  1.00   21.93 ? 71   VAL B C   1 
ATOM   1200 O  O   . VAL B 1 71 ? 18.357  3.570   -1.537  1.00   21.28 ? 71   VAL B O   1 
ATOM   1201 C  CB  . VAL B 1 71 ? 19.982  1.305   0.033   1.00   23.30 ? 71   VAL B CB  1 
ATOM   1202 C  CG1 . VAL B 1 71 ? 20.600  1.716   -1.309  1.00   23.62 ? 71   VAL B CG1 1 
ATOM   1203 C  CG2 . VAL B 1 71 ? 21.066  1.187   1.100   1.00   21.02 ? 71   VAL B CG2 1 
ATOM   1204 N  N   . ILE B 1 72 ? 16.913  1.968   -0.862  1.00   21.44 ? 72   ILE B N   1 
ATOM   1205 C  CA  . ILE B 1 72 ? 16.003  2.163   -1.989  1.00   20.90 ? 72   ILE B CA  1 
ATOM   1206 C  C   . ILE B 1 72 ? 14.565  2.567   -1.642  1.00   20.55 ? 72   ILE B C   1 
ATOM   1207 O  O   . ILE B 1 72 ? 13.871  3.151   -2.483  1.00   21.04 ? 72   ILE B O   1 
ATOM   1208 C  CB  . ILE B 1 72 ? 15.949  0.885   -2.877  1.00   20.90 ? 72   ILE B CB  1 
ATOM   1209 C  CG1 . ILE B 1 72 ? 15.326  -0.276  -2.098  1.00   21.52 ? 72   ILE B CG1 1 
ATOM   1210 C  CG2 . ILE B 1 72 ? 17.357  0.476   -3.293  1.00   21.18 ? 72   ILE B CG2 1 
ATOM   1211 C  CD1 . ILE B 1 72 ? 15.307  -1.574  -2.870  1.00   20.76 ? 72   ILE B CD1 1 
ATOM   1212 N  N   . HIS B 1 73 ? 14.108  2.262   -0.425  1.00   19.98 ? 73   HIS B N   1 
ATOM   1213 C  CA  . HIS B 1 73 ? 12.733  2.612   -0.023  1.00   20.47 ? 73   HIS B CA  1 
ATOM   1214 C  C   . HIS B 1 73 ? 12.607  3.837   0.874   1.00   20.30 ? 73   HIS B C   1 
ATOM   1215 O  O   . HIS B 1 73 ? 13.463  4.101   1.712   1.00   20.03 ? 73   HIS B O   1 
ATOM   1216 C  CB  . HIS B 1 73 ? 12.048  1.464   0.735   1.00   18.61 ? 73   HIS B CB  1 
ATOM   1217 C  CG  . HIS B 1 73 ? 11.943  0.195   -0.041  1.00   20.03 ? 73   HIS B CG  1 
ATOM   1218 N  ND1 . HIS B 1 73 ? 12.801  -0.867  0.149   1.00   20.72 ? 73   HIS B ND1 1 
ATOM   1219 C  CD2 . HIS B 1 73 ? 11.085  -0.183  -1.017  1.00   20.14 ? 73   HIS B CD2 1 
ATOM   1220 C  CE1 . HIS B 1 73 ? 12.473  -1.845  -0.676  1.00   20.54 ? 73   HIS B CE1 1 
ATOM   1221 N  NE2 . HIS B 1 73 ? 11.436  -1.455  -1.395  1.00   19.90 ? 73   HIS B NE2 1 
ATOM   1222 N  N   . ASP B 1 74 ? 11.524  4.579   0.676   1.00   20.99 ? 74   ASP B N   1 
ATOM   1223 C  CA  . ASP B 1 74 ? 11.185  5.730   1.510   1.00   21.08 ? 74   ASP B CA  1 
ATOM   1224 C  C   . ASP B 1 74 ? 10.024  5.129   2.299   1.00   23.16 ? 74   ASP B C   1 
ATOM   1225 O  O   . ASP B 1 74 ? 9.162   4.471   1.706   1.00   24.02 ? 74   ASP B O   1 
ATOM   1226 C  CB  . ASP B 1 74 ? 10.627  6.907   0.687   1.00   19.19 ? 74   ASP B CB  1 
ATOM   1227 C  CG  . ASP B 1 74 ? 11.707  7.781   0.065   1.00   16.72 ? 74   ASP B CG  1 
ATOM   1228 O  OD1 . ASP B 1 74 ? 12.773  7.973   0.688   1.00   15.21 ? 74   ASP B OD1 1 
ATOM   1229 O  OD2 . ASP B 1 74 ? 11.467  8.305   -1.047  1.00   17.53 ? 74   ASP B OD2 1 
ATOM   1230 N  N   . TYR B 1 75 ? 9.986   5.317   3.614   1.00   24.89 ? 75   TYR B N   1 
ATOM   1231 C  CA  . TYR B 1 75 ? 8.869   4.767   4.360   1.00   25.73 ? 75   TYR B CA  1 
ATOM   1232 C  C   . TYR B 1 75 ? 8.271   5.739   5.357   1.00   26.21 ? 75   TYR B C   1 
ATOM   1233 O  O   . TYR B 1 75 ? 8.907   6.713   5.748   1.00   27.48 ? 75   TYR B O   1 
ATOM   1234 C  CB  . TYR B 1 75 ? 9.269   3.458   5.038   1.00   27.71 ? 75   TYR B CB  1 
ATOM   1235 C  CG  . TYR B 1 75 ? 10.416  3.551   6.010   1.00   30.18 ? 75   TYR B CG  1 
ATOM   1236 C  CD1 . TYR B 1 75 ? 10.194  3.481   7.387   1.00   31.63 ? 75   TYR B CD1 1 
ATOM   1237 C  CD2 . TYR B 1 75 ? 11.728  3.687   5.556   1.00   30.93 ? 75   TYR B CD2 1 
ATOM   1238 C  CE1 . TYR B 1 75 ? 11.251  3.538   8.293   1.00   33.27 ? 75   TYR B CE1 1 
ATOM   1239 C  CE2 . TYR B 1 75 ? 12.795  3.750   6.451   1.00   33.24 ? 75   TYR B CE2 1 
ATOM   1240 C  CZ  . TYR B 1 75 ? 12.549  3.673   7.818   1.00   33.81 ? 75   TYR B CZ  1 
ATOM   1241 O  OH  . TYR B 1 75 ? 13.597  3.722   8.705   1.00   33.08 ? 75   TYR B OH  1 
ATOM   1242 N  N   . ASP B 1 76 ? 7.020   5.481   5.724   1.00   27.20 ? 76   ASP B N   1 
ATOM   1243 C  CA  . ASP B 1 76 ? 6.265   6.295   6.673   1.00   27.54 ? 76   ASP B CA  1 
ATOM   1244 C  C   . ASP B 1 76 ? 5.762   5.400   7.783   1.00   27.64 ? 76   ASP B C   1 
ATOM   1245 O  O   . ASP B 1 76 ? 5.358   4.260   7.544   1.00   28.27 ? 76   ASP B O   1 
ATOM   1246 C  CB  . ASP B 1 76 ? 5.044   6.922   6.001   1.00   27.45 ? 76   ASP B CB  1 
ATOM   1247 C  CG  . ASP B 1 76 ? 5.352   8.226   5.343   1.00   29.21 ? 76   ASP B CG  1 
ATOM   1248 O  OD1 . ASP B 1 76 ? 5.229   9.263   6.026   1.00   30.20 ? 76   ASP B OD1 1 
ATOM   1249 O  OD2 . ASP B 1 76 ? 5.723   8.218   4.147   1.00   31.73 ? 76   ASP B OD2 1 
ATOM   1250 N  N   . VAL B 1 77 ? 5.776   5.916   9.002   1.00   27.28 ? 77   VAL B N   1 
ATOM   1251 C  CA  . VAL B 1 77 ? 5.275   5.158   10.129  1.00   26.26 ? 77   VAL B CA  1 
ATOM   1252 C  C   . VAL B 1 77 ? 4.332   6.051   10.915  1.00   26.77 ? 77   VAL B C   1 
ATOM   1253 O  O   . VAL B 1 77 ? 4.699   7.162   11.316  1.00   27.09 ? 77   VAL B O   1 
ATOM   1254 C  CB  . VAL B 1 77 ? 6.411   4.677   11.049  1.00   25.39 ? 77   VAL B CB  1 
ATOM   1255 C  CG1 . VAL B 1 77 ? 5.824   3.905   12.229  1.00   24.48 ? 77   VAL B CG1 1 
ATOM   1256 C  CG2 . VAL B 1 77 ? 7.365   3.787   10.274  1.00   24.21 ? 77   VAL B CG2 1 
ATOM   1257 N  N   . SER B 1 78 ? 3.104   5.577   11.099  1.00   25.87 ? 78   SER B N   1 
ATOM   1258 C  CA  . SER B 1 78 ? 2.109   6.320   11.860  1.00   25.41 ? 78   SER B CA  1 
ATOM   1259 C  C   . SER B 1 78 ? 1.660   5.425   13.003  1.00   24.64 ? 78   SER B C   1 
ATOM   1260 O  O   . SER B 1 78 ? 1.358   4.251   12.805  1.00   25.09 ? 78   SER B O   1 
ATOM   1261 C  CB  . SER B 1 78 ? 0.909   6.695   10.978  1.00   25.84 ? 78   SER B CB  1 
ATOM   1262 O  OG  . SER B 1 78 ? 0.166   5.549   10.596  1.00   27.80 ? 78   SER B OG  1 
ATOM   1263 N  N   . ILE B 1 79 ? 1.634   5.979   14.205  1.00   25.15 ? 79   ILE B N   1 
ATOM   1264 C  CA  . ILE B 1 79 ? 1.225   5.212   15.368  1.00   25.89 ? 79   ILE B CA  1 
ATOM   1265 C  C   . ILE B 1 79 ? 0.034   5.903   16.023  1.00   26.96 ? 79   ILE B C   1 
ATOM   1266 O  O   . ILE B 1 79 ? 0.118   7.049   16.447  1.00   26.07 ? 79   ILE B O   1 
ATOM   1267 C  CB  . ILE B 1 79 ? 2.404   5.068   16.358  1.00   25.07 ? 79   ILE B CB  1 
ATOM   1268 C  CG1 . ILE B 1 79 ? 3.635   4.572   15.591  1.00   24.34 ? 79   ILE B CG1 1 
ATOM   1269 C  CG2 . ILE B 1 79 ? 2.058   4.077   17.456  1.00   23.68 ? 79   ILE B CG2 1 
ATOM   1270 C  CD1 . ILE B 1 79 ? 4.926   4.687   16.345  1.00   23.24 ? 79   ILE B CD1 1 
ATOM   1271 N  N   . ASN B 1 80 ? -1.084  5.193   16.067  1.00   29.71 ? 80   ASN B N   1 
ATOM   1272 C  CA  . ASN B 1 80 ? -2.308  5.708   16.650  1.00   34.62 ? 80   ASN B CA  1 
ATOM   1273 C  C   . ASN B 1 80 ? -2.605  4.913   17.924  1.00   36.86 ? 80   ASN B C   1 
ATOM   1274 O  O   . ASN B 1 80 ? -2.653  3.685   17.894  1.00   36.33 ? 80   ASN B O   1 
ATOM   1275 C  CB  . ASN B 1 80 ? -3.459  5.533   15.648  1.00   37.10 ? 80   ASN B CB  1 
ATOM   1276 C  CG  . ASN B 1 80 ? -3.091  5.998   14.237  1.00   40.68 ? 80   ASN B CG  1 
ATOM   1277 O  OD1 . ASN B 1 80 ? -3.029  7.198   13.968  1.00   44.14 ? 80   ASN B OD1 1 
ATOM   1278 N  ND2 . ASN B 1 80 ? -2.838  5.044   13.333  1.00   40.79 ? 80   ASN B ND2 1 
ATOM   1279 N  N   . GLU B 1 81 ? -2.790  5.604   19.042  1.00   40.48 ? 81   GLU B N   1 
ATOM   1280 C  CA  . GLU B 1 81 ? -3.093  4.926   20.300  1.00   45.37 ? 81   GLU B CA  1 
ATOM   1281 C  C   . GLU B 1 81 ? -4.567  4.530   20.355  1.00   47.96 ? 81   GLU B C   1 
ATOM   1282 O  O   . GLU B 1 81 ? -5.445  5.363   20.158  1.00   48.01 ? 81   GLU B O   1 
ATOM   1283 C  CB  . GLU B 1 81 ? -2.747  5.828   21.487  1.00   45.80 ? 81   GLU B CB  1 
ATOM   1284 C  CG  . GLU B 1 81 ? -1.256  6.122   21.597  1.00   48.54 ? 81   GLU B CG  1 
ATOM   1285 C  CD  . GLU B 1 81 ? -0.876  6.909   22.843  1.00   50.04 ? 81   GLU B CD  1 
ATOM   1286 O  OE1 . GLU B 1 81 ? -1.325  6.530   23.952  1.00   50.95 ? 81   GLU B OE1 1 
ATOM   1287 O  OE2 . GLU B 1 81 ? -0.111  7.894   22.711  1.00   49.79 ? 81   GLU B OE2 1 
HETATM 1288 N  N   . MSE B 1 82 ? -4.830  3.251   20.610  1.00   52.29 ? 82   MSE B N   1 
HETATM 1289 C  CA  . MSE B 1 82 ? -6.192  2.736   20.679  1.00   55.99 ? 82   MSE B CA  1 
HETATM 1290 C  C   . MSE B 1 82 ? -6.691  2.710   22.116  1.00   56.33 ? 82   MSE B C   1 
HETATM 1291 O  O   . MSE B 1 82 ? -5.924  2.943   23.047  1.00   56.86 ? 82   MSE B O   1 
HETATM 1292 C  CB  . MSE B 1 82 ? -6.244  1.328   20.090  1.00   60.15 ? 82   MSE B CB  1 
HETATM 1293 C  CG  . MSE B 1 82 ? -5.957  1.277   18.597  1.00   66.41 ? 82   MSE B CG  1 
HETATM 1294 SE SE  . MSE B 1 82 ? -5.587  -0.527  17.946  1.00   77.36 ? 82   MSE B SE  1 
HETATM 1295 C  CE  . MSE B 1 82 ? -7.413  -1.158  17.738  1.00   72.71 ? 82   MSE B CE  1 
ATOM   1296 N  N   . SER B 1 83 ? 4.779   10.542  12.411  1.00   34.42 ? 83   SER B N   1 
ATOM   1297 C  CA  . SER B 1 83 ? 3.343   10.626  12.690  1.00   35.10 ? 83   SER B CA  1 
ATOM   1298 C  C   . SER B 1 83 ? 2.926   9.843   13.936  1.00   35.17 ? 83   SER B C   1 
ATOM   1299 O  O   . SER B 1 83 ? 3.392   8.735   14.169  1.00   36.45 ? 83   SER B O   1 
ATOM   1300 C  CB  . SER B 1 83 ? 2.535   10.126  11.486  1.00   34.95 ? 83   SER B CB  1 
ATOM   1301 O  OG  . SER B 1 83 ? 2.717   10.963  10.353  1.00   33.99 ? 83   SER B OG  1 
ATOM   1302 N  N   . SER B 1 84 ? 2.036   10.429  14.729  1.00   35.06 ? 84   SER B N   1 
ATOM   1303 C  CA  . SER B 1 84 ? 1.551   9.805   15.955  1.00   34.64 ? 84   SER B CA  1 
ATOM   1304 C  C   . SER B 1 84 ? 0.306   10.521  16.468  1.00   34.36 ? 84   SER B C   1 
ATOM   1305 O  O   . SER B 1 84 ? 0.277   11.747  16.544  1.00   32.63 ? 84   SER B O   1 
ATOM   1306 C  CB  . SER B 1 84 ? 2.625   9.851   17.045  1.00   35.69 ? 84   SER B CB  1 
ATOM   1307 O  OG  . SER B 1 84 ? 2.025   9.826   18.339  1.00   36.96 ? 84   SER B OG  1 
ATOM   1308 N  N   . HIS B 1 85 ? -0.712  9.752   16.840  1.00   35.38 ? 85   HIS B N   1 
ATOM   1309 C  CA  . HIS B 1 85 ? -1.954  10.322  17.343  1.00   35.71 ? 85   HIS B CA  1 
ATOM   1310 C  C   . HIS B 1 85 ? -2.419  9.609   18.622  1.00   36.13 ? 85   HIS B C   1 
ATOM   1311 O  O   . HIS B 1 85 ? -1.949  8.474   18.852  1.00   36.53 ? 85   HIS B O   1 
ATOM   1312 C  CB  . HIS B 1 85 ? -3.036  10.206  16.267  1.00   37.30 ? 85   HIS B CB  1 
ATOM   1313 C  CG  . HIS B 1 85 ? -2.543  10.479  14.879  1.00   38.21 ? 85   HIS B CG  1 
ATOM   1314 N  ND1 . HIS B 1 85 ? -1.780  9.577   14.170  1.00   39.34 ? 85   HIS B ND1 1 
ATOM   1315 C  CD2 . HIS B 1 85 ? -2.710  11.551  14.067  1.00   39.52 ? 85   HIS B CD2 1 
ATOM   1316 C  CE1 . HIS B 1 85 ? -1.497  10.080  12.981  1.00   40.51 ? 85   HIS B CE1 1 
ATOM   1317 N  NE2 . HIS B 1 85 ? -2.050  11.277  12.893  1.00   41.55 ? 85   HIS B NE2 1 
ATOM   1318 O  OXT . HIS B 1 85 ? -3.255  10.175  19.373  1.00   35.56 ? 85   HIS B OXT 1 
HETATM 1319 O  O   . HOH C 2 .  ? -5.712  17.282  -21.932 1.00   18.84 ? 2001 HOH A O   1 
HETATM 1320 O  O   . HOH C 2 .  ? -3.275  5.977   0.241   1.00   34.84 ? 2002 HOH A O   1 
HETATM 1321 O  O   . HOH C 2 .  ? -10.802 -4.984  5.321   1.00   52.22 ? 2003 HOH A O   1 
HETATM 1322 O  O   . HOH C 2 .  ? -13.158 -10.801 13.685  1.00   29.16 ? 2004 HOH A O   1 
HETATM 1323 O  O   . HOH C 2 .  ? -9.001  -18.040 5.620   1.00   17.01 ? 2005 HOH A O   1 
HETATM 1324 O  O   . HOH C 2 .  ? -3.797  -0.965  12.713  1.00   22.02 ? 2006 HOH A O   1 
HETATM 1325 O  O   . HOH C 2 .  ? -7.257  -10.566 4.987   1.00   17.88 ? 2007 HOH A O   1 
HETATM 1326 O  O   . HOH C 2 .  ? -8.414  -18.055 2.644   1.00   18.69 ? 2008 HOH A O   1 
HETATM 1327 O  O   . HOH C 2 .  ? -1.954  -9.406  -0.765  1.00   28.94 ? 2009 HOH A O   1 
HETATM 1328 O  O   . HOH C 2 .  ? -4.761  -14.256 6.545   1.00   35.73 ? 2010 HOH A O   1 
HETATM 1329 O  O   . HOH C 2 .  ? -8.857  10.941  -24.030 1.00   32.96 ? 2011 HOH A O   1 
HETATM 1330 O  O   . HOH C 2 .  ? 4.574   -7.439  1.439   1.00   49.33 ? 2012 HOH A O   1 
HETATM 1331 O  O   . HOH C 2 .  ? 0.824   -15.754 11.037  1.00   24.71 ? 2013 HOH A O   1 
HETATM 1332 O  O   . HOH C 2 .  ? -2.153  -13.612 8.598   1.00   27.98 ? 2014 HOH A O   1 
HETATM 1333 O  O   . HOH C 2 .  ? -26.049 0.952   -16.388 1.00   48.86 ? 2015 HOH A O   1 
HETATM 1334 O  O   . HOH C 2 .  ? 3.641   -19.741 13.382  1.00   17.78 ? 2016 HOH A O   1 
HETATM 1335 O  O   . HOH C 2 .  ? 14.246  -17.113 15.653  1.00   26.39 ? 2017 HOH A O   1 
HETATM 1336 O  O   . HOH C 2 .  ? 11.897  -15.290 19.801  1.00   51.92 ? 2018 HOH A O   1 
HETATM 1337 O  O   . HOH C 2 .  ? -13.735 11.136  -5.719  1.00   22.29 ? 2019 HOH A O   1 
HETATM 1338 O  O   . HOH C 2 .  ? 12.759  -8.092  21.635  1.00   23.03 ? 2020 HOH A O   1 
HETATM 1339 O  O   . HOH C 2 .  ? 7.109   -10.524 23.552  1.00   41.93 ? 2021 HOH A O   1 
HETATM 1340 O  O   . HOH C 2 .  ? -3.980  -3.983  12.534  1.00   33.90 ? 2022 HOH A O   1 
HETATM 1341 O  O   . HOH C 2 .  ? -3.851  -12.065 13.583  1.00   39.56 ? 2023 HOH A O   1 
HETATM 1342 O  O   . HOH C 2 .  ? -8.029  -7.693  19.308  1.00   44.28 ? 2024 HOH A O   1 
HETATM 1343 O  O   . HOH C 2 .  ? -7.546  -7.910  5.133   1.00   28.12 ? 2025 HOH A O   1 
HETATM 1344 O  O   . HOH C 2 .  ? -3.199  -7.268  -0.333  1.00   19.27 ? 2026 HOH A O   1 
HETATM 1345 O  O   . HOH C 2 .  ? 0.842   -4.404  -0.323  1.00   13.43 ? 2027 HOH A O   1 
HETATM 1346 O  O   . HOH C 2 .  ? -16.282 18.633  -19.705 1.00   45.14 ? 2028 HOH A O   1 
HETATM 1347 O  O   . HOH C 2 .  ? -8.508  13.635  -23.534 1.00   26.11 ? 2029 HOH A O   1 
HETATM 1348 O  O   . HOH C 2 .  ? -12.483 18.057  -17.371 1.00   38.63 ? 2030 HOH A O   1 
HETATM 1349 O  O   . HOH C 2 .  ? -22.523 0.754   -16.066 1.00   37.42 ? 2031 HOH A O   1 
HETATM 1350 O  O   . HOH C 2 .  ? -17.211 1.425   -15.765 1.00   7.90  ? 2032 HOH A O   1 
HETATM 1351 O  O   . HOH C 2 .  ? -16.760 -2.502  -15.827 1.00   36.72 ? 2033 HOH A O   1 
HETATM 1352 O  O   . HOH C 2 .  ? -16.311 -1.823  -19.697 1.00   26.96 ? 2034 HOH A O   1 
HETATM 1353 O  O   . HOH C 2 .  ? -9.876  -7.110  -22.830 1.00   35.18 ? 2035 HOH A O   1 
HETATM 1354 O  O   . HOH C 2 .  ? -8.467  -8.719  -18.007 1.00   41.06 ? 2036 HOH A O   1 
HETATM 1355 O  O   . HOH C 2 .  ? -10.163 -7.737  -20.367 1.00   23.87 ? 2037 HOH A O   1 
HETATM 1356 O  O   . HOH C 2 .  ? -2.867  -6.670  -6.830  1.00   37.20 ? 2038 HOH A O   1 
HETATM 1357 O  O   . HOH C 2 .  ? -14.699 -5.466  -4.386  1.00   23.53 ? 2039 HOH A O   1 
HETATM 1358 O  O   . HOH C 2 .  ? -15.009 -8.002  3.616   1.00   17.88 ? 2040 HOH A O   1 
HETATM 1359 O  O   . HOH C 2 .  ? -16.765 -4.927  2.932   1.00   37.30 ? 2041 HOH A O   1 
HETATM 1360 O  O   . HOH C 2 .  ? -16.998 -7.388  1.430   1.00   28.57 ? 2042 HOH A O   1 
HETATM 1361 O  O   . HOH C 2 .  ? -15.018 -2.396  -3.233  1.00   31.86 ? 2043 HOH A O   1 
HETATM 1362 O  O   . HOH C 2 .  ? -9.529  -0.563  1.498   1.00   21.46 ? 2044 HOH A O   1 
HETATM 1363 O  O   . HOH C 2 .  ? -13.840 9.220   -4.009  1.00   19.09 ? 2045 HOH A O   1 
HETATM 1364 O  O   . HOH C 2 .  ? -14.963 4.313   -4.627  1.00   21.43 ? 2046 HOH A O   1 
HETATM 1365 O  O   . HOH C 2 .  ? -14.712 6.410   -7.871  1.00   23.38 ? 2047 HOH A O   1 
HETATM 1366 O  O   . HOH C 2 .  ? -13.413 14.262  -5.714  1.00   14.45 ? 2048 HOH A O   1 
HETATM 1367 O  O   . HOH C 2 .  ? -2.058  20.514  -14.314 1.00   26.98 ? 2049 HOH A O   1 
HETATM 1368 O  O   . HOH D 2 .  ? 2.117   8.087   2.937   1.00   45.31 ? 2001 HOH B O   1 
HETATM 1369 O  O   . HOH D 2 .  ? 18.881  7.083   -2.368  1.00   23.76 ? 2002 HOH B O   1 
HETATM 1370 O  O   . HOH D 2 .  ? 12.579  9.788   -3.498  1.00   19.63 ? 2003 HOH B O   1 
HETATM 1371 O  O   . HOH D 2 .  ? 15.233  9.500   -4.943  1.00   9.51  ? 2004 HOH B O   1 
HETATM 1372 O  O   . HOH D 2 .  ? 16.486  3.518   -12.109 1.00   4.70  ? 2005 HOH B O   1 
HETATM 1373 O  O   . HOH D 2 .  ? 9.366   3.015   -12.847 1.00   29.14 ? 2006 HOH B O   1 
HETATM 1374 O  O   . HOH D 2 .  ? 8.811   -4.710  -7.026  1.00   28.79 ? 2007 HOH B O   1 
HETATM 1375 O  O   . HOH D 2 .  ? 6.075   -6.996  -11.280 1.00   35.57 ? 2008 HOH B O   1 
HETATM 1376 O  O   . HOH D 2 .  ? 6.419   1.322   -18.734 1.00   33.10 ? 2009 HOH B O   1 
HETATM 1377 O  O   . HOH D 2 .  ? 6.080   3.229   -13.734 1.00   30.41 ? 2010 HOH B O   1 
HETATM 1378 O  O   . HOH D 2 .  ? 6.182   -5.550  -25.886 1.00   39.61 ? 2011 HOH B O   1 
HETATM 1379 O  O   . HOH D 2 .  ? 3.324   -5.841  -27.520 1.00   21.26 ? 2012 HOH B O   1 
HETATM 1380 O  O   . HOH D 2 .  ? 12.165  7.502   8.300   1.00   28.34 ? 2013 HOH B O   1 
HETATM 1381 O  O   . HOH D 2 .  ? -6.535  -0.903  -28.363 1.00   40.03 ? 2014 HOH B O   1 
HETATM 1382 O  O   . HOH D 2 .  ? -3.181  9.985   -19.406 1.00   19.07 ? 2015 HOH B O   1 
HETATM 1383 O  O   . HOH D 2 .  ? 8.150   4.051   -8.295  1.00   40.38 ? 2016 HOH B O   1 
HETATM 1384 O  O   . HOH D 2 .  ? 0.996   -1.766  -4.451  1.00   27.11 ? 2017 HOH B O   1 
HETATM 1385 O  O   . HOH D 2 .  ? -2.335  -2.190  5.458   1.00   17.86 ? 2018 HOH B O   1 
HETATM 1386 O  O   . HOH D 2 .  ? -0.004  -4.566  27.144  1.00   31.28 ? 2019 HOH B O   1 
HETATM 1387 O  O   . HOH D 2 .  ? 6.553   8.390   15.880  1.00   21.75 ? 2020 HOH B O   1 
HETATM 1388 O  O   . HOH D 2 .  ? 8.851   3.526   14.113  1.00   26.81 ? 2021 HOH B O   1 
HETATM 1389 O  O   . HOH D 2 .  ? 16.009  3.223   20.630  1.00   23.91 ? 2022 HOH B O   1 
HETATM 1390 O  O   . HOH D 2 .  ? 16.803  0.741   14.212  1.00   29.56 ? 2023 HOH B O   1 
HETATM 1391 O  O   . HOH D 2 .  ? 17.451  -8.371  10.705  1.00   36.49 ? 2024 HOH B O   1 
HETATM 1392 O  O   . HOH D 2 .  ? 16.990  -8.009  15.537  1.00   21.36 ? 2025 HOH B O   1 
HETATM 1393 O  O   . HOH D 2 .  ? 11.607  -9.773  3.774   1.00   38.59 ? 2026 HOH B O   1 
HETATM 1394 O  O   . HOH D 2 .  ? 21.186  -2.492  -0.248  1.00   25.75 ? 2027 HOH B O   1 
HETATM 1395 O  O   . HOH D 2 .  ? 21.069  2.623   3.851   1.00   35.53 ? 2028 HOH B O   1 
HETATM 1396 O  O   . HOH D 2 .  ? 9.309   7.552   -2.267  1.00   25.35 ? 2029 HOH B O   1 
HETATM 1397 O  O   . HOH D 2 .  ? 9.601   9.809   7.106   1.00   21.62 ? 2030 HOH B O   1 
HETATM 1398 O  O   . HOH D 2 .  ? 6.630   8.260   1.499   1.00   24.91 ? 2031 HOH B O   1 
HETATM 1399 O  O   . HOH D 2 .  ? -0.376  9.082   9.904   1.00   31.22 ? 2032 HOH B O   1 
HETATM 1400 O  O   . HOH D 2 .  ? -1.088  3.828   25.427  1.00   53.21 ? 2033 HOH B O   1 
HETATM 1401 O  O   . HOH D 2 .  ? -3.854  2.833   25.044  1.00   33.76 ? 2034 HOH B O   1 
# 
